data_4NNG
# 
_entry.id   4NNG 
# 
_audit_conform.dict_name       mmcif_pdbx.dic 
_audit_conform.dict_version    5.388 
_audit_conform.dict_location   http://mmcif.pdb.org/dictionaries/ascii/mmcif_pdbx.dic 
# 
loop_
_database_2.database_id 
_database_2.database_code 
_database_2.pdbx_database_accession 
_database_2.pdbx_DOI 
PDB   4NNG         pdb_00004nng 10.2210/pdb4nng/pdb 
RCSB  RCSB083421   ?            ?                   
WWPDB D_1000083421 ?            ?                   
# 
loop_
_pdbx_audit_revision_history.ordinal 
_pdbx_audit_revision_history.data_content_type 
_pdbx_audit_revision_history.major_revision 
_pdbx_audit_revision_history.minor_revision 
_pdbx_audit_revision_history.revision_date 
1 'Structure model' 1 0 2014-12-24 
2 'Structure model' 1 1 2015-09-09 
3 'Structure model' 1 2 2017-11-22 
4 'Structure model' 1 3 2024-03-20 
# 
_pdbx_audit_revision_details.ordinal             1 
_pdbx_audit_revision_details.revision_ordinal    1 
_pdbx_audit_revision_details.data_content_type   'Structure model' 
_pdbx_audit_revision_details.provider            repository 
_pdbx_audit_revision_details.type                'Initial release' 
_pdbx_audit_revision_details.description         ? 
_pdbx_audit_revision_details.details             ? 
# 
loop_
_pdbx_audit_revision_group.ordinal 
_pdbx_audit_revision_group.revision_ordinal 
_pdbx_audit_revision_group.data_content_type 
_pdbx_audit_revision_group.group 
1 2 'Structure model' 'Database references'    
2 3 'Structure model' 'Refinement description' 
3 4 'Structure model' 'Data collection'        
4 4 'Structure model' 'Database references'    
# 
loop_
_pdbx_audit_revision_category.ordinal 
_pdbx_audit_revision_category.revision_ordinal 
_pdbx_audit_revision_category.data_content_type 
_pdbx_audit_revision_category.category 
1 3 'Structure model' software           
2 4 'Structure model' chem_comp_atom     
3 4 'Structure model' chem_comp_bond     
4 4 'Structure model' database_2         
5 4 'Structure model' struct_ref_seq_dif 
# 
loop_
_pdbx_audit_revision_item.ordinal 
_pdbx_audit_revision_item.revision_ordinal 
_pdbx_audit_revision_item.data_content_type 
_pdbx_audit_revision_item.item 
1 3 'Structure model' '_software.name'                      
2 4 'Structure model' '_database_2.pdbx_DOI'                
3 4 'Structure model' '_database_2.pdbx_database_accession' 
4 4 'Structure model' '_struct_ref_seq_dif.details'         
# 
_pdbx_database_status.entry_id                        4NNG 
_pdbx_database_status.status_code                     REL 
_pdbx_database_status.methods_development_category    ? 
_pdbx_database_status.deposit_site                    RCSB 
_pdbx_database_status.process_site                    PDBJ 
_pdbx_database_status.recvd_initial_deposition_date   2013-11-18 
_pdbx_database_status.status_code_sf                  REL 
_pdbx_database_status.status_code_mr                  ? 
_pdbx_database_status.SG_entry                        ? 
_pdbx_database_status.status_code_cs                  ? 
_pdbx_database_status.pdb_format_compatible           Y 
_pdbx_database_status.status_code_nmr_data            ? 
# 
loop_
_pdbx_database_related.db_name 
_pdbx_database_related.db_id 
_pdbx_database_related.details 
_pdbx_database_related.content_type 
PDB 4NNH . unspecified 
PDB 4NNI . unspecified 
PDB 4NNK . unspecified 
# 
loop_
_audit_author.name 
_audit_author.pdbx_ordinal 
'Yang, J.' 1 
'Liu, Y.'  2 
'Cai, Q.'  3 
'Lin, D.'  4 
# 
_citation.id                        primary 
_citation.title                     
'Structural basis for targeting the ribosomal protein S1 of Mycobacterium tuberculosis by pyrazinamide.' 
_citation.journal_abbrev            Mol.Microbiol. 
_citation.journal_volume            95 
_citation.page_first                791 
_citation.page_last                 803 
_citation.year                      2015 
_citation.journal_id_ASTM           MOMIEE 
_citation.country                   UK 
_citation.journal_id_ISSN           0950-382X 
_citation.journal_id_CSD            2007 
_citation.book_publisher            ? 
_citation.pdbx_database_id_PubMed   25430994 
_citation.pdbx_database_id_DOI      10.1111/mmi.12892 
# 
loop_
_citation_author.citation_id 
_citation_author.name 
_citation_author.ordinal 
_citation_author.identifier_ORCID 
primary 'Yang, J.'  1  ? 
primary 'Liu, Y.'   2  ? 
primary 'Bi, J.'    3  ? 
primary 'Cai, Q.'   4  ? 
primary 'Liao, X.'  5  ? 
primary 'Li, W.'    6  ? 
primary 'Guo, C.'   7  ? 
primary 'Zhang, Q.' 8  ? 
primary 'Lin, T.'   9  ? 
primary 'Zhao, Y.'  10 ? 
primary 'Wang, H.'  11 ? 
primary 'Liu, J.'   12 ? 
primary 'Zhang, X.' 13 ? 
primary 'Lin, D.'   14 ? 
# 
loop_
_entity.id 
_entity.type 
_entity.src_method 
_entity.pdbx_description 
_entity.formula_weight 
_entity.pdbx_number_of_molecules 
_entity.pdbx_ec 
_entity.pdbx_mutation 
_entity.pdbx_fragment 
_entity.details 
1 polymer man '30S ribosomal protein S1' 18344.479 1   ? P298A 'UNP RESIDUES 285-435' ? 
2 water   nat water                      18.015    116 ? ?     ?                      ? 
# 
_entity_poly.entity_id                      1 
_entity_poly.type                           'polypeptide(L)' 
_entity_poly.nstd_linkage                   no 
_entity_poly.nstd_monomer                   no 
_entity_poly.pdbx_seq_one_letter_code       
;NLYFQHMRHFARTHAIGQIVAGKVTKLVPFGAFVRVEEGIEGLVHISELAERHVEVPDQVVAVGDDAMVKVIDIDLERRR
ISLSLKQANEDYTEEFDPAKYGMADSYDEQGNYIFPEGFDAETNEWLEGFEKQRAEWEARYAEAERRHKMHTAQMEKF
;
_entity_poly.pdbx_seq_one_letter_code_can   
;NLYFQHMRHFARTHAIGQIVAGKVTKLVPFGAFVRVEEGIEGLVHISELAERHVEVPDQVVAVGDDAMVKVIDIDLERRR
ISLSLKQANEDYTEEFDPAKYGMADSYDEQGNYIFPEGFDAETNEWLEGFEKQRAEWEARYAEAERRHKMHTAQMEKF
;
_entity_poly.pdbx_strand_id                 A 
_entity_poly.pdbx_target_identifier         ? 
# 
_pdbx_entity_nonpoly.entity_id   2 
_pdbx_entity_nonpoly.name        water 
_pdbx_entity_nonpoly.comp_id     HOH 
# 
loop_
_entity_poly_seq.entity_id 
_entity_poly_seq.num 
_entity_poly_seq.mon_id 
_entity_poly_seq.hetero 
1 1   ASN n 
1 2   LEU n 
1 3   TYR n 
1 4   PHE n 
1 5   GLN n 
1 6   HIS n 
1 7   MET n 
1 8   ARG n 
1 9   HIS n 
1 10  PHE n 
1 11  ALA n 
1 12  ARG n 
1 13  THR n 
1 14  HIS n 
1 15  ALA n 
1 16  ILE n 
1 17  GLY n 
1 18  GLN n 
1 19  ILE n 
1 20  VAL n 
1 21  ALA n 
1 22  GLY n 
1 23  LYS n 
1 24  VAL n 
1 25  THR n 
1 26  LYS n 
1 27  LEU n 
1 28  VAL n 
1 29  PRO n 
1 30  PHE n 
1 31  GLY n 
1 32  ALA n 
1 33  PHE n 
1 34  VAL n 
1 35  ARG n 
1 36  VAL n 
1 37  GLU n 
1 38  GLU n 
1 39  GLY n 
1 40  ILE n 
1 41  GLU n 
1 42  GLY n 
1 43  LEU n 
1 44  VAL n 
1 45  HIS n 
1 46  ILE n 
1 47  SER n 
1 48  GLU n 
1 49  LEU n 
1 50  ALA n 
1 51  GLU n 
1 52  ARG n 
1 53  HIS n 
1 54  VAL n 
1 55  GLU n 
1 56  VAL n 
1 57  PRO n 
1 58  ASP n 
1 59  GLN n 
1 60  VAL n 
1 61  VAL n 
1 62  ALA n 
1 63  VAL n 
1 64  GLY n 
1 65  ASP n 
1 66  ASP n 
1 67  ALA n 
1 68  MET n 
1 69  VAL n 
1 70  LYS n 
1 71  VAL n 
1 72  ILE n 
1 73  ASP n 
1 74  ILE n 
1 75  ASP n 
1 76  LEU n 
1 77  GLU n 
1 78  ARG n 
1 79  ARG n 
1 80  ARG n 
1 81  ILE n 
1 82  SER n 
1 83  LEU n 
1 84  SER n 
1 85  LEU n 
1 86  LYS n 
1 87  GLN n 
1 88  ALA n 
1 89  ASN n 
1 90  GLU n 
1 91  ASP n 
1 92  TYR n 
1 93  THR n 
1 94  GLU n 
1 95  GLU n 
1 96  PHE n 
1 97  ASP n 
1 98  PRO n 
1 99  ALA n 
1 100 LYS n 
1 101 TYR n 
1 102 GLY n 
1 103 MET n 
1 104 ALA n 
1 105 ASP n 
1 106 SER n 
1 107 TYR n 
1 108 ASP n 
1 109 GLU n 
1 110 GLN n 
1 111 GLY n 
1 112 ASN n 
1 113 TYR n 
1 114 ILE n 
1 115 PHE n 
1 116 PRO n 
1 117 GLU n 
1 118 GLY n 
1 119 PHE n 
1 120 ASP n 
1 121 ALA n 
1 122 GLU n 
1 123 THR n 
1 124 ASN n 
1 125 GLU n 
1 126 TRP n 
1 127 LEU n 
1 128 GLU n 
1 129 GLY n 
1 130 PHE n 
1 131 GLU n 
1 132 LYS n 
1 133 GLN n 
1 134 ARG n 
1 135 ALA n 
1 136 GLU n 
1 137 TRP n 
1 138 GLU n 
1 139 ALA n 
1 140 ARG n 
1 141 TYR n 
1 142 ALA n 
1 143 GLU n 
1 144 ALA n 
1 145 GLU n 
1 146 ARG n 
1 147 ARG n 
1 148 HIS n 
1 149 LYS n 
1 150 MET n 
1 151 HIS n 
1 152 THR n 
1 153 ALA n 
1 154 GLN n 
1 155 MET n 
1 156 GLU n 
1 157 LYS n 
1 158 PHE n 
# 
_entity_src_gen.entity_id                          1 
_entity_src_gen.pdbx_src_id                        1 
_entity_src_gen.pdbx_alt_source_flag               sample 
_entity_src_gen.pdbx_seq_type                      ? 
_entity_src_gen.pdbx_beg_seq_num                   ? 
_entity_src_gen.pdbx_end_seq_num                   ? 
_entity_src_gen.gene_src_common_name               ? 
_entity_src_gen.gene_src_genus                     ? 
_entity_src_gen.pdbx_gene_src_gene                 'MT1666, MTCY01B2.22, rpsA, Rv1630' 
_entity_src_gen.gene_src_species                   ? 
_entity_src_gen.gene_src_strain                    'ATCC 25618 / H37Rv' 
_entity_src_gen.gene_src_tissue                    ? 
_entity_src_gen.gene_src_tissue_fraction           ? 
_entity_src_gen.gene_src_details                   ? 
_entity_src_gen.pdbx_gene_src_fragment             ? 
_entity_src_gen.pdbx_gene_src_scientific_name      'Mycobacterium tuberculosis' 
_entity_src_gen.pdbx_gene_src_ncbi_taxonomy_id     83332 
_entity_src_gen.pdbx_gene_src_variant              ? 
_entity_src_gen.pdbx_gene_src_cell_line            ? 
_entity_src_gen.pdbx_gene_src_atcc                 ? 
_entity_src_gen.pdbx_gene_src_organ                ? 
_entity_src_gen.pdbx_gene_src_organelle            ? 
_entity_src_gen.pdbx_gene_src_cell                 ? 
_entity_src_gen.pdbx_gene_src_cellular_location    ? 
_entity_src_gen.host_org_common_name               ? 
_entity_src_gen.pdbx_host_org_scientific_name      'Escherichia coli' 
_entity_src_gen.pdbx_host_org_ncbi_taxonomy_id     562 
_entity_src_gen.host_org_genus                     ? 
_entity_src_gen.pdbx_host_org_gene                 ? 
_entity_src_gen.pdbx_host_org_organ                ? 
_entity_src_gen.host_org_species                   ? 
_entity_src_gen.pdbx_host_org_tissue               ? 
_entity_src_gen.pdbx_host_org_tissue_fraction      ? 
_entity_src_gen.pdbx_host_org_strain               'BL21(DE3)' 
_entity_src_gen.pdbx_host_org_variant              ? 
_entity_src_gen.pdbx_host_org_cell_line            ? 
_entity_src_gen.pdbx_host_org_atcc                 ? 
_entity_src_gen.pdbx_host_org_culture_collection   ? 
_entity_src_gen.pdbx_host_org_cell                 ? 
_entity_src_gen.pdbx_host_org_organelle            ? 
_entity_src_gen.pdbx_host_org_cellular_location    ? 
_entity_src_gen.pdbx_host_org_vector_type          plasmid 
_entity_src_gen.pdbx_host_org_vector               ? 
_entity_src_gen.host_org_details                   ? 
_entity_src_gen.expression_system_id               ? 
_entity_src_gen.plasmid_name                       pET-28a 
_entity_src_gen.plasmid_details                    ? 
_entity_src_gen.pdbx_description                   ? 
# 
loop_
_chem_comp.id 
_chem_comp.type 
_chem_comp.mon_nstd_flag 
_chem_comp.name 
_chem_comp.pdbx_synonyms 
_chem_comp.formula 
_chem_comp.formula_weight 
ALA 'L-peptide linking' y ALANINE         ? 'C3 H7 N O2'     89.093  
ARG 'L-peptide linking' y ARGININE        ? 'C6 H15 N4 O2 1' 175.209 
ASN 'L-peptide linking' y ASPARAGINE      ? 'C4 H8 N2 O3'    132.118 
ASP 'L-peptide linking' y 'ASPARTIC ACID' ? 'C4 H7 N O4'     133.103 
GLN 'L-peptide linking' y GLUTAMINE       ? 'C5 H10 N2 O3'   146.144 
GLU 'L-peptide linking' y 'GLUTAMIC ACID' ? 'C5 H9 N O4'     147.129 
GLY 'peptide linking'   y GLYCINE         ? 'C2 H5 N O2'     75.067  
HIS 'L-peptide linking' y HISTIDINE       ? 'C6 H10 N3 O2 1' 156.162 
HOH non-polymer         . WATER           ? 'H2 O'           18.015  
ILE 'L-peptide linking' y ISOLEUCINE      ? 'C6 H13 N O2'    131.173 
LEU 'L-peptide linking' y LEUCINE         ? 'C6 H13 N O2'    131.173 
LYS 'L-peptide linking' y LYSINE          ? 'C6 H15 N2 O2 1' 147.195 
MET 'L-peptide linking' y METHIONINE      ? 'C5 H11 N O2 S'  149.211 
PHE 'L-peptide linking' y PHENYLALANINE   ? 'C9 H11 N O2'    165.189 
PRO 'L-peptide linking' y PROLINE         ? 'C5 H9 N O2'     115.130 
SER 'L-peptide linking' y SERINE          ? 'C3 H7 N O3'     105.093 
THR 'L-peptide linking' y THREONINE       ? 'C4 H9 N O3'     119.119 
TRP 'L-peptide linking' y TRYPTOPHAN      ? 'C11 H12 N2 O2'  204.225 
TYR 'L-peptide linking' y TYROSINE        ? 'C9 H11 N O3'    181.189 
VAL 'L-peptide linking' y VALINE          ? 'C5 H11 N O2'    117.146 
# 
loop_
_pdbx_poly_seq_scheme.asym_id 
_pdbx_poly_seq_scheme.entity_id 
_pdbx_poly_seq_scheme.seq_id 
_pdbx_poly_seq_scheme.mon_id 
_pdbx_poly_seq_scheme.ndb_seq_num 
_pdbx_poly_seq_scheme.pdb_seq_num 
_pdbx_poly_seq_scheme.auth_seq_num 
_pdbx_poly_seq_scheme.pdb_mon_id 
_pdbx_poly_seq_scheme.auth_mon_id 
_pdbx_poly_seq_scheme.pdb_strand_id 
_pdbx_poly_seq_scheme.pdb_ins_code 
_pdbx_poly_seq_scheme.hetero 
A 1 1   ASN 1   278 278 ASN ASN A . n 
A 1 2   LEU 2   279 279 LEU LEU A . n 
A 1 3   TYR 3   280 280 TYR TYR A . n 
A 1 4   PHE 4   281 281 PHE PHE A . n 
A 1 5   GLN 5   282 282 GLN GLN A . n 
A 1 6   HIS 6   283 283 HIS HIS A . n 
A 1 7   MET 7   284 284 MET MET A . n 
A 1 8   ARG 8   285 285 ARG ARG A . n 
A 1 9   HIS 9   286 286 HIS HIS A . n 
A 1 10  PHE 10  287 287 PHE PHE A . n 
A 1 11  ALA 11  288 288 ALA ALA A . n 
A 1 12  ARG 12  289 289 ARG ARG A . n 
A 1 13  THR 13  290 290 THR THR A . n 
A 1 14  HIS 14  291 291 HIS HIS A . n 
A 1 15  ALA 15  292 292 ALA ALA A . n 
A 1 16  ILE 16  293 293 ILE ILE A . n 
A 1 17  GLY 17  294 294 GLY GLY A . n 
A 1 18  GLN 18  295 295 GLN GLN A . n 
A 1 19  ILE 19  296 296 ILE ILE A . n 
A 1 20  VAL 20  297 297 VAL VAL A . n 
A 1 21  ALA 21  298 298 ALA ALA A . n 
A 1 22  GLY 22  299 299 GLY GLY A . n 
A 1 23  LYS 23  300 300 LYS LYS A . n 
A 1 24  VAL 24  301 301 VAL VAL A . n 
A 1 25  THR 25  302 302 THR THR A . n 
A 1 26  LYS 26  303 303 LYS LYS A . n 
A 1 27  LEU 27  304 304 LEU LEU A . n 
A 1 28  VAL 28  305 305 VAL VAL A . n 
A 1 29  PRO 29  306 306 PRO PRO A . n 
A 1 30  PHE 30  307 307 PHE PHE A . n 
A 1 31  GLY 31  308 308 GLY GLY A . n 
A 1 32  ALA 32  309 309 ALA ALA A . n 
A 1 33  PHE 33  310 310 PHE PHE A . n 
A 1 34  VAL 34  311 311 VAL VAL A . n 
A 1 35  ARG 35  312 312 ARG ARG A . n 
A 1 36  VAL 36  313 313 VAL VAL A . n 
A 1 37  GLU 37  314 314 GLU GLU A . n 
A 1 38  GLU 38  315 315 GLU GLU A . n 
A 1 39  GLY 39  316 316 GLY GLY A . n 
A 1 40  ILE 40  317 317 ILE ILE A . n 
A 1 41  GLU 41  318 318 GLU GLU A . n 
A 1 42  GLY 42  319 319 GLY GLY A . n 
A 1 43  LEU 43  320 320 LEU LEU A . n 
A 1 44  VAL 44  321 321 VAL VAL A . n 
A 1 45  HIS 45  322 322 HIS HIS A . n 
A 1 46  ILE 46  323 323 ILE ILE A . n 
A 1 47  SER 47  324 324 SER SER A . n 
A 1 48  GLU 48  325 325 GLU GLU A . n 
A 1 49  LEU 49  326 326 LEU LEU A . n 
A 1 50  ALA 50  327 327 ALA ALA A . n 
A 1 51  GLU 51  328 328 GLU GLU A . n 
A 1 52  ARG 52  329 329 ARG ARG A . n 
A 1 53  HIS 53  330 330 HIS HIS A . n 
A 1 54  VAL 54  331 331 VAL VAL A . n 
A 1 55  GLU 55  332 332 GLU GLU A . n 
A 1 56  VAL 56  333 333 VAL VAL A . n 
A 1 57  PRO 57  334 334 PRO PRO A . n 
A 1 58  ASP 58  335 335 ASP ASP A . n 
A 1 59  GLN 59  336 336 GLN GLN A . n 
A 1 60  VAL 60  337 337 VAL VAL A . n 
A 1 61  VAL 61  338 338 VAL VAL A . n 
A 1 62  ALA 62  339 339 ALA ALA A . n 
A 1 63  VAL 63  340 340 VAL VAL A . n 
A 1 64  GLY 64  341 341 GLY GLY A . n 
A 1 65  ASP 65  342 342 ASP ASP A . n 
A 1 66  ASP 66  343 343 ASP ASP A . n 
A 1 67  ALA 67  344 344 ALA ALA A . n 
A 1 68  MET 68  345 345 MET MET A . n 
A 1 69  VAL 69  346 346 VAL VAL A . n 
A 1 70  LYS 70  347 347 LYS LYS A . n 
A 1 71  VAL 71  348 348 VAL VAL A . n 
A 1 72  ILE 72  349 349 ILE ILE A . n 
A 1 73  ASP 73  350 350 ASP ASP A . n 
A 1 74  ILE 74  351 351 ILE ILE A . n 
A 1 75  ASP 75  352 352 ASP ASP A . n 
A 1 76  LEU 76  353 353 LEU LEU A . n 
A 1 77  GLU 77  354 354 GLU GLU A . n 
A 1 78  ARG 78  355 355 ARG ARG A . n 
A 1 79  ARG 79  356 356 ARG ARG A . n 
A 1 80  ARG 80  357 357 ARG ARG A . n 
A 1 81  ILE 81  358 358 ILE ILE A . n 
A 1 82  SER 82  359 359 SER SER A . n 
A 1 83  LEU 83  360 360 LEU LEU A . n 
A 1 84  SER 84  361 361 SER SER A . n 
A 1 85  LEU 85  362 362 LEU LEU A . n 
A 1 86  LYS 86  363 363 LYS LYS A . n 
A 1 87  GLN 87  364 364 GLN GLN A . n 
A 1 88  ALA 88  365 365 ALA ALA A . n 
A 1 89  ASN 89  366 366 ASN ASN A . n 
A 1 90  GLU 90  367 367 GLU GLU A . n 
A 1 91  ASP 91  368 368 ASP ASP A . n 
A 1 92  TYR 92  369 369 TYR TYR A . n 
A 1 93  THR 93  370 370 THR THR A . n 
A 1 94  GLU 94  371 371 GLU GLU A . n 
A 1 95  GLU 95  372 372 GLU GLU A . n 
A 1 96  PHE 96  373 373 PHE PHE A . n 
A 1 97  ASP 97  374 374 ASP ASP A . n 
A 1 98  PRO 98  375 375 PRO PRO A . n 
A 1 99  ALA 99  376 376 ALA ALA A . n 
A 1 100 LYS 100 377 377 LYS LYS A . n 
A 1 101 TYR 101 378 378 TYR TYR A . n 
A 1 102 GLY 102 379 379 GLY GLY A . n 
A 1 103 MET 103 380 380 MET MET A . n 
A 1 104 ALA 104 381 381 ALA ALA A . n 
A 1 105 ASP 105 382 382 ASP ASP A . n 
A 1 106 SER 106 383 383 SER SER A . n 
A 1 107 TYR 107 384 384 TYR TYR A . n 
A 1 108 ASP 108 385 385 ASP ASP A . n 
A 1 109 GLU 109 386 386 GLU GLU A . n 
A 1 110 GLN 110 387 387 GLN GLN A . n 
A 1 111 GLY 111 388 388 GLY GLY A . n 
A 1 112 ASN 112 389 389 ASN ASN A . n 
A 1 113 TYR 113 390 390 TYR TYR A . n 
A 1 114 ILE 114 391 391 ILE ILE A . n 
A 1 115 PHE 115 392 392 PHE PHE A . n 
A 1 116 PRO 116 393 393 PRO PRO A . n 
A 1 117 GLU 117 394 394 GLU GLU A . n 
A 1 118 GLY 118 395 395 GLY GLY A . n 
A 1 119 PHE 119 396 396 PHE PHE A . n 
A 1 120 ASP 120 397 397 ASP ASP A . n 
A 1 121 ALA 121 398 398 ALA ALA A . n 
A 1 122 GLU 122 399 399 GLU GLU A . n 
A 1 123 THR 123 400 400 THR THR A . n 
A 1 124 ASN 124 401 401 ASN ASN A . n 
A 1 125 GLU 125 402 402 GLU GLU A . n 
A 1 126 TRP 126 403 403 TRP TRP A . n 
A 1 127 LEU 127 404 404 LEU LEU A . n 
A 1 128 GLU 128 405 405 GLU GLU A . n 
A 1 129 GLY 129 406 406 GLY GLY A . n 
A 1 130 PHE 130 407 407 PHE PHE A . n 
A 1 131 GLU 131 408 408 GLU GLU A . n 
A 1 132 LYS 132 409 409 LYS LYS A . n 
A 1 133 GLN 133 410 410 GLN GLN A . n 
A 1 134 ARG 134 411 411 ARG ARG A . n 
A 1 135 ALA 135 412 412 ALA ALA A . n 
A 1 136 GLU 136 413 413 GLU GLU A . n 
A 1 137 TRP 137 414 414 TRP TRP A . n 
A 1 138 GLU 138 415 415 GLU GLU A . n 
A 1 139 ALA 139 416 416 ALA ALA A . n 
A 1 140 ARG 140 417 417 ARG ARG A . n 
A 1 141 TYR 141 418 418 TYR TYR A . n 
A 1 142 ALA 142 419 419 ALA ALA A . n 
A 1 143 GLU 143 420 420 GLU GLU A . n 
A 1 144 ALA 144 421 421 ALA ALA A . n 
A 1 145 GLU 145 422 422 GLU GLU A . n 
A 1 146 ARG 146 423 423 ARG ARG A . n 
A 1 147 ARG 147 424 424 ARG ARG A . n 
A 1 148 HIS 148 425 425 HIS HIS A . n 
A 1 149 LYS 149 426 426 LYS LYS A . n 
A 1 150 MET 150 427 427 MET MET A . n 
A 1 151 HIS 151 428 428 HIS HIS A . n 
A 1 152 THR 152 429 429 THR THR A . n 
A 1 153 ALA 153 430 430 ALA ALA A . n 
A 1 154 GLN 154 431 431 GLN GLN A . n 
A 1 155 MET 155 432 432 MET MET A . n 
A 1 156 GLU 156 433 433 GLU GLU A . n 
A 1 157 LYS 157 434 434 LYS LYS A . n 
A 1 158 PHE 158 435 ?   ?   ?   A . n 
# 
loop_
_pdbx_nonpoly_scheme.asym_id 
_pdbx_nonpoly_scheme.entity_id 
_pdbx_nonpoly_scheme.mon_id 
_pdbx_nonpoly_scheme.ndb_seq_num 
_pdbx_nonpoly_scheme.pdb_seq_num 
_pdbx_nonpoly_scheme.auth_seq_num 
_pdbx_nonpoly_scheme.pdb_mon_id 
_pdbx_nonpoly_scheme.auth_mon_id 
_pdbx_nonpoly_scheme.pdb_strand_id 
_pdbx_nonpoly_scheme.pdb_ins_code 
B 2 HOH 1   501 1   HOH HOH A . 
B 2 HOH 2   502 2   HOH HOH A . 
B 2 HOH 3   503 3   HOH HOH A . 
B 2 HOH 4   504 4   HOH HOH A . 
B 2 HOH 5   505 5   HOH HOH A . 
B 2 HOH 6   506 6   HOH HOH A . 
B 2 HOH 7   507 7   HOH HOH A . 
B 2 HOH 8   508 8   HOH HOH A . 
B 2 HOH 9   509 9   HOH HOH A . 
B 2 HOH 10  510 10  HOH HOH A . 
B 2 HOH 11  511 11  HOH HOH A . 
B 2 HOH 12  512 12  HOH HOH A . 
B 2 HOH 13  513 13  HOH HOH A . 
B 2 HOH 14  514 14  HOH HOH A . 
B 2 HOH 15  515 15  HOH HOH A . 
B 2 HOH 16  516 16  HOH HOH A . 
B 2 HOH 17  517 17  HOH HOH A . 
B 2 HOH 18  518 18  HOH HOH A . 
B 2 HOH 19  519 19  HOH HOH A . 
B 2 HOH 20  520 20  HOH HOH A . 
B 2 HOH 21  521 21  HOH HOH A . 
B 2 HOH 22  522 22  HOH HOH A . 
B 2 HOH 23  523 23  HOH HOH A . 
B 2 HOH 24  524 24  HOH HOH A . 
B 2 HOH 25  525 25  HOH HOH A . 
B 2 HOH 26  526 26  HOH HOH A . 
B 2 HOH 27  527 27  HOH HOH A . 
B 2 HOH 28  528 28  HOH HOH A . 
B 2 HOH 29  529 29  HOH HOH A . 
B 2 HOH 30  530 30  HOH HOH A . 
B 2 HOH 31  531 31  HOH HOH A . 
B 2 HOH 32  532 32  HOH HOH A . 
B 2 HOH 33  533 33  HOH HOH A . 
B 2 HOH 34  534 34  HOH HOH A . 
B 2 HOH 35  535 35  HOH HOH A . 
B 2 HOH 36  536 36  HOH HOH A . 
B 2 HOH 37  537 37  HOH HOH A . 
B 2 HOH 38  538 38  HOH HOH A . 
B 2 HOH 39  539 39  HOH HOH A . 
B 2 HOH 40  540 40  HOH HOH A . 
B 2 HOH 41  541 41  HOH HOH A . 
B 2 HOH 42  542 42  HOH HOH A . 
B 2 HOH 43  543 43  HOH HOH A . 
B 2 HOH 44  544 44  HOH HOH A . 
B 2 HOH 45  545 45  HOH HOH A . 
B 2 HOH 46  546 46  HOH HOH A . 
B 2 HOH 47  547 47  HOH HOH A . 
B 2 HOH 48  548 48  HOH HOH A . 
B 2 HOH 49  549 49  HOH HOH A . 
B 2 HOH 50  550 50  HOH HOH A . 
B 2 HOH 51  551 51  HOH HOH A . 
B 2 HOH 52  552 52  HOH HOH A . 
B 2 HOH 53  553 53  HOH HOH A . 
B 2 HOH 54  554 54  HOH HOH A . 
B 2 HOH 55  555 55  HOH HOH A . 
B 2 HOH 56  556 56  HOH HOH A . 
B 2 HOH 57  557 57  HOH HOH A . 
B 2 HOH 58  558 58  HOH HOH A . 
B 2 HOH 59  559 59  HOH HOH A . 
B 2 HOH 60  560 60  HOH HOH A . 
B 2 HOH 61  561 61  HOH HOH A . 
B 2 HOH 62  562 62  HOH HOH A . 
B 2 HOH 63  563 63  HOH HOH A . 
B 2 HOH 64  564 64  HOH HOH A . 
B 2 HOH 65  565 65  HOH HOH A . 
B 2 HOH 66  566 66  HOH HOH A . 
B 2 HOH 67  567 67  HOH HOH A . 
B 2 HOH 68  568 68  HOH HOH A . 
B 2 HOH 69  569 69  HOH HOH A . 
B 2 HOH 70  570 70  HOH HOH A . 
B 2 HOH 71  571 71  HOH HOH A . 
B 2 HOH 72  572 72  HOH HOH A . 
B 2 HOH 73  573 73  HOH HOH A . 
B 2 HOH 74  574 74  HOH HOH A . 
B 2 HOH 75  575 75  HOH HOH A . 
B 2 HOH 76  576 76  HOH HOH A . 
B 2 HOH 77  577 77  HOH HOH A . 
B 2 HOH 78  578 78  HOH HOH A . 
B 2 HOH 79  579 79  HOH HOH A . 
B 2 HOH 80  580 80  HOH HOH A . 
B 2 HOH 81  581 81  HOH HOH A . 
B 2 HOH 82  582 82  HOH HOH A . 
B 2 HOH 83  583 83  HOH HOH A . 
B 2 HOH 84  584 84  HOH HOH A . 
B 2 HOH 85  585 85  HOH HOH A . 
B 2 HOH 86  586 86  HOH HOH A . 
B 2 HOH 87  587 87  HOH HOH A . 
B 2 HOH 88  588 88  HOH HOH A . 
B 2 HOH 89  589 89  HOH HOH A . 
B 2 HOH 90  590 90  HOH HOH A . 
B 2 HOH 91  591 91  HOH HOH A . 
B 2 HOH 92  592 92  HOH HOH A . 
B 2 HOH 93  593 93  HOH HOH A . 
B 2 HOH 94  594 94  HOH HOH A . 
B 2 HOH 95  595 95  HOH HOH A . 
B 2 HOH 96  596 96  HOH HOH A . 
B 2 HOH 97  597 97  HOH HOH A . 
B 2 HOH 98  598 98  HOH HOH A . 
B 2 HOH 99  599 99  HOH HOH A . 
B 2 HOH 100 600 100 HOH HOH A . 
B 2 HOH 101 601 101 HOH HOH A . 
B 2 HOH 102 602 102 HOH HOH A . 
B 2 HOH 103 603 103 HOH HOH A . 
B 2 HOH 104 604 104 HOH HOH A . 
B 2 HOH 105 605 105 HOH HOH A . 
B 2 HOH 106 606 106 HOH HOH A . 
B 2 HOH 107 607 107 HOH HOH A . 
B 2 HOH 108 608 108 HOH HOH A . 
B 2 HOH 109 609 109 HOH HOH A . 
B 2 HOH 110 610 110 HOH HOH A . 
B 2 HOH 111 611 111 HOH HOH A . 
B 2 HOH 112 612 112 HOH HOH A . 
B 2 HOH 113 613 113 HOH HOH A . 
B 2 HOH 114 614 114 HOH HOH A . 
B 2 HOH 115 615 115 HOH HOH A . 
B 2 HOH 116 616 116 HOH HOH A . 
# 
loop_
_software.pdbx_ordinal 
_software.name 
_software.version 
_software.date 
_software.type 
_software.contact_author 
_software.contact_author_email 
_software.classification 
_software.location 
_software.language 
_software.citation_id 
1 SCALEPACK   .     ?                                program 'Zbyszek Otwinowski' hkl@hkl-xray.com            'data scaling'    
http://www.hkl-xray.com/                     ?          ? 
2 PHASER      2.5.1 'Fri Jul 6 14:21:49 2012 (svn )' program 'Randy J. Read'      cimr-phaser@lists.cam.ac.uk phasing           
http://www-structmed.cimr.cam.ac.uk/phaser/  ?          ? 
3 REFMAC      .     ?                                program 'Garib N. Murshudov' garib@ysbl.york.ac.uk       refinement        
http://www.ccp4.ac.uk/dist/html/refmac5.html Fortran_77 ? 
4 PDB_EXTRACT 3.11  'April 22, 2011'                 package PDB                  deposit@deposit.rcsb.org    'data extraction' 
http://sw-tools.pdb.org/apps/PDB_EXTRACT/    C++        ? 
5 DENZO       .     ?                                ?       ?                    ?                           'data reduction'  ? 
?          ? 
# 
_cell.entry_id           4NNG 
_cell.length_a           52.133 
_cell.length_b           56.031 
_cell.length_c           65.342 
_cell.angle_alpha        90.00 
_cell.angle_beta         90.00 
_cell.angle_gamma        90.00 
_cell.Z_PDB              4 
_cell.pdbx_unique_axis   ? 
_cell.length_a_esd       ? 
_cell.length_b_esd       ? 
_cell.length_c_esd       ? 
_cell.angle_alpha_esd    ? 
_cell.angle_beta_esd     ? 
_cell.angle_gamma_esd    ? 
# 
_symmetry.entry_id                         4NNG 
_symmetry.space_group_name_H-M             'P 21 21 21' 
_symmetry.pdbx_full_space_group_name_H-M   ? 
_symmetry.cell_setting                     ? 
_symmetry.Int_Tables_number                19 
_symmetry.space_group_name_Hall            ? 
# 
_exptl.entry_id          4NNG 
_exptl.method            'X-RAY DIFFRACTION' 
_exptl.crystals_number   1 
# 
_exptl_crystal.id                    1 
_exptl_crystal.density_meas          ? 
_exptl_crystal.density_Matthews      2.74 
_exptl_crystal.density_percent_sol   55.06 
_exptl_crystal.description           ? 
_exptl_crystal.F_000                 ? 
_exptl_crystal.preparation           ? 
# 
_exptl_crystal_grow.crystal_id      1 
_exptl_crystal_grow.method          'hanging drop' 
_exptl_crystal_grow.temp            295 
_exptl_crystal_grow.temp_details    ? 
_exptl_crystal_grow.pH              7.5 
_exptl_crystal_grow.pdbx_pH_range   ? 
_exptl_crystal_grow.pdbx_details    'NaCl, ammonium sulfate, pH 7.5, hanging drop, temperature 295K' 
# 
_diffrn.id                     1 
_diffrn.ambient_temp           100 
_diffrn.ambient_temp_details   ? 
_diffrn.crystal_id             1 
# 
_diffrn_detector.diffrn_id              1 
_diffrn_detector.detector               CCD 
_diffrn_detector.type                   'RAYONIX MX-225' 
_diffrn_detector.pdbx_collection_date   2013-04-25 
_diffrn_detector.details                mirrors 
# 
_diffrn_radiation.diffrn_id                        1 
_diffrn_radiation.wavelength_id                    1 
_diffrn_radiation.pdbx_monochromatic_or_laue_m_l   M 
_diffrn_radiation.monochromator                    'double crystal' 
_diffrn_radiation.pdbx_diffrn_protocol             MAD 
_diffrn_radiation.pdbx_scattering_type             x-ray 
# 
_diffrn_radiation_wavelength.id           1 
_diffrn_radiation_wavelength.wavelength   0.979 
_diffrn_radiation_wavelength.wt           1.0 
# 
_diffrn_source.diffrn_id                   1 
_diffrn_source.source                      SYNCHROTRON 
_diffrn_source.type                        ? 
_diffrn_source.pdbx_synchrotron_site       ? 
_diffrn_source.pdbx_synchrotron_beamline   ? 
_diffrn_source.pdbx_wavelength             ? 
_diffrn_source.pdbx_wavelength_list        0.979 
# 
_reflns.pdbx_diffrn_id               1 
_reflns.pdbx_ordinal                 1 
_reflns.entry_id                     4NNG 
_reflns.observed_criterion_sigma_I   ? 
_reflns.observed_criterion_sigma_F   ? 
_reflns.d_resolution_low             38.20 
_reflns.d_resolution_high            2.02 
_reflns.number_obs                   ? 
_reflns.number_all                   ? 
_reflns.percent_possible_obs         ? 
_reflns.pdbx_Rmerge_I_obs            ? 
_reflns.pdbx_Rsym_value              ? 
_reflns.pdbx_netI_over_sigmaI        ? 
_reflns.B_iso_Wilson_estimate        ? 
_reflns.pdbx_redundancy              ? 
_reflns.R_free_details               ? 
_reflns.limit_h_max                  ? 
_reflns.limit_h_min                  ? 
_reflns.limit_k_max                  ? 
_reflns.limit_k_min                  ? 
_reflns.limit_l_max                  ? 
_reflns.limit_l_min                  ? 
_reflns.observed_criterion_F_max     ? 
_reflns.observed_criterion_F_min     ? 
_reflns.pdbx_chi_squared             ? 
_reflns.pdbx_scaling_rejects         ? 
# 
_refine.pdbx_refine_id                           'X-RAY DIFFRACTION' 
_refine.entry_id                                 4NNG 
_refine.pdbx_diffrn_id                           1 
_refine.pdbx_TLS_residual_ADP_flag               ? 
_refine.ls_number_reflns_obs                     12228 
_refine.ls_number_reflns_all                     ? 
_refine.pdbx_ls_sigma_I                          ? 
_refine.pdbx_ls_sigma_F                          . 
_refine.pdbx_data_cutoff_high_absF               ? 
_refine.pdbx_data_cutoff_low_absF                ? 
_refine.pdbx_data_cutoff_high_rms_absF           ? 
_refine.ls_d_res_low                             38.20 
_refine.ls_d_res_high                            2.02 
_refine.ls_percent_reflns_obs                    98.72 
_refine.ls_R_factor_obs                          0.20926 
_refine.ls_R_factor_all                          ? 
_refine.ls_R_factor_R_work                       0.20672 
_refine.ls_R_factor_R_free                       0.25956 
_refine.ls_R_factor_R_free_error                 ? 
_refine.ls_R_factor_R_free_error_details         ? 
_refine.ls_percent_reflns_R_free                 4.9 
_refine.ls_number_reflns_R_free                  624 
_refine.ls_number_parameters                     ? 
_refine.ls_number_restraints                     ? 
_refine.occupancy_min                            0.000 
_refine.occupancy_max                            1.000 
_refine.correlation_coeff_Fo_to_Fc               0.946 
_refine.correlation_coeff_Fo_to_Fc_free          0.918 
_refine.B_iso_mean                               34.632 
_refine.aniso_B[1][1]                            1.30 
_refine.aniso_B[2][2]                            0.60 
_refine.aniso_B[3][3]                            -1.90 
_refine.aniso_B[1][2]                            -0.00 
_refine.aniso_B[1][3]                            0.00 
_refine.aniso_B[2][3]                            -0.00 
_refine.solvent_model_details                    MASK 
_refine.solvent_model_param_ksol                 ? 
_refine.solvent_model_param_bsol                 ? 
_refine.pdbx_solvent_vdw_probe_radii             1.20 
_refine.pdbx_solvent_ion_probe_radii             0.80 
_refine.pdbx_solvent_shrinkage_radii             0.80 
_refine.pdbx_ls_cross_valid_method               THROUGHOUT 
_refine.details                                  'HYDROGENS HAVE BEEN ADDED IN THE RIDING POSITIONS' 
_refine.pdbx_starting_model                      ? 
_refine.pdbx_method_to_determine_struct          MAD 
_refine.pdbx_isotropic_thermal_model             ? 
_refine.pdbx_stereochemistry_target_values       'MAXIMUM LIKELIHOOD' 
_refine.pdbx_stereochem_target_val_spec_case     ? 
_refine.pdbx_R_Free_selection_details            RANDOM 
_refine.pdbx_overall_ESU_R                       0.196 
_refine.pdbx_overall_ESU_R_Free                  0.181 
_refine.overall_SU_ML                            0.131 
_refine.pdbx_overall_phase_error                 ? 
_refine.overall_SU_B                             4.658 
_refine.overall_SU_R_Cruickshank_DPI             0.2158 
_refine.pdbx_overall_SU_R_free_Cruickshank_DPI   ? 
_refine.pdbx_overall_SU_R_Blow_DPI               ? 
_refine.pdbx_overall_SU_R_free_Blow_DPI          ? 
_refine.ls_redundancy_reflns_obs                 ? 
_refine.B_iso_min                                ? 
_refine.B_iso_max                                ? 
_refine.overall_SU_R_free                        ? 
_refine.ls_wR_factor_R_free                      ? 
_refine.ls_wR_factor_R_work                      ? 
_refine.overall_FOM_free_R_set                   ? 
_refine.overall_FOM_work_R_set                   ? 
# 
_refine_hist.pdbx_refine_id                   'X-RAY DIFFRACTION' 
_refine_hist.cycle_id                         LAST 
_refine_hist.pdbx_number_atoms_protein        1281 
_refine_hist.pdbx_number_atoms_nucleic_acid   0 
_refine_hist.pdbx_number_atoms_ligand         0 
_refine_hist.number_atoms_solvent             116 
_refine_hist.number_atoms_total               1397 
_refine_hist.d_res_high                       2.02 
_refine_hist.d_res_low                        38.20 
# 
loop_
_refine_ls_restr.type 
_refine_ls_restr.dev_ideal 
_refine_ls_restr.dev_ideal_target 
_refine_ls_restr.weight 
_refine_ls_restr.number 
_refine_ls_restr.pdbx_refine_id 
_refine_ls_restr.pdbx_restraint_function 
r_bond_refined_d             0.017  0.019  ? 1309 'X-RAY DIFFRACTION' ? 
r_bond_other_d               0.001  0.020  ? 1213 'X-RAY DIFFRACTION' ? 
r_angle_refined_deg          1.699  1.929  ? 1764 'X-RAY DIFFRACTION' ? 
r_angle_other_deg            0.806  3.000  ? 2784 'X-RAY DIFFRACTION' ? 
r_dihedral_angle_1_deg       4.844  5.000  ? 156  'X-RAY DIFFRACTION' ? 
r_dihedral_angle_2_deg       36.989 24.079 ? 76   'X-RAY DIFFRACTION' ? 
r_dihedral_angle_3_deg       15.950 15.000 ? 227  'X-RAY DIFFRACTION' ? 
r_dihedral_angle_4_deg       21.645 15.000 ? 11   'X-RAY DIFFRACTION' ? 
r_chiral_restr               0.110  0.200  ? 181  'X-RAY DIFFRACTION' ? 
r_gen_planes_refined         0.007  0.020  ? 1507 'X-RAY DIFFRACTION' ? 
r_gen_planes_other           0.001  0.020  ? 322  'X-RAY DIFFRACTION' ? 
r_nbd_refined                ?      ?      ? ?    'X-RAY DIFFRACTION' ? 
r_nbd_other                  ?      ?      ? ?    'X-RAY DIFFRACTION' ? 
r_nbtor_refined              ?      ?      ? ?    'X-RAY DIFFRACTION' ? 
r_nbtor_other                ?      ?      ? ?    'X-RAY DIFFRACTION' ? 
r_xyhbond_nbd_refined        ?      ?      ? ?    'X-RAY DIFFRACTION' ? 
r_xyhbond_nbd_other          ?      ?      ? ?    'X-RAY DIFFRACTION' ? 
r_metal_ion_refined          ?      ?      ? ?    'X-RAY DIFFRACTION' ? 
r_metal_ion_other            ?      ?      ? ?    'X-RAY DIFFRACTION' ? 
r_symmetry_vdw_refined       ?      ?      ? ?    'X-RAY DIFFRACTION' ? 
r_symmetry_vdw_other         ?      ?      ? ?    'X-RAY DIFFRACTION' ? 
r_symmetry_hbond_refined     ?      ?      ? ?    'X-RAY DIFFRACTION' ? 
r_symmetry_hbond_other       ?      ?      ? ?    'X-RAY DIFFRACTION' ? 
r_symmetry_metal_ion_refined ?      ?      ? ?    'X-RAY DIFFRACTION' ? 
r_symmetry_metal_ion_other   ?      ?      ? ?    'X-RAY DIFFRACTION' ? 
r_mcbond_it                  ?      ?      ? ?    'X-RAY DIFFRACTION' ? 
r_mcbond_other               ?      ?      ? ?    'X-RAY DIFFRACTION' ? 
r_mcangle_it                 ?      ?      ? ?    'X-RAY DIFFRACTION' ? 
r_mcangle_other              ?      ?      ? ?    'X-RAY DIFFRACTION' ? 
r_scbond_it                  ?      ?      ? ?    'X-RAY DIFFRACTION' ? 
r_scbond_other               ?      ?      ? ?    'X-RAY DIFFRACTION' ? 
r_scangle_it                 ?      ?      ? ?    'X-RAY DIFFRACTION' ? 
r_scangle_other              ?      ?      ? ?    'X-RAY DIFFRACTION' ? 
r_long_range_B_refined       ?      ?      ? ?    'X-RAY DIFFRACTION' ? 
r_long_range_B_other         ?      ?      ? ?    'X-RAY DIFFRACTION' ? 
r_rigid_bond_restr           ?      ?      ? ?    'X-RAY DIFFRACTION' ? 
r_sphericity_free            ?      ?      ? ?    'X-RAY DIFFRACTION' ? 
r_sphericity_bonded          ?      ?      ? ?    'X-RAY DIFFRACTION' ? 
# 
_refine_ls_shell.pdbx_refine_id                   'X-RAY DIFFRACTION' 
_refine_ls_shell.pdbx_total_number_of_bins_used   20 
_refine_ls_shell.d_res_high                       2.023 
_refine_ls_shell.d_res_low                        2.075 
_refine_ls_shell.number_reflns_R_work             890 
_refine_ls_shell.R_factor_R_work                  0.209 
_refine_ls_shell.percent_reflns_obs               99.36 
_refine_ls_shell.R_factor_R_free                  0.229 
_refine_ls_shell.R_factor_R_free_error            ? 
_refine_ls_shell.percent_reflns_R_free            ? 
_refine_ls_shell.number_reflns_R_free             48 
_refine_ls_shell.number_reflns_all                ? 
_refine_ls_shell.R_factor_all                     ? 
_refine_ls_shell.redundancy_reflns_obs            ? 
_refine_ls_shell.number_reflns_obs                ? 
# 
_struct.entry_id                  4NNG 
_struct.title                     
'Structural basis for targeting the ribosomal protein S1 of Mycobacterium tuberculosis by pyrazinamide' 
_struct.pdbx_model_details        ? 
_struct.pdbx_CASP_flag            ? 
_struct.pdbx_model_type_details   ? 
# 
_struct_keywords.entry_id        4NNG 
_struct_keywords.text            'beta barrel, RIBOSOMAL PROTEIN' 
_struct_keywords.pdbx_keywords   'RIBOSOMAL PROTEIN' 
# 
loop_
_struct_asym.id 
_struct_asym.pdbx_blank_PDB_chainid_flag 
_struct_asym.pdbx_modified 
_struct_asym.entity_id 
_struct_asym.details 
A N N 1 ? 
B N N 2 ? 
# 
_struct_ref.id                         1 
_struct_ref.db_name                    UNP 
_struct_ref.db_code                    RS1_MYCTU 
_struct_ref.pdbx_db_accession          P9WH43 
_struct_ref.entity_id                  1 
_struct_ref.pdbx_seq_one_letter_code   
;RHFARTHAIGQIVPGKVTKLVPFGAFVRVEEGIEGLVHISELAERHVEVPDQVVAVGDDAMVKVIDIDLERRRISLSLKQ
ANEDYTEEFDPAKYGMADSYDEQGNYIFPEGFDAETNEWLEGFEKQRAEWEARYAEAERRHKMHTAQMEKF
;
_struct_ref.pdbx_align_begin           285 
_struct_ref.pdbx_db_isoform            ? 
# 
_struct_ref_seq.align_id                      1 
_struct_ref_seq.ref_id                        1 
_struct_ref_seq.pdbx_PDB_id_code              4NNG 
_struct_ref_seq.pdbx_strand_id                A 
_struct_ref_seq.seq_align_beg                 8 
_struct_ref_seq.pdbx_seq_align_beg_ins_code   ? 
_struct_ref_seq.seq_align_end                 158 
_struct_ref_seq.pdbx_seq_align_end_ins_code   ? 
_struct_ref_seq.pdbx_db_accession             P9WH43 
_struct_ref_seq.db_align_beg                  285 
_struct_ref_seq.pdbx_db_align_beg_ins_code    ? 
_struct_ref_seq.db_align_end                  435 
_struct_ref_seq.pdbx_db_align_end_ins_code    ? 
_struct_ref_seq.pdbx_auth_seq_align_beg       285 
_struct_ref_seq.pdbx_auth_seq_align_end       435 
# 
loop_
_struct_ref_seq_dif.align_id 
_struct_ref_seq_dif.pdbx_pdb_id_code 
_struct_ref_seq_dif.mon_id 
_struct_ref_seq_dif.pdbx_pdb_strand_id 
_struct_ref_seq_dif.seq_num 
_struct_ref_seq_dif.pdbx_pdb_ins_code 
_struct_ref_seq_dif.pdbx_seq_db_name 
_struct_ref_seq_dif.pdbx_seq_db_accession_code 
_struct_ref_seq_dif.db_mon_id 
_struct_ref_seq_dif.pdbx_seq_db_seq_num 
_struct_ref_seq_dif.details 
_struct_ref_seq_dif.pdbx_auth_seq_num 
_struct_ref_seq_dif.pdbx_ordinal 
1 4NNG ASN A 1  ? UNP P9WH43 ?   ?   'expression tag'      278 1 
1 4NNG LEU A 2  ? UNP P9WH43 ?   ?   'expression tag'      279 2 
1 4NNG TYR A 3  ? UNP P9WH43 ?   ?   'expression tag'      280 3 
1 4NNG PHE A 4  ? UNP P9WH43 ?   ?   'expression tag'      281 4 
1 4NNG GLN A 5  ? UNP P9WH43 ?   ?   'expression tag'      282 5 
1 4NNG HIS A 6  ? UNP P9WH43 ?   ?   'expression tag'      283 6 
1 4NNG MET A 7  ? UNP P9WH43 ?   ?   'expression tag'      284 7 
1 4NNG ALA A 21 ? UNP P9WH43 PRO 298 'engineered mutation' 298 8 
# 
_pdbx_struct_assembly.id                   1 
_pdbx_struct_assembly.details              author_and_software_defined_assembly 
_pdbx_struct_assembly.method_details       PISA 
_pdbx_struct_assembly.oligomeric_details   monomeric 
_pdbx_struct_assembly.oligomeric_count     1 
# 
_pdbx_struct_assembly_gen.assembly_id       1 
_pdbx_struct_assembly_gen.oper_expression   1 
_pdbx_struct_assembly_gen.asym_id_list      A,B 
# 
_pdbx_struct_oper_list.id                   1 
_pdbx_struct_oper_list.type                 'identity operation' 
_pdbx_struct_oper_list.name                 1_555 
_pdbx_struct_oper_list.symmetry_operation   x,y,z 
_pdbx_struct_oper_list.matrix[1][1]         1.0000000000 
_pdbx_struct_oper_list.matrix[1][2]         0.0000000000 
_pdbx_struct_oper_list.matrix[1][3]         0.0000000000 
_pdbx_struct_oper_list.vector[1]            0.0000000000 
_pdbx_struct_oper_list.matrix[2][1]         0.0000000000 
_pdbx_struct_oper_list.matrix[2][2]         1.0000000000 
_pdbx_struct_oper_list.matrix[2][3]         0.0000000000 
_pdbx_struct_oper_list.vector[2]            0.0000000000 
_pdbx_struct_oper_list.matrix[3][1]         0.0000000000 
_pdbx_struct_oper_list.matrix[3][2]         0.0000000000 
_pdbx_struct_oper_list.matrix[3][3]         1.0000000000 
_pdbx_struct_oper_list.vector[3]            0.0000000000 
# 
_struct_biol.id        1 
_struct_biol.details   ? 
# 
loop_
_struct_conf.conf_type_id 
_struct_conf.id 
_struct_conf.pdbx_PDB_helix_id 
_struct_conf.beg_label_comp_id 
_struct_conf.beg_label_asym_id 
_struct_conf.beg_label_seq_id 
_struct_conf.pdbx_beg_PDB_ins_code 
_struct_conf.end_label_comp_id 
_struct_conf.end_label_asym_id 
_struct_conf.end_label_seq_id 
_struct_conf.pdbx_end_PDB_ins_code 
_struct_conf.beg_auth_comp_id 
_struct_conf.beg_auth_asym_id 
_struct_conf.beg_auth_seq_id 
_struct_conf.end_auth_comp_id 
_struct_conf.end_auth_asym_id 
_struct_conf.end_auth_seq_id 
_struct_conf.pdbx_PDB_helix_class 
_struct_conf.details 
_struct_conf.pdbx_PDB_helix_length 
HELX_P HELX_P1 1 TYR A 3   ? HIS A 14  ? TYR A 280 HIS A 291 1 ? 12 
HELX_P HELX_P2 2 SER A 47  ? LEU A 49  ? SER A 324 LEU A 326 5 ? 3  
HELX_P HELX_P3 3 VAL A 56  ? VAL A 60  ? VAL A 333 VAL A 337 5 ? 5  
HELX_P HELX_P4 4 LEU A 85  ? TYR A 92  ? LEU A 362 TYR A 369 1 ? 8  
HELX_P HELX_P5 5 ASP A 97  ? TYR A 101 ? ASP A 374 TYR A 378 5 ? 5  
HELX_P HELX_P6 6 MET A 103 ? TYR A 107 ? MET A 380 TYR A 384 5 ? 5  
HELX_P HELX_P7 7 PHE A 130 ? LYS A 157 ? PHE A 407 LYS A 434 1 ? 28 
# 
_struct_conf_type.id          HELX_P 
_struct_conf_type.criteria    ? 
_struct_conf_type.reference   ? 
# 
loop_
_struct_sheet.id 
_struct_sheet.type 
_struct_sheet.number_strands 
_struct_sheet.details 
A ? 6 ? 
B ? 2 ? 
# 
loop_
_struct_sheet_order.sheet_id 
_struct_sheet_order.range_id_1 
_struct_sheet_order.range_id_2 
_struct_sheet_order.offset 
_struct_sheet_order.sense 
A 1 2 ? anti-parallel 
A 2 3 ? anti-parallel 
A 3 4 ? parallel      
A 4 5 ? anti-parallel 
A 5 6 ? anti-parallel 
B 1 2 ? anti-parallel 
# 
loop_
_struct_sheet_range.sheet_id 
_struct_sheet_range.id 
_struct_sheet_range.beg_label_comp_id 
_struct_sheet_range.beg_label_asym_id 
_struct_sheet_range.beg_label_seq_id 
_struct_sheet_range.pdbx_beg_PDB_ins_code 
_struct_sheet_range.end_label_comp_id 
_struct_sheet_range.end_label_asym_id 
_struct_sheet_range.end_label_seq_id 
_struct_sheet_range.pdbx_end_PDB_ins_code 
_struct_sheet_range.beg_auth_comp_id 
_struct_sheet_range.beg_auth_asym_id 
_struct_sheet_range.beg_auth_seq_id 
_struct_sheet_range.end_auth_comp_id 
_struct_sheet_range.end_auth_asym_id 
_struct_sheet_range.end_auth_seq_id 
A 1 ILE A 19  ? VAL A 28  ? ILE A 296 VAL A 305 
A 2 GLY A 31  ? GLU A 37  ? GLY A 308 GLU A 314 
A 3 ILE A 40  ? HIS A 45  ? ILE A 317 HIS A 322 
A 4 ARG A 80  ? SER A 84  ? ARG A 357 SER A 361 
A 5 ASP A 66  ? ASP A 75  ? ASP A 343 ASP A 352 
A 6 ILE A 19  ? VAL A 28  ? ILE A 296 VAL A 305 
B 1 PHE A 119 ? ASP A 120 ? PHE A 396 ASP A 397 
B 2 GLU A 125 ? TRP A 126 ? GLU A 402 TRP A 403 
# 
loop_
_pdbx_struct_sheet_hbond.sheet_id 
_pdbx_struct_sheet_hbond.range_id_1 
_pdbx_struct_sheet_hbond.range_id_2 
_pdbx_struct_sheet_hbond.range_1_label_atom_id 
_pdbx_struct_sheet_hbond.range_1_label_comp_id 
_pdbx_struct_sheet_hbond.range_1_label_asym_id 
_pdbx_struct_sheet_hbond.range_1_label_seq_id 
_pdbx_struct_sheet_hbond.range_1_PDB_ins_code 
_pdbx_struct_sheet_hbond.range_1_auth_atom_id 
_pdbx_struct_sheet_hbond.range_1_auth_comp_id 
_pdbx_struct_sheet_hbond.range_1_auth_asym_id 
_pdbx_struct_sheet_hbond.range_1_auth_seq_id 
_pdbx_struct_sheet_hbond.range_2_label_atom_id 
_pdbx_struct_sheet_hbond.range_2_label_comp_id 
_pdbx_struct_sheet_hbond.range_2_label_asym_id 
_pdbx_struct_sheet_hbond.range_2_label_seq_id 
_pdbx_struct_sheet_hbond.range_2_PDB_ins_code 
_pdbx_struct_sheet_hbond.range_2_auth_atom_id 
_pdbx_struct_sheet_hbond.range_2_auth_comp_id 
_pdbx_struct_sheet_hbond.range_2_auth_asym_id 
_pdbx_struct_sheet_hbond.range_2_auth_seq_id 
A 1 2 N LYS A 23  ? N LYS A 300 O ARG A 35  ? O ARG A 312 
A 2 3 N GLU A 37  ? N GLU A 314 O ILE A 40  ? O ILE A 317 
A 3 4 N LEU A 43  ? N LEU A 320 O LEU A 83  ? O LEU A 360 
A 4 5 O SER A 82  ? O SER A 359 N ASP A 73  ? N ASP A 350 
A 5 6 O VAL A 69  ? O VAL A 346 N VAL A 20  ? N VAL A 297 
B 1 2 N ASP A 120 ? N ASP A 397 O GLU A 125 ? O GLU A 402 
# 
_pdbx_phasing_MR.entry_id                     4NNG 
_pdbx_phasing_MR.method_rotation              ? 
_pdbx_phasing_MR.method_translation           ? 
_pdbx_phasing_MR.model_details                'Phaser MODE: MR_AUTO' 
_pdbx_phasing_MR.R_factor                     ? 
_pdbx_phasing_MR.R_rigid_body                 ? 
_pdbx_phasing_MR.correlation_coeff_Fo_to_Fc   ? 
_pdbx_phasing_MR.correlation_coeff_Io_to_Ic   ? 
_pdbx_phasing_MR.d_res_high_rotation          4.940 
_pdbx_phasing_MR.d_res_low_rotation           38.170 
_pdbx_phasing_MR.d_res_high_translation       4.940 
_pdbx_phasing_MR.d_res_low_translation        38.170 
_pdbx_phasing_MR.packing                      ? 
_pdbx_phasing_MR.reflns_percent_rotation      ? 
_pdbx_phasing_MR.reflns_percent_translation   ? 
_pdbx_phasing_MR.sigma_F_rotation             ? 
_pdbx_phasing_MR.sigma_F_translation          ? 
_pdbx_phasing_MR.sigma_I_rotation             ? 
_pdbx_phasing_MR.sigma_I_translation          ? 
# 
_phasing.method   MR 
# 
_pdbx_unobs_or_zero_occ_residues.id               1 
_pdbx_unobs_or_zero_occ_residues.PDB_model_num    1 
_pdbx_unobs_or_zero_occ_residues.polymer_flag     Y 
_pdbx_unobs_or_zero_occ_residues.occupancy_flag   1 
_pdbx_unobs_or_zero_occ_residues.auth_asym_id     A 
_pdbx_unobs_or_zero_occ_residues.auth_comp_id     PHE 
_pdbx_unobs_or_zero_occ_residues.auth_seq_id      435 
_pdbx_unobs_or_zero_occ_residues.PDB_ins_code     ? 
_pdbx_unobs_or_zero_occ_residues.label_asym_id    A 
_pdbx_unobs_or_zero_occ_residues.label_comp_id    PHE 
_pdbx_unobs_or_zero_occ_residues.label_seq_id     158 
# 
loop_
_chem_comp_atom.comp_id 
_chem_comp_atom.atom_id 
_chem_comp_atom.type_symbol 
_chem_comp_atom.pdbx_aromatic_flag 
_chem_comp_atom.pdbx_stereo_config 
_chem_comp_atom.pdbx_ordinal 
ALA N    N N N 1   
ALA CA   C N S 2   
ALA C    C N N 3   
ALA O    O N N 4   
ALA CB   C N N 5   
ALA OXT  O N N 6   
ALA H    H N N 7   
ALA H2   H N N 8   
ALA HA   H N N 9   
ALA HB1  H N N 10  
ALA HB2  H N N 11  
ALA HB3  H N N 12  
ALA HXT  H N N 13  
ARG N    N N N 14  
ARG CA   C N S 15  
ARG C    C N N 16  
ARG O    O N N 17  
ARG CB   C N N 18  
ARG CG   C N N 19  
ARG CD   C N N 20  
ARG NE   N N N 21  
ARG CZ   C N N 22  
ARG NH1  N N N 23  
ARG NH2  N N N 24  
ARG OXT  O N N 25  
ARG H    H N N 26  
ARG H2   H N N 27  
ARG HA   H N N 28  
ARG HB2  H N N 29  
ARG HB3  H N N 30  
ARG HG2  H N N 31  
ARG HG3  H N N 32  
ARG HD2  H N N 33  
ARG HD3  H N N 34  
ARG HE   H N N 35  
ARG HH11 H N N 36  
ARG HH12 H N N 37  
ARG HH21 H N N 38  
ARG HH22 H N N 39  
ARG HXT  H N N 40  
ASN N    N N N 41  
ASN CA   C N S 42  
ASN C    C N N 43  
ASN O    O N N 44  
ASN CB   C N N 45  
ASN CG   C N N 46  
ASN OD1  O N N 47  
ASN ND2  N N N 48  
ASN OXT  O N N 49  
ASN H    H N N 50  
ASN H2   H N N 51  
ASN HA   H N N 52  
ASN HB2  H N N 53  
ASN HB3  H N N 54  
ASN HD21 H N N 55  
ASN HD22 H N N 56  
ASN HXT  H N N 57  
ASP N    N N N 58  
ASP CA   C N S 59  
ASP C    C N N 60  
ASP O    O N N 61  
ASP CB   C N N 62  
ASP CG   C N N 63  
ASP OD1  O N N 64  
ASP OD2  O N N 65  
ASP OXT  O N N 66  
ASP H    H N N 67  
ASP H2   H N N 68  
ASP HA   H N N 69  
ASP HB2  H N N 70  
ASP HB3  H N N 71  
ASP HD2  H N N 72  
ASP HXT  H N N 73  
GLN N    N N N 74  
GLN CA   C N S 75  
GLN C    C N N 76  
GLN O    O N N 77  
GLN CB   C N N 78  
GLN CG   C N N 79  
GLN CD   C N N 80  
GLN OE1  O N N 81  
GLN NE2  N N N 82  
GLN OXT  O N N 83  
GLN H    H N N 84  
GLN H2   H N N 85  
GLN HA   H N N 86  
GLN HB2  H N N 87  
GLN HB3  H N N 88  
GLN HG2  H N N 89  
GLN HG3  H N N 90  
GLN HE21 H N N 91  
GLN HE22 H N N 92  
GLN HXT  H N N 93  
GLU N    N N N 94  
GLU CA   C N S 95  
GLU C    C N N 96  
GLU O    O N N 97  
GLU CB   C N N 98  
GLU CG   C N N 99  
GLU CD   C N N 100 
GLU OE1  O N N 101 
GLU OE2  O N N 102 
GLU OXT  O N N 103 
GLU H    H N N 104 
GLU H2   H N N 105 
GLU HA   H N N 106 
GLU HB2  H N N 107 
GLU HB3  H N N 108 
GLU HG2  H N N 109 
GLU HG3  H N N 110 
GLU HE2  H N N 111 
GLU HXT  H N N 112 
GLY N    N N N 113 
GLY CA   C N N 114 
GLY C    C N N 115 
GLY O    O N N 116 
GLY OXT  O N N 117 
GLY H    H N N 118 
GLY H2   H N N 119 
GLY HA2  H N N 120 
GLY HA3  H N N 121 
GLY HXT  H N N 122 
HIS N    N N N 123 
HIS CA   C N S 124 
HIS C    C N N 125 
HIS O    O N N 126 
HIS CB   C N N 127 
HIS CG   C Y N 128 
HIS ND1  N Y N 129 
HIS CD2  C Y N 130 
HIS CE1  C Y N 131 
HIS NE2  N Y N 132 
HIS OXT  O N N 133 
HIS H    H N N 134 
HIS H2   H N N 135 
HIS HA   H N N 136 
HIS HB2  H N N 137 
HIS HB3  H N N 138 
HIS HD1  H N N 139 
HIS HD2  H N N 140 
HIS HE1  H N N 141 
HIS HE2  H N N 142 
HIS HXT  H N N 143 
HOH O    O N N 144 
HOH H1   H N N 145 
HOH H2   H N N 146 
ILE N    N N N 147 
ILE CA   C N S 148 
ILE C    C N N 149 
ILE O    O N N 150 
ILE CB   C N S 151 
ILE CG1  C N N 152 
ILE CG2  C N N 153 
ILE CD1  C N N 154 
ILE OXT  O N N 155 
ILE H    H N N 156 
ILE H2   H N N 157 
ILE HA   H N N 158 
ILE HB   H N N 159 
ILE HG12 H N N 160 
ILE HG13 H N N 161 
ILE HG21 H N N 162 
ILE HG22 H N N 163 
ILE HG23 H N N 164 
ILE HD11 H N N 165 
ILE HD12 H N N 166 
ILE HD13 H N N 167 
ILE HXT  H N N 168 
LEU N    N N N 169 
LEU CA   C N S 170 
LEU C    C N N 171 
LEU O    O N N 172 
LEU CB   C N N 173 
LEU CG   C N N 174 
LEU CD1  C N N 175 
LEU CD2  C N N 176 
LEU OXT  O N N 177 
LEU H    H N N 178 
LEU H2   H N N 179 
LEU HA   H N N 180 
LEU HB2  H N N 181 
LEU HB3  H N N 182 
LEU HG   H N N 183 
LEU HD11 H N N 184 
LEU HD12 H N N 185 
LEU HD13 H N N 186 
LEU HD21 H N N 187 
LEU HD22 H N N 188 
LEU HD23 H N N 189 
LEU HXT  H N N 190 
LYS N    N N N 191 
LYS CA   C N S 192 
LYS C    C N N 193 
LYS O    O N N 194 
LYS CB   C N N 195 
LYS CG   C N N 196 
LYS CD   C N N 197 
LYS CE   C N N 198 
LYS NZ   N N N 199 
LYS OXT  O N N 200 
LYS H    H N N 201 
LYS H2   H N N 202 
LYS HA   H N N 203 
LYS HB2  H N N 204 
LYS HB3  H N N 205 
LYS HG2  H N N 206 
LYS HG3  H N N 207 
LYS HD2  H N N 208 
LYS HD3  H N N 209 
LYS HE2  H N N 210 
LYS HE3  H N N 211 
LYS HZ1  H N N 212 
LYS HZ2  H N N 213 
LYS HZ3  H N N 214 
LYS HXT  H N N 215 
MET N    N N N 216 
MET CA   C N S 217 
MET C    C N N 218 
MET O    O N N 219 
MET CB   C N N 220 
MET CG   C N N 221 
MET SD   S N N 222 
MET CE   C N N 223 
MET OXT  O N N 224 
MET H    H N N 225 
MET H2   H N N 226 
MET HA   H N N 227 
MET HB2  H N N 228 
MET HB3  H N N 229 
MET HG2  H N N 230 
MET HG3  H N N 231 
MET HE1  H N N 232 
MET HE2  H N N 233 
MET HE3  H N N 234 
MET HXT  H N N 235 
PHE N    N N N 236 
PHE CA   C N S 237 
PHE C    C N N 238 
PHE O    O N N 239 
PHE CB   C N N 240 
PHE CG   C Y N 241 
PHE CD1  C Y N 242 
PHE CD2  C Y N 243 
PHE CE1  C Y N 244 
PHE CE2  C Y N 245 
PHE CZ   C Y N 246 
PHE OXT  O N N 247 
PHE H    H N N 248 
PHE H2   H N N 249 
PHE HA   H N N 250 
PHE HB2  H N N 251 
PHE HB3  H N N 252 
PHE HD1  H N N 253 
PHE HD2  H N N 254 
PHE HE1  H N N 255 
PHE HE2  H N N 256 
PHE HZ   H N N 257 
PHE HXT  H N N 258 
PRO N    N N N 259 
PRO CA   C N S 260 
PRO C    C N N 261 
PRO O    O N N 262 
PRO CB   C N N 263 
PRO CG   C N N 264 
PRO CD   C N N 265 
PRO OXT  O N N 266 
PRO H    H N N 267 
PRO HA   H N N 268 
PRO HB2  H N N 269 
PRO HB3  H N N 270 
PRO HG2  H N N 271 
PRO HG3  H N N 272 
PRO HD2  H N N 273 
PRO HD3  H N N 274 
PRO HXT  H N N 275 
SER N    N N N 276 
SER CA   C N S 277 
SER C    C N N 278 
SER O    O N N 279 
SER CB   C N N 280 
SER OG   O N N 281 
SER OXT  O N N 282 
SER H    H N N 283 
SER H2   H N N 284 
SER HA   H N N 285 
SER HB2  H N N 286 
SER HB3  H N N 287 
SER HG   H N N 288 
SER HXT  H N N 289 
THR N    N N N 290 
THR CA   C N S 291 
THR C    C N N 292 
THR O    O N N 293 
THR CB   C N R 294 
THR OG1  O N N 295 
THR CG2  C N N 296 
THR OXT  O N N 297 
THR H    H N N 298 
THR H2   H N N 299 
THR HA   H N N 300 
THR HB   H N N 301 
THR HG1  H N N 302 
THR HG21 H N N 303 
THR HG22 H N N 304 
THR HG23 H N N 305 
THR HXT  H N N 306 
TRP N    N N N 307 
TRP CA   C N S 308 
TRP C    C N N 309 
TRP O    O N N 310 
TRP CB   C N N 311 
TRP CG   C Y N 312 
TRP CD1  C Y N 313 
TRP CD2  C Y N 314 
TRP NE1  N Y N 315 
TRP CE2  C Y N 316 
TRP CE3  C Y N 317 
TRP CZ2  C Y N 318 
TRP CZ3  C Y N 319 
TRP CH2  C Y N 320 
TRP OXT  O N N 321 
TRP H    H N N 322 
TRP H2   H N N 323 
TRP HA   H N N 324 
TRP HB2  H N N 325 
TRP HB3  H N N 326 
TRP HD1  H N N 327 
TRP HE1  H N N 328 
TRP HE3  H N N 329 
TRP HZ2  H N N 330 
TRP HZ3  H N N 331 
TRP HH2  H N N 332 
TRP HXT  H N N 333 
TYR N    N N N 334 
TYR CA   C N S 335 
TYR C    C N N 336 
TYR O    O N N 337 
TYR CB   C N N 338 
TYR CG   C Y N 339 
TYR CD1  C Y N 340 
TYR CD2  C Y N 341 
TYR CE1  C Y N 342 
TYR CE2  C Y N 343 
TYR CZ   C Y N 344 
TYR OH   O N N 345 
TYR OXT  O N N 346 
TYR H    H N N 347 
TYR H2   H N N 348 
TYR HA   H N N 349 
TYR HB2  H N N 350 
TYR HB3  H N N 351 
TYR HD1  H N N 352 
TYR HD2  H N N 353 
TYR HE1  H N N 354 
TYR HE2  H N N 355 
TYR HH   H N N 356 
TYR HXT  H N N 357 
VAL N    N N N 358 
VAL CA   C N S 359 
VAL C    C N N 360 
VAL O    O N N 361 
VAL CB   C N N 362 
VAL CG1  C N N 363 
VAL CG2  C N N 364 
VAL OXT  O N N 365 
VAL H    H N N 366 
VAL H2   H N N 367 
VAL HA   H N N 368 
VAL HB   H N N 369 
VAL HG11 H N N 370 
VAL HG12 H N N 371 
VAL HG13 H N N 372 
VAL HG21 H N N 373 
VAL HG22 H N N 374 
VAL HG23 H N N 375 
VAL HXT  H N N 376 
# 
loop_
_chem_comp_bond.comp_id 
_chem_comp_bond.atom_id_1 
_chem_comp_bond.atom_id_2 
_chem_comp_bond.value_order 
_chem_comp_bond.pdbx_aromatic_flag 
_chem_comp_bond.pdbx_stereo_config 
_chem_comp_bond.pdbx_ordinal 
ALA N   CA   sing N N 1   
ALA N   H    sing N N 2   
ALA N   H2   sing N N 3   
ALA CA  C    sing N N 4   
ALA CA  CB   sing N N 5   
ALA CA  HA   sing N N 6   
ALA C   O    doub N N 7   
ALA C   OXT  sing N N 8   
ALA CB  HB1  sing N N 9   
ALA CB  HB2  sing N N 10  
ALA CB  HB3  sing N N 11  
ALA OXT HXT  sing N N 12  
ARG N   CA   sing N N 13  
ARG N   H    sing N N 14  
ARG N   H2   sing N N 15  
ARG CA  C    sing N N 16  
ARG CA  CB   sing N N 17  
ARG CA  HA   sing N N 18  
ARG C   O    doub N N 19  
ARG C   OXT  sing N N 20  
ARG CB  CG   sing N N 21  
ARG CB  HB2  sing N N 22  
ARG CB  HB3  sing N N 23  
ARG CG  CD   sing N N 24  
ARG CG  HG2  sing N N 25  
ARG CG  HG3  sing N N 26  
ARG CD  NE   sing N N 27  
ARG CD  HD2  sing N N 28  
ARG CD  HD3  sing N N 29  
ARG NE  CZ   sing N N 30  
ARG NE  HE   sing N N 31  
ARG CZ  NH1  sing N N 32  
ARG CZ  NH2  doub N N 33  
ARG NH1 HH11 sing N N 34  
ARG NH1 HH12 sing N N 35  
ARG NH2 HH21 sing N N 36  
ARG NH2 HH22 sing N N 37  
ARG OXT HXT  sing N N 38  
ASN N   CA   sing N N 39  
ASN N   H    sing N N 40  
ASN N   H2   sing N N 41  
ASN CA  C    sing N N 42  
ASN CA  CB   sing N N 43  
ASN CA  HA   sing N N 44  
ASN C   O    doub N N 45  
ASN C   OXT  sing N N 46  
ASN CB  CG   sing N N 47  
ASN CB  HB2  sing N N 48  
ASN CB  HB3  sing N N 49  
ASN CG  OD1  doub N N 50  
ASN CG  ND2  sing N N 51  
ASN ND2 HD21 sing N N 52  
ASN ND2 HD22 sing N N 53  
ASN OXT HXT  sing N N 54  
ASP N   CA   sing N N 55  
ASP N   H    sing N N 56  
ASP N   H2   sing N N 57  
ASP CA  C    sing N N 58  
ASP CA  CB   sing N N 59  
ASP CA  HA   sing N N 60  
ASP C   O    doub N N 61  
ASP C   OXT  sing N N 62  
ASP CB  CG   sing N N 63  
ASP CB  HB2  sing N N 64  
ASP CB  HB3  sing N N 65  
ASP CG  OD1  doub N N 66  
ASP CG  OD2  sing N N 67  
ASP OD2 HD2  sing N N 68  
ASP OXT HXT  sing N N 69  
GLN N   CA   sing N N 70  
GLN N   H    sing N N 71  
GLN N   H2   sing N N 72  
GLN CA  C    sing N N 73  
GLN CA  CB   sing N N 74  
GLN CA  HA   sing N N 75  
GLN C   O    doub N N 76  
GLN C   OXT  sing N N 77  
GLN CB  CG   sing N N 78  
GLN CB  HB2  sing N N 79  
GLN CB  HB3  sing N N 80  
GLN CG  CD   sing N N 81  
GLN CG  HG2  sing N N 82  
GLN CG  HG3  sing N N 83  
GLN CD  OE1  doub N N 84  
GLN CD  NE2  sing N N 85  
GLN NE2 HE21 sing N N 86  
GLN NE2 HE22 sing N N 87  
GLN OXT HXT  sing N N 88  
GLU N   CA   sing N N 89  
GLU N   H    sing N N 90  
GLU N   H2   sing N N 91  
GLU CA  C    sing N N 92  
GLU CA  CB   sing N N 93  
GLU CA  HA   sing N N 94  
GLU C   O    doub N N 95  
GLU C   OXT  sing N N 96  
GLU CB  CG   sing N N 97  
GLU CB  HB2  sing N N 98  
GLU CB  HB3  sing N N 99  
GLU CG  CD   sing N N 100 
GLU CG  HG2  sing N N 101 
GLU CG  HG3  sing N N 102 
GLU CD  OE1  doub N N 103 
GLU CD  OE2  sing N N 104 
GLU OE2 HE2  sing N N 105 
GLU OXT HXT  sing N N 106 
GLY N   CA   sing N N 107 
GLY N   H    sing N N 108 
GLY N   H2   sing N N 109 
GLY CA  C    sing N N 110 
GLY CA  HA2  sing N N 111 
GLY CA  HA3  sing N N 112 
GLY C   O    doub N N 113 
GLY C   OXT  sing N N 114 
GLY OXT HXT  sing N N 115 
HIS N   CA   sing N N 116 
HIS N   H    sing N N 117 
HIS N   H2   sing N N 118 
HIS CA  C    sing N N 119 
HIS CA  CB   sing N N 120 
HIS CA  HA   sing N N 121 
HIS C   O    doub N N 122 
HIS C   OXT  sing N N 123 
HIS CB  CG   sing N N 124 
HIS CB  HB2  sing N N 125 
HIS CB  HB3  sing N N 126 
HIS CG  ND1  sing Y N 127 
HIS CG  CD2  doub Y N 128 
HIS ND1 CE1  doub Y N 129 
HIS ND1 HD1  sing N N 130 
HIS CD2 NE2  sing Y N 131 
HIS CD2 HD2  sing N N 132 
HIS CE1 NE2  sing Y N 133 
HIS CE1 HE1  sing N N 134 
HIS NE2 HE2  sing N N 135 
HIS OXT HXT  sing N N 136 
HOH O   H1   sing N N 137 
HOH O   H2   sing N N 138 
ILE N   CA   sing N N 139 
ILE N   H    sing N N 140 
ILE N   H2   sing N N 141 
ILE CA  C    sing N N 142 
ILE CA  CB   sing N N 143 
ILE CA  HA   sing N N 144 
ILE C   O    doub N N 145 
ILE C   OXT  sing N N 146 
ILE CB  CG1  sing N N 147 
ILE CB  CG2  sing N N 148 
ILE CB  HB   sing N N 149 
ILE CG1 CD1  sing N N 150 
ILE CG1 HG12 sing N N 151 
ILE CG1 HG13 sing N N 152 
ILE CG2 HG21 sing N N 153 
ILE CG2 HG22 sing N N 154 
ILE CG2 HG23 sing N N 155 
ILE CD1 HD11 sing N N 156 
ILE CD1 HD12 sing N N 157 
ILE CD1 HD13 sing N N 158 
ILE OXT HXT  sing N N 159 
LEU N   CA   sing N N 160 
LEU N   H    sing N N 161 
LEU N   H2   sing N N 162 
LEU CA  C    sing N N 163 
LEU CA  CB   sing N N 164 
LEU CA  HA   sing N N 165 
LEU C   O    doub N N 166 
LEU C   OXT  sing N N 167 
LEU CB  CG   sing N N 168 
LEU CB  HB2  sing N N 169 
LEU CB  HB3  sing N N 170 
LEU CG  CD1  sing N N 171 
LEU CG  CD2  sing N N 172 
LEU CG  HG   sing N N 173 
LEU CD1 HD11 sing N N 174 
LEU CD1 HD12 sing N N 175 
LEU CD1 HD13 sing N N 176 
LEU CD2 HD21 sing N N 177 
LEU CD2 HD22 sing N N 178 
LEU CD2 HD23 sing N N 179 
LEU OXT HXT  sing N N 180 
LYS N   CA   sing N N 181 
LYS N   H    sing N N 182 
LYS N   H2   sing N N 183 
LYS CA  C    sing N N 184 
LYS CA  CB   sing N N 185 
LYS CA  HA   sing N N 186 
LYS C   O    doub N N 187 
LYS C   OXT  sing N N 188 
LYS CB  CG   sing N N 189 
LYS CB  HB2  sing N N 190 
LYS CB  HB3  sing N N 191 
LYS CG  CD   sing N N 192 
LYS CG  HG2  sing N N 193 
LYS CG  HG3  sing N N 194 
LYS CD  CE   sing N N 195 
LYS CD  HD2  sing N N 196 
LYS CD  HD3  sing N N 197 
LYS CE  NZ   sing N N 198 
LYS CE  HE2  sing N N 199 
LYS CE  HE3  sing N N 200 
LYS NZ  HZ1  sing N N 201 
LYS NZ  HZ2  sing N N 202 
LYS NZ  HZ3  sing N N 203 
LYS OXT HXT  sing N N 204 
MET N   CA   sing N N 205 
MET N   H    sing N N 206 
MET N   H2   sing N N 207 
MET CA  C    sing N N 208 
MET CA  CB   sing N N 209 
MET CA  HA   sing N N 210 
MET C   O    doub N N 211 
MET C   OXT  sing N N 212 
MET CB  CG   sing N N 213 
MET CB  HB2  sing N N 214 
MET CB  HB3  sing N N 215 
MET CG  SD   sing N N 216 
MET CG  HG2  sing N N 217 
MET CG  HG3  sing N N 218 
MET SD  CE   sing N N 219 
MET CE  HE1  sing N N 220 
MET CE  HE2  sing N N 221 
MET CE  HE3  sing N N 222 
MET OXT HXT  sing N N 223 
PHE N   CA   sing N N 224 
PHE N   H    sing N N 225 
PHE N   H2   sing N N 226 
PHE CA  C    sing N N 227 
PHE CA  CB   sing N N 228 
PHE CA  HA   sing N N 229 
PHE C   O    doub N N 230 
PHE C   OXT  sing N N 231 
PHE CB  CG   sing N N 232 
PHE CB  HB2  sing N N 233 
PHE CB  HB3  sing N N 234 
PHE CG  CD1  doub Y N 235 
PHE CG  CD2  sing Y N 236 
PHE CD1 CE1  sing Y N 237 
PHE CD1 HD1  sing N N 238 
PHE CD2 CE2  doub Y N 239 
PHE CD2 HD2  sing N N 240 
PHE CE1 CZ   doub Y N 241 
PHE CE1 HE1  sing N N 242 
PHE CE2 CZ   sing Y N 243 
PHE CE2 HE2  sing N N 244 
PHE CZ  HZ   sing N N 245 
PHE OXT HXT  sing N N 246 
PRO N   CA   sing N N 247 
PRO N   CD   sing N N 248 
PRO N   H    sing N N 249 
PRO CA  C    sing N N 250 
PRO CA  CB   sing N N 251 
PRO CA  HA   sing N N 252 
PRO C   O    doub N N 253 
PRO C   OXT  sing N N 254 
PRO CB  CG   sing N N 255 
PRO CB  HB2  sing N N 256 
PRO CB  HB3  sing N N 257 
PRO CG  CD   sing N N 258 
PRO CG  HG2  sing N N 259 
PRO CG  HG3  sing N N 260 
PRO CD  HD2  sing N N 261 
PRO CD  HD3  sing N N 262 
PRO OXT HXT  sing N N 263 
SER N   CA   sing N N 264 
SER N   H    sing N N 265 
SER N   H2   sing N N 266 
SER CA  C    sing N N 267 
SER CA  CB   sing N N 268 
SER CA  HA   sing N N 269 
SER C   O    doub N N 270 
SER C   OXT  sing N N 271 
SER CB  OG   sing N N 272 
SER CB  HB2  sing N N 273 
SER CB  HB3  sing N N 274 
SER OG  HG   sing N N 275 
SER OXT HXT  sing N N 276 
THR N   CA   sing N N 277 
THR N   H    sing N N 278 
THR N   H2   sing N N 279 
THR CA  C    sing N N 280 
THR CA  CB   sing N N 281 
THR CA  HA   sing N N 282 
THR C   O    doub N N 283 
THR C   OXT  sing N N 284 
THR CB  OG1  sing N N 285 
THR CB  CG2  sing N N 286 
THR CB  HB   sing N N 287 
THR OG1 HG1  sing N N 288 
THR CG2 HG21 sing N N 289 
THR CG2 HG22 sing N N 290 
THR CG2 HG23 sing N N 291 
THR OXT HXT  sing N N 292 
TRP N   CA   sing N N 293 
TRP N   H    sing N N 294 
TRP N   H2   sing N N 295 
TRP CA  C    sing N N 296 
TRP CA  CB   sing N N 297 
TRP CA  HA   sing N N 298 
TRP C   O    doub N N 299 
TRP C   OXT  sing N N 300 
TRP CB  CG   sing N N 301 
TRP CB  HB2  sing N N 302 
TRP CB  HB3  sing N N 303 
TRP CG  CD1  doub Y N 304 
TRP CG  CD2  sing Y N 305 
TRP CD1 NE1  sing Y N 306 
TRP CD1 HD1  sing N N 307 
TRP CD2 CE2  doub Y N 308 
TRP CD2 CE3  sing Y N 309 
TRP NE1 CE2  sing Y N 310 
TRP NE1 HE1  sing N N 311 
TRP CE2 CZ2  sing Y N 312 
TRP CE3 CZ3  doub Y N 313 
TRP CE3 HE3  sing N N 314 
TRP CZ2 CH2  doub Y N 315 
TRP CZ2 HZ2  sing N N 316 
TRP CZ3 CH2  sing Y N 317 
TRP CZ3 HZ3  sing N N 318 
TRP CH2 HH2  sing N N 319 
TRP OXT HXT  sing N N 320 
TYR N   CA   sing N N 321 
TYR N   H    sing N N 322 
TYR N   H2   sing N N 323 
TYR CA  C    sing N N 324 
TYR CA  CB   sing N N 325 
TYR CA  HA   sing N N 326 
TYR C   O    doub N N 327 
TYR C   OXT  sing N N 328 
TYR CB  CG   sing N N 329 
TYR CB  HB2  sing N N 330 
TYR CB  HB3  sing N N 331 
TYR CG  CD1  doub Y N 332 
TYR CG  CD2  sing Y N 333 
TYR CD1 CE1  sing Y N 334 
TYR CD1 HD1  sing N N 335 
TYR CD2 CE2  doub Y N 336 
TYR CD2 HD2  sing N N 337 
TYR CE1 CZ   doub Y N 338 
TYR CE1 HE1  sing N N 339 
TYR CE2 CZ   sing Y N 340 
TYR CE2 HE2  sing N N 341 
TYR CZ  OH   sing N N 342 
TYR OH  HH   sing N N 343 
TYR OXT HXT  sing N N 344 
VAL N   CA   sing N N 345 
VAL N   H    sing N N 346 
VAL N   H2   sing N N 347 
VAL CA  C    sing N N 348 
VAL CA  CB   sing N N 349 
VAL CA  HA   sing N N 350 
VAL C   O    doub N N 351 
VAL C   OXT  sing N N 352 
VAL CB  CG1  sing N N 353 
VAL CB  CG2  sing N N 354 
VAL CB  HB   sing N N 355 
VAL CG1 HG11 sing N N 356 
VAL CG1 HG12 sing N N 357 
VAL CG1 HG13 sing N N 358 
VAL CG2 HG21 sing N N 359 
VAL CG2 HG22 sing N N 360 
VAL CG2 HG23 sing N N 361 
VAL OXT HXT  sing N N 362 
# 
_atom_sites.entry_id                    4NNG 
_atom_sites.fract_transf_matrix[1][1]   0.00638577 
_atom_sites.fract_transf_matrix[1][2]   -0.01413519 
_atom_sites.fract_transf_matrix[1][3]   0.01128571 
_atom_sites.fract_transf_matrix[2][1]   0.01681685 
_atom_sites.fract_transf_matrix[2][2]   0.00421637 
_atom_sites.fract_transf_matrix[2][3]   -0.00423451 
_atom_sites.fract_transf_matrix[3][1]   0.00054855 
_atom_sites.fract_transf_matrix[3][2]   0.00969319 
_atom_sites.fract_transf_matrix[3][3]   0.01183020 
_atom_sites.fract_transf_vector[1]      -0.108674 
_atom_sites.fract_transf_vector[2]      -0.010790 
_atom_sites.fract_transf_vector[3]      0.037581 
# 
loop_
_atom_type.symbol 
C 
N 
O 
S 
# 
loop_
_atom_site.group_PDB 
_atom_site.id 
_atom_site.type_symbol 
_atom_site.label_atom_id 
_atom_site.label_alt_id 
_atom_site.label_comp_id 
_atom_site.label_asym_id 
_atom_site.label_entity_id 
_atom_site.label_seq_id 
_atom_site.pdbx_PDB_ins_code 
_atom_site.Cartn_x 
_atom_site.Cartn_y 
_atom_site.Cartn_z 
_atom_site.occupancy 
_atom_site.B_iso_or_equiv 
_atom_site.pdbx_formal_charge 
_atom_site.auth_seq_id 
_atom_site.auth_comp_id 
_atom_site.auth_asym_id 
_atom_site.auth_atom_id 
_atom_site.pdbx_PDB_model_num 
ATOM   1    N N   . ASN A 1 1   ? -0.267  -17.202 -11.707 1.00 46.21 ? 278 ASN A N   1 
ATOM   2    C CA  . ASN A 1 1   ? -0.715  -16.817 -13.089 1.00 48.33 ? 278 ASN A CA  1 
ATOM   3    C C   . ASN A 1 1   ? -1.083  -15.348 -13.177 1.00 47.57 ? 278 ASN A C   1 
ATOM   4    O O   . ASN A 1 1   ? -1.967  -14.871 -12.472 1.00 40.08 ? 278 ASN A O   1 
ATOM   5    C CB  . ASN A 1 1   ? -1.905  -17.654 -13.586 1.00 56.00 ? 278 ASN A CB  1 
ATOM   6    C CG  . ASN A 1 1   ? -1.480  -19.012 -14.148 1.00 58.62 ? 278 ASN A CG  1 
ATOM   7    O OD1 . ASN A 1 1   ? -0.508  -19.621 -13.712 1.00 58.27 ? 278 ASN A OD1 1 
ATOM   8    N ND2 . ASN A 1 1   ? -2.193  -19.469 -15.139 1.00 61.84 ? 278 ASN A ND2 1 
ATOM   9    N N   . LEU A 1 2   ? -0.421  -14.639 -14.076 1.00 43.31 ? 279 LEU A N   1 
ATOM   10   C CA  . LEU A 1 2   ? -0.598  -13.192 -14.212 1.00 48.28 ? 279 LEU A CA  1 
ATOM   11   C C   . LEU A 1 2   ? -1.561  -12.849 -15.349 1.00 45.70 ? 279 LEU A C   1 
ATOM   12   O O   . LEU A 1 2   ? -1.485  -13.428 -16.435 1.00 51.75 ? 279 LEU A O   1 
ATOM   13   C CB  . LEU A 1 2   ? 0.774   -12.602 -14.511 1.00 50.80 ? 279 LEU A CB  1 
ATOM   14   C CG  . LEU A 1 2   ? 0.971   -11.120 -14.441 1.00 50.43 ? 279 LEU A CG  1 
ATOM   15   C CD1 . LEU A 1 2   ? -0.147  -10.485 -13.661 1.00 49.22 ? 279 LEU A CD1 1 
ATOM   16   C CD2 . LEU A 1 2   ? 2.350   -10.866 -13.823 1.00 48.22 ? 279 LEU A CD2 1 
ATOM   17   N N   . TYR A 1 3   ? -2.489  -11.952 -15.084 1.00 38.45 ? 280 TYR A N   1 
ATOM   18   C CA  . TYR A 1 3   ? -3.441  -11.542 -16.081 1.00 37.98 ? 280 TYR A CA  1 
ATOM   19   C C   . TYR A 1 3   ? -3.246  -10.062 -16.165 1.00 41.89 ? 280 TYR A C   1 
ATOM   20   O O   . TYR A 1 3   ? -2.976  -9.385  -15.133 1.00 41.32 ? 280 TYR A O   1 
ATOM   21   C CB  . TYR A 1 3   ? -4.867  -11.900 -15.654 1.00 38.76 ? 280 TYR A CB  1 
ATOM   22   C CG  . TYR A 1 3   ? -5.079  -13.398 -15.570 1.00 45.66 ? 280 TYR A CG  1 
ATOM   23   C CD1 . TYR A 1 3   ? -5.203  -14.159 -16.713 1.00 47.76 ? 280 TYR A CD1 1 
ATOM   24   C CD2 . TYR A 1 3   ? -5.075  -14.051 -14.336 1.00 44.86 ? 280 TYR A CD2 1 
ATOM   25   C CE1 . TYR A 1 3   ? -5.355  -15.526 -16.632 1.00 51.03 ? 280 TYR A CE1 1 
ATOM   26   C CE2 . TYR A 1 3   ? -5.220  -15.407 -14.238 1.00 52.46 ? 280 TYR A CE2 1 
ATOM   27   C CZ  . TYR A 1 3   ? -5.368  -16.147 -15.393 1.00 54.48 ? 280 TYR A CZ  1 
ATOM   28   O OH  . TYR A 1 3   ? -5.505  -17.523 -15.301 1.00 50.77 ? 280 TYR A OH  1 
ATOM   29   N N   . PHE A 1 4   ? -3.328  -9.557  -17.388 1.00 36.15 ? 281 PHE A N   1 
ATOM   30   C CA  . PHE A 1 4   ? -3.214  -8.141  -17.632 1.00 32.01 ? 281 PHE A CA  1 
ATOM   31   C C   . PHE A 1 4   ? -4.339  -7.437  -16.888 1.00 34.63 ? 281 PHE A C   1 
ATOM   32   O O   . PHE A 1 4   ? -4.120  -6.407  -16.273 1.00 30.59 ? 281 PHE A O   1 
ATOM   33   C CB  . PHE A 1 4   ? -3.402  -7.912  -19.120 1.00 30.70 ? 281 PHE A CB  1 
ATOM   34   C CG  . PHE A 1 4   ? -3.406  -6.472  -19.506 1.00 24.07 ? 281 PHE A CG  1 
ATOM   35   C CD1 . PHE A 1 4   ? -2.210  -5.774  -19.631 1.00 24.05 ? 281 PHE A CD1 1 
ATOM   36   C CD2 . PHE A 1 4   ? -4.600  -5.812  -19.667 1.00 23.02 ? 281 PHE A CD2 1 
ATOM   37   C CE1 . PHE A 1 4   ? -2.209  -4.452  -19.946 1.00 22.60 ? 281 PHE A CE1 1 
ATOM   38   C CE2 . PHE A 1 4   ? -4.609  -4.474  -20.041 1.00 24.32 ? 281 PHE A CE2 1 
ATOM   39   C CZ  . PHE A 1 4   ? -3.408  -3.792  -20.166 1.00 23.73 ? 281 PHE A CZ  1 
ATOM   40   N N   . GLN A 1 5   ? -5.543  -8.008  -17.020 1.00 32.54 ? 282 GLN A N   1 
ATOM   41   C CA  . GLN A 1 5   ? -6.735  -7.540  -16.390 1.00 38.11 ? 282 GLN A CA  1 
ATOM   42   C C   . GLN A 1 5   ? -6.553  -7.362  -14.845 1.00 32.28 ? 282 GLN A C   1 
ATOM   43   O O   . GLN A 1 5   ? -6.934  -6.356  -14.317 1.00 32.04 ? 282 GLN A O   1 
ATOM   44   C CB  . GLN A 1 5   ? -7.849  -8.535  -16.693 1.00 44.24 ? 282 GLN A CB  1 
ATOM   45   C CG  . GLN A 1 5   ? -9.121  -8.402  -15.864 1.00 49.57 ? 282 GLN A CG  1 
ATOM   46   C CD  . GLN A 1 5   ? -10.028 -9.649  -15.961 1.00 55.07 ? 282 GLN A CD  1 
ATOM   47   O OE1 . GLN A 1 5   ? -10.279 -10.327 -14.973 1.00 54.08 ? 282 GLN A OE1 1 
ATOM   48   N NE2 . GLN A 1 5   ? -10.518 -9.937  -17.154 1.00 57.95 ? 282 GLN A NE2 1 
ATOM   49   N N   . HIS A 1 6   ? -5.979  -8.329  -14.163 1.00 35.41 ? 283 HIS A N   1 
ATOM   50   C CA  . HIS A 1 6   ? -5.755  -8.195  -12.703 1.00 38.73 ? 283 HIS A CA  1 
ATOM   51   C C   . HIS A 1 6   ? -4.735  -7.071  -12.422 1.00 36.32 ? 283 HIS A C   1 
ATOM   52   O O   . HIS A 1 6   ? -4.951  -6.243  -11.543 1.00 30.30 ? 283 HIS A O   1 
ATOM   53   C CB  . HIS A 1 6   ? -5.372  -9.531  -12.091 1.00 42.23 ? 283 HIS A CB  1 
ATOM   54   C CG  . HIS A 1 6   ? -6.451  -10.580 -12.250 1.00 53.11 ? 283 HIS A CG  1 
ATOM   55   N ND1 . HIS A 1 6   ? -6.349  -11.854 -11.726 1.00 59.85 ? 283 HIS A ND1 1 
ATOM   56   C CD2 . HIS A 1 6   ? -7.645  -10.546 -12.902 1.00 59.85 ? 283 HIS A CD2 1 
ATOM   57   C CE1 . HIS A 1 6   ? -7.426  -12.556 -12.042 1.00 55.72 ? 283 HIS A CE1 1 
ATOM   58   N NE2 . HIS A 1 6   ? -8.229  -11.786 -12.753 1.00 57.51 ? 283 HIS A NE2 1 
ATOM   59   N N   . MET A 1 7   ? -3.671  -6.990  -13.216 1.00 30.65 ? 284 MET A N   1 
ATOM   60   C CA  . MET A 1 7   ? -2.682  -5.939  -12.989 1.00 31.57 ? 284 MET A CA  1 
ATOM   61   C C   . MET A 1 7   ? -3.266  -4.551  -13.310 1.00 30.11 ? 284 MET A C   1 
ATOM   62   O O   . MET A 1 7   ? -3.026  -3.595  -12.580 1.00 26.99 ? 284 MET A O   1 
ATOM   63   C CB  . MET A 1 7   ? -1.360  -6.121  -13.714 1.00 34.34 ? 284 MET A CB  1 
ATOM   64   C CG  . MET A 1 7   ? -0.300  -5.217  -13.089 1.00 37.40 ? 284 MET A CG  1 
ATOM   65   S SD  . MET A 1 7   ? 1.415   -5.706  -13.374 1.00 45.34 ? 284 MET A SD  1 
ATOM   66   C CE  . MET A 1 7   ? 1.575   -6.978  -12.130 1.00 50.68 ? 284 MET A CE  1 
ATOM   67   N N   . ARG A 1 8   ? -4.033  -4.461  -14.372 1.00 28.02 ? 285 ARG A N   1 
ATOM   68   C CA  . ARG A 1 8   ? -4.716  -3.228  -14.679 1.00 27.55 ? 285 ARG A CA  1 
ATOM   69   C C   . ARG A 1 8   ? -5.650  -2.838  -13.539 1.00 23.46 ? 285 ARG A C   1 
ATOM   70   O O   . ARG A 1 8   ? -5.760  -1.655  -13.190 1.00 23.90 ? 285 ARG A O   1 
ATOM   71   C CB  . ARG A 1 8   ? -5.491  -3.394  -15.970 1.00 30.53 ? 285 ARG A CB  1 
ATOM   72   C CG  . ARG A 1 8   ? -6.355  -2.224  -16.264 1.00 31.51 ? 285 ARG A CG  1 
ATOM   73   C CD  . ARG A 1 8   ? -6.998  -2.360  -17.632 1.00 33.81 ? 285 ARG A CD  1 
ATOM   74   N NE  . ARG A 1 8   ? -7.947  -1.284  -17.930 1.00 31.42 ? 285 ARG A NE  1 
ATOM   75   C CZ  . ARG A 1 8   ? -9.217  -1.305  -17.569 1.00 37.09 ? 285 ARG A CZ  1 
ATOM   76   N NH1 . ARG A 1 8   ? -9.710  -2.335  -16.876 1.00 40.17 ? 285 ARG A NH1 1 
ATOM   77   N NH2 . ARG A 1 8   ? -9.993  -0.280  -17.874 1.00 39.02 ? 285 ARG A NH2 1 
ATOM   78   N N   . HIS A 1 9   ? -6.368  -3.809  -12.981 1.00 23.70 ? 286 HIS A N   1 
ATOM   79   C CA  . HIS A 1 9   ? -7.284  -3.496  -11.875 1.00 24.02 ? 286 HIS A CA  1 
ATOM   80   C C   . HIS A 1 9   ? -6.472  -2.927  -10.680 1.00 24.58 ? 286 HIS A C   1 
ATOM   81   O O   . HIS A 1 9   ? -6.893  -1.956  -10.038 1.00 25.81 ? 286 HIS A O   1 
ATOM   82   C CB  . HIS A 1 9   ? -8.046  -4.740  -11.462 1.00 26.25 ? 286 HIS A CB  1 
ATOM   83   C CG  . HIS A 1 9   ? -8.994  -4.527  -10.338 1.00 32.95 ? 286 HIS A CG  1 
ATOM   84   N ND1 . HIS A 1 9   ? -10.124 -3.743  -10.459 1.00 34.94 ? 286 HIS A ND1 1 
ATOM   85   C CD2 . HIS A 1 9   ? -9.011  -5.030  -9.085  1.00 34.96 ? 286 HIS A CD2 1 
ATOM   86   C CE1 . HIS A 1 9   ? -10.774 -3.746  -9.308  1.00 36.62 ? 286 HIS A CE1 1 
ATOM   87   N NE2 . HIS A 1 9   ? -10.116 -4.507  -8.458  1.00 36.77 ? 286 HIS A NE2 1 
ATOM   88   N N   . PHE A 1 10  ? -5.370  -3.578  -10.358 1.00 24.19 ? 287 PHE A N   1 
ATOM   89   C CA  . PHE A 1 10  ? -4.551  -3.165  -9.242  1.00 22.73 ? 287 PHE A CA  1 
ATOM   90   C C   . PHE A 1 10  ? -4.122  -1.737  -9.472  1.00 22.42 ? 287 PHE A C   1 
ATOM   91   O O   . PHE A 1 10  ? -4.142  -0.901  -8.558  1.00 21.94 ? 287 PHE A O   1 
ATOM   92   C CB  . PHE A 1 10  ? -3.341  -4.112  -9.113  1.00 24.50 ? 287 PHE A CB  1 
ATOM   93   C CG  . PHE A 1 10  ? -2.376  -3.680  -8.045  1.00 24.56 ? 287 PHE A CG  1 
ATOM   94   C CD1 . PHE A 1 10  ? -1.426  -2.719  -8.300  1.00 26.46 ? 287 PHE A CD1 1 
ATOM   95   C CD2 . PHE A 1 10  ? -2.506  -4.191  -6.778  1.00 26.76 ? 287 PHE A CD2 1 
ATOM   96   C CE1 . PHE A 1 10  ? -0.557  -2.301  -7.296  1.00 27.47 ? 287 PHE A CE1 1 
ATOM   97   C CE2 . PHE A 1 10  ? -1.673  -3.767  -5.761  1.00 29.69 ? 287 PHE A CE2 1 
ATOM   98   C CZ  . PHE A 1 10  ? -0.705  -2.817  -6.020  1.00 25.53 ? 287 PHE A CZ  1 
ATOM   99   N N   . ALA A 1 11  ? -3.685  -1.428  -10.681 1.00 23.40 ? 288 ALA A N   1 
ATOM   100  C CA  . ALA A 1 11  ? -3.224  -0.054  -10.994 1.00 23.76 ? 288 ALA A CA  1 
ATOM   101  C C   . ALA A 1 11  ? -4.348  0.989   -10.875 1.00 29.65 ? 288 ALA A C   1 
ATOM   102  O O   . ALA A 1 11  ? -4.135  2.097   -10.444 1.00 25.55 ? 288 ALA A O   1 
ATOM   103  C CB  . ALA A 1 11  ? -2.661  0.002   -12.385 1.00 25.96 ? 288 ALA A CB  1 
ATOM   104  N N   . ARG A 1 12  ? -5.559  0.600   -11.253 1.00 25.72 ? 289 ARG A N   1 
ATOM   105  C CA  . ARG A 1 12  ? -6.678  1.516   -11.245 1.00 29.61 ? 289 ARG A CA  1 
ATOM   106  C C   . ARG A 1 12  ? -7.150  1.688   -9.814  1.00 29.55 ? 289 ARG A C   1 
ATOM   107  O O   . ARG A 1 12  ? -7.859  2.617   -9.536  1.00 34.81 ? 289 ARG A O   1 
ATOM   108  C CB  . ARG A 1 12  ? -7.821  0.968   -12.116 1.00 29.96 ? 289 ARG A CB  1 
ATOM   109  C CG  . ARG A 1 12  ? -7.433  0.974   -13.578 1.00 35.41 ? 289 ARG A CG  1 
ATOM   110  C CD  . ARG A 1 12  ? -8.446  0.269   -14.454 1.00 41.95 ? 289 ARG A CD  1 
ATOM   111  N NE  . ARG A 1 12  ? -9.658  1.051   -14.622 1.00 42.74 ? 289 ARG A NE  1 
ATOM   112  C CZ  . ARG A 1 12  ? -9.784  2.093   -15.450 1.00 51.94 ? 289 ARG A CZ  1 
ATOM   113  N NH1 . ARG A 1 12  ? -8.777  2.517   -16.221 1.00 53.21 ? 289 ARG A NH1 1 
ATOM   114  N NH2 . ARG A 1 12  ? -10.939 2.727   -15.504 1.00 55.58 ? 289 ARG A NH2 1 
ATOM   115  N N   . THR A 1 13  ? -6.721  0.835   -8.899  1.00 29.44 ? 290 THR A N   1 
ATOM   116  C CA  . THR A 1 13  ? -7.105  1.012   -7.518  1.00 31.18 ? 290 THR A CA  1 
ATOM   117  C C   . THR A 1 13  ? -5.972  1.341   -6.543  1.00 33.12 ? 290 THR A C   1 
ATOM   118  O O   . THR A 1 13  ? -6.221  1.559   -5.366  1.00 32.73 ? 290 THR A O   1 
ATOM   119  C CB  . THR A 1 13  ? -7.899  -0.227  -7.061  1.00 30.61 ? 290 THR A CB  1 
ATOM   120  O OG1 . THR A 1 13  ? -7.107  -1.404  -7.226  1.00 26.38 ? 290 THR A OG1 1 
ATOM   121  C CG2 . THR A 1 13  ? -9.135  -0.390  -7.946  1.00 31.62 ? 290 THR A CG2 1 
ATOM   122  N N   . HIS A 1 14  ? -4.730  1.367   -7.002  1.00 29.33 ? 291 HIS A N   1 
ATOM   123  C CA  . HIS A 1 14  ? -3.612  1.695   -6.141  1.00 29.34 ? 291 HIS A CA  1 
ATOM   124  C C   . HIS A 1 14  ? -2.782  2.762   -6.758  1.00 32.53 ? 291 HIS A C   1 
ATOM   125  O O   . HIS A 1 14  ? -1.941  2.507   -7.662  1.00 34.44 ? 291 HIS A O   1 
ATOM   126  C CB  . HIS A 1 14  ? -2.717  0.464   -5.890  1.00 26.18 ? 291 HIS A CB  1 
ATOM   127  C CG  . HIS A 1 14  ? -3.424  -0.638  -5.163  1.00 27.17 ? 291 HIS A CG  1 
ATOM   128  N ND1 . HIS A 1 14  ? -4.346  -1.467  -5.770  1.00 27.04 ? 291 HIS A ND1 1 
ATOM   129  C CD2 . HIS A 1 14  ? -3.361  -1.031  -3.879  1.00 26.30 ? 291 HIS A CD2 1 
ATOM   130  C CE1 . HIS A 1 14  ? -4.829  -2.312  -4.880  1.00 28.13 ? 291 HIS A CE1 1 
ATOM   131  N NE2 . HIS A 1 14  ? -4.241  -2.063  -3.727  1.00 27.47 ? 291 HIS A NE2 1 
ATOM   132  N N   . ALA A 1 15  ? -2.968  3.944   -6.220  1.00 31.88 ? 292 ALA A N   1 
ATOM   133  C CA  . ALA A 1 15  ? -2.210  5.133   -6.576  1.00 31.48 ? 292 ALA A CA  1 
ATOM   134  C C   . ALA A 1 15  ? -0.713  4.909   -6.360  1.00 24.81 ? 292 ALA A C   1 
ATOM   135  O O   . ALA A 1 15  ? -0.290  4.255   -5.414  1.00 22.57 ? 292 ALA A O   1 
ATOM   136  C CB  . ALA A 1 15  ? -2.676  6.285   -5.649  1.00 34.20 ? 292 ALA A CB  1 
ATOM   137  N N   . ILE A 1 16  ? 0.096   5.478   -7.223  1.00 26.94 ? 293 ILE A N   1 
ATOM   138  C CA  . ILE A 1 16  ? 1.501   5.552   -6.991  1.00 26.04 ? 293 ILE A CA  1 
ATOM   139  C C   . ILE A 1 16  ? 1.689   6.279   -5.672  1.00 25.35 ? 293 ILE A C   1 
ATOM   140  O O   . ILE A 1 16  ? 0.988   7.253   -5.389  1.00 28.62 ? 293 ILE A O   1 
ATOM   141  C CB  . ILE A 1 16  ? 2.215   6.354   -8.098  1.00 29.45 ? 293 ILE A CB  1 
ATOM   142  C CG1 . ILE A 1 16  ? 2.021   5.673   -9.454  1.00 32.32 ? 293 ILE A CG1 1 
ATOM   143  C CG2 . ILE A 1 16  ? 3.695   6.515   -7.733  1.00 26.26 ? 293 ILE A CG2 1 
ATOM   144  C CD1 . ILE A 1 16  ? 2.353   4.189   -9.501  1.00 30.60 ? 293 ILE A CD1 1 
ATOM   145  N N   . GLY A 1 17  ? 2.577   5.762   -4.850  1.00 24.11 ? 294 GLY A N   1 
ATOM   146  C CA  . GLY A 1 17  ? 2.805   6.237   -3.499  1.00 23.03 ? 294 GLY A CA  1 
ATOM   147  C C   . GLY A 1 17  ? 2.085   5.484   -2.423  1.00 23.19 ? 294 GLY A C   1 
ATOM   148  O O   . GLY A 1 17  ? 2.440   5.586   -1.251  1.00 25.57 ? 294 GLY A O   1 
ATOM   149  N N   . GLN A 1 18  ? 1.105   4.660   -2.783  1.00 24.99 ? 295 GLN A N   1 
ATOM   150  C CA  . GLN A 1 18  ? 0.432   3.876   -1.784  1.00 24.13 ? 295 GLN A CA  1 
ATOM   151  C C   . GLN A 1 18  ? 1.419   2.948   -1.024  1.00 20.82 ? 295 GLN A C   1 
ATOM   152  O O   . GLN A 1 18  ? 2.295   2.355   -1.618  1.00 20.73 ? 295 GLN A O   1 
ATOM   153  C CB  . GLN A 1 18  ? -0.650  2.986   -2.402  1.00 29.85 ? 295 GLN A CB  1 
ATOM   154  C CG  . GLN A 1 18  ? -1.980  3.615   -2.801  1.00 40.19 ? 295 GLN A CG  1 
ATOM   155  C CD  . GLN A 1 18  ? -2.516  4.614   -1.770  1.00 39.42 ? 295 GLN A CD  1 
ATOM   156  O OE1 . GLN A 1 18  ? -2.183  5.801   -1.816  1.00 34.68 ? 295 GLN A OE1 1 
ATOM   157  N NE2 . GLN A 1 18  ? -3.345  4.140   -0.849  1.00 36.78 ? 295 GLN A NE2 1 
ATOM   158  N N   . ILE A 1 19  ? 1.196   2.797   0.260   1.00 20.13 ? 296 ILE A N   1 
ATOM   159  C CA  . ILE A 1 19  ? 1.920   1.844   1.076   1.00 21.13 ? 296 ILE A CA  1 
ATOM   160  C C   . ILE A 1 19  ? 1.078   0.634   1.336   1.00 23.27 ? 296 ILE A C   1 
ATOM   161  O O   . ILE A 1 19  ? 0.010   0.753   1.920   1.00 26.16 ? 296 ILE A O   1 
ATOM   162  C CB  . ILE A 1 19  ? 2.388   2.467   2.374   1.00 23.32 ? 296 ILE A CB  1 
ATOM   163  C CG1 . ILE A 1 19  ? 3.316   3.622   2.027   1.00 25.08 ? 296 ILE A CG1 1 
ATOM   164  C CG2 . ILE A 1 19  ? 3.161   1.451   3.174   1.00 24.80 ? 296 ILE A CG2 1 
ATOM   165  C CD1 . ILE A 1 19  ? 3.683   4.505   3.190   1.00 27.19 ? 296 ILE A CD1 1 
ATOM   166  N N   . VAL A 1 20  ? 1.563   -0.526  0.863   1.00 21.29 ? 297 VAL A N   1 
ATOM   167  C CA  . VAL A 1 20  ? 0.814   -1.768  0.861   1.00 22.20 ? 297 VAL A CA  1 
ATOM   168  C C   . VAL A 1 20  ? 1.486   -2.905  1.630   1.00 22.42 ? 297 VAL A C   1 
ATOM   169  O O   . VAL A 1 20  ? 2.693   -2.917  1.744   1.00 20.48 ? 297 VAL A O   1 
ATOM   170  C CB  . VAL A 1 20  ? 0.554   -2.251  -0.575  1.00 24.57 ? 297 VAL A CB  1 
ATOM   171  C CG1 . VAL A 1 20  ? -0.325  -1.254  -1.353  1.00 23.88 ? 297 VAL A CG1 1 
ATOM   172  C CG2 . VAL A 1 20  ? 1.850   -2.588  -1.272  1.00 27.57 ? 297 VAL A CG2 1 
ATOM   173  N N   . ALA A 1 21  ? 0.726   -3.850  2.143   1.00 23.12 ? 298 ALA A N   1 
ATOM   174  C CA  . ALA A 1 21  ? 1.304   -5.010  2.864   1.00 22.59 ? 298 ALA A CA  1 
ATOM   175  C C   . ALA A 1 21  ? 1.724   -6.012  1.855   1.00 24.09 ? 298 ALA A C   1 
ATOM   176  O O   . ALA A 1 21  ? 0.976   -6.342  0.971   1.00 22.11 ? 298 ALA A O   1 
ATOM   177  C CB  . ALA A 1 21  ? 0.327   -5.637  3.844   1.00 26.89 ? 298 ALA A CB  1 
ATOM   178  N N   . GLY A 1 22  ? 2.964   -6.481  1.944   1.00 22.16 ? 299 GLY A N   1 
ATOM   179  C CA  . GLY A 1 22  ? 3.508   -7.385  0.991   1.00 23.29 ? 299 GLY A CA  1 
ATOM   180  C C   . GLY A 1 22  ? 4.146   -8.554  1.689   1.00 25.71 ? 299 GLY A C   1 
ATOM   181  O O   . GLY A 1 22  ? 4.452   -8.445  2.843   1.00 23.46 ? 299 GLY A O   1 
ATOM   182  N N   . LYS A 1 23  ? 4.358   -9.650  0.982   1.00 27.24 ? 300 LYS A N   1 
ATOM   183  C CA  . LYS A 1 23  ? 5.096   -10.807 1.526   1.00 25.90 ? 300 LYS A CA  1 
ATOM   184  C C   . LYS A 1 23  ? 6.295   -11.026 0.695   1.00 22.56 ? 300 LYS A C   1 
ATOM   185  O O   . LYS A 1 23  ? 6.191   -11.107 -0.529  1.00 24.29 ? 300 LYS A O   1 
ATOM   186  C CB  . LYS A 1 23  ? 4.258   -12.100 1.456   1.00 29.51 ? 300 LYS A CB  1 
ATOM   187  C CG  . LYS A 1 23  ? 4.983   -13.284 2.100   1.00 31.69 ? 300 LYS A CG  1 
ATOM   188  C CD  . LYS A 1 23  ? 4.831   -13.193 3.604   1.00 36.89 ? 300 LYS A CD  1 
ATOM   189  C CE  . LYS A 1 23  ? 3.491   -13.774 4.068   1.00 36.10 ? 300 LYS A CE  1 
ATOM   190  N NZ  . LYS A 1 23  ? 3.201   -13.523 5.530   1.00 37.93 ? 300 LYS A NZ  1 
ATOM   191  N N   . VAL A 1 24  ? 7.456   -11.125 1.345   1.00 23.87 ? 301 VAL A N   1 
ATOM   192  C CA  . VAL A 1 24  ? 8.683   -11.384 0.627   1.00 23.76 ? 301 VAL A CA  1 
ATOM   193  C C   . VAL A 1 24  ? 8.648   -12.835 0.153   1.00 25.09 ? 301 VAL A C   1 
ATOM   194  O O   . VAL A 1 24  ? 8.602   -13.749 0.974   1.00 24.92 ? 301 VAL A O   1 
ATOM   195  C CB  . VAL A 1 24  ? 9.933   -11.092 1.502   1.00 22.96 ? 301 VAL A CB  1 
ATOM   196  C CG1 . VAL A 1 24  ? 11.198  -11.468 0.750   1.00 22.87 ? 301 VAL A CG1 1 
ATOM   197  C CG2 . VAL A 1 24  ? 9.970   -9.630  1.884   1.00 21.63 ? 301 VAL A CG2 1 
ATOM   198  N N   . THR A 1 25  ? 8.752   -13.053 -1.166  1.00 23.76 ? 302 THR A N   1 
ATOM   199  C CA  . THR A 1 25  ? 8.626   -14.414 -1.701  1.00 25.96 ? 302 THR A CA  1 
ATOM   200  C C   . THR A 1 25  ? 9.898   -15.021 -2.267  1.00 26.53 ? 302 THR A C   1 
ATOM   201  O O   . THR A 1 25  ? 10.035  -16.231 -2.338  1.00 26.31 ? 302 THR A O   1 
ATOM   202  C CB  . THR A 1 25  ? 7.599   -14.485 -2.827  1.00 24.00 ? 302 THR A CB  1 
ATOM   203  O OG1 . THR A 1 25  ? 7.991   -13.587 -3.862  1.00 30.56 ? 302 THR A OG1 1 
ATOM   204  C CG2 . THR A 1 25  ? 6.256   -14.169 -2.319  1.00 26.17 ? 302 THR A CG2 1 
ATOM   205  N N   . LYS A 1 26  ? 10.806  -14.184 -2.708  1.00 30.87 ? 303 LYS A N   1 
ATOM   206  C CA  . LYS A 1 26  ? 11.985  -14.661 -3.351  1.00 29.65 ? 303 LYS A CA  1 
ATOM   207  C C   . LYS A 1 26  ? 13.071  -13.604 -3.371  1.00 31.69 ? 303 LYS A C   1 
ATOM   208  O O   . LYS A 1 26  ? 12.823  -12.437 -3.660  1.00 25.46 ? 303 LYS A O   1 
ATOM   209  C CB  . LYS A 1 26  ? 11.648  -15.100 -4.765  1.00 34.44 ? 303 LYS A CB  1 
ATOM   210  C CG  . LYS A 1 26  ? 12.857  -15.555 -5.534  1.00 36.14 ? 303 LYS A CG  1 
ATOM   211  C CD  . LYS A 1 26  ? 12.486  -16.232 -6.818  1.00 43.31 ? 303 LYS A CD  1 
ATOM   212  C CE  . LYS A 1 26  ? 13.566  -17.256 -7.152  1.00 49.81 ? 303 LYS A CE  1 
ATOM   213  N NZ  . LYS A 1 26  ? 13.637  -17.514 -8.613  1.00 54.13 ? 303 LYS A NZ  1 
ATOM   214  N N   . LEU A 1 27  ? 14.292  -14.050 -3.093  1.00 28.44 ? 304 LEU A N   1 
ATOM   215  C CA  . LEU A 1 27  ? 15.453  -13.191 -3.106  1.00 29.75 ? 304 LEU A CA  1 
ATOM   216  C C   . LEU A 1 27  ? 16.312  -13.515 -4.303  1.00 31.38 ? 304 LEU A C   1 
ATOM   217  O O   . LEU A 1 27  ? 16.552  -14.673 -4.590  1.00 32.96 ? 304 LEU A O   1 
ATOM   218  C CB  . LEU A 1 27  ? 16.237  -13.409 -1.831  1.00 32.09 ? 304 LEU A CB  1 
ATOM   219  C CG  . LEU A 1 27  ? 15.886  -12.564 -0.618  1.00 31.17 ? 304 LEU A CG  1 
ATOM   220  C CD1 . LEU A 1 27  ? 14.469  -12.044 -0.537  1.00 33.64 ? 304 LEU A CD1 1 
ATOM   221  C CD2 . LEU A 1 27  ? 16.310  -13.208 0.683   1.00 34.26 ? 304 LEU A CD2 1 
ATOM   222  N N   . VAL A 1 28  ? 16.731  -12.472 -5.002  1.00 28.33 ? 305 VAL A N   1 
ATOM   223  C CA  . VAL A 1 28  ? 17.627  -12.562 -6.119  1.00 31.24 ? 305 VAL A CA  1 
ATOM   224  C C   . VAL A 1 28  ? 18.781  -11.571 -5.911  1.00 29.66 ? 305 VAL A C   1 
ATOM   225  O O   . VAL A 1 28  ? 18.696  -10.727 -5.006  1.00 27.63 ? 305 VAL A O   1 
ATOM   226  C CB  . VAL A 1 28  ? 16.869  -12.276 -7.421  1.00 34.54 ? 305 VAL A CB  1 
ATOM   227  C CG1 . VAL A 1 28  ? 15.868  -13.418 -7.662  1.00 35.57 ? 305 VAL A CG1 1 
ATOM   228  C CG2 . VAL A 1 28  ? 16.195  -10.887 -7.362  1.00 38.71 ? 305 VAL A CG2 1 
ATOM   229  N N   . PRO A 1 29  ? 19.859  -11.649 -6.741  1.00 31.00 ? 306 PRO A N   1 
ATOM   230  C CA  . PRO A 1 29  ? 20.955  -10.717 -6.427  1.00 30.83 ? 306 PRO A CA  1 
ATOM   231  C C   . PRO A 1 29  ? 20.570  -9.224  -6.511  1.00 27.22 ? 306 PRO A C   1 
ATOM   232  O O   . PRO A 1 29  ? 21.147  -8.408  -5.814  1.00 30.02 ? 306 PRO A O   1 
ATOM   233  C CB  . PRO A 1 29  ? 22.030  -11.044 -7.494  1.00 33.00 ? 306 PRO A CB  1 
ATOM   234  C CG  . PRO A 1 29  ? 21.691  -12.367 -8.030  1.00 32.84 ? 306 PRO A CG  1 
ATOM   235  C CD  . PRO A 1 29  ? 20.199  -12.514 -7.902  1.00 30.40 ? 306 PRO A CD  1 
ATOM   236  N N   . PHE A 1 30  ? 19.569  -8.876  -7.298  1.00 29.41 ? 307 PHE A N   1 
ATOM   237  C CA  . PHE A 1 30  ? 19.238  -7.474  -7.524  1.00 31.17 ? 307 PHE A CA  1 
ATOM   238  C C   . PHE A 1 30  ? 18.013  -6.990  -6.753  1.00 28.74 ? 307 PHE A C   1 
ATOM   239  O O   . PHE A 1 30  ? 17.517  -5.871  -7.001  1.00 27.18 ? 307 PHE A O   1 
ATOM   240  C CB  . PHE A 1 30  ? 19.067  -7.190  -9.035  1.00 34.30 ? 307 PHE A CB  1 
ATOM   241  C CG  . PHE A 1 30  ? 18.140  -8.130  -9.722  1.00 39.43 ? 307 PHE A CG  1 
ATOM   242  C CD1 . PHE A 1 30  ? 16.781  -7.883  -9.765  1.00 42.17 ? 307 PHE A CD1 1 
ATOM   243  C CD2 . PHE A 1 30  ? 18.616  -9.296  -10.291 1.00 43.13 ? 307 PHE A CD2 1 
ATOM   244  C CE1 . PHE A 1 30  ? 15.900  -8.786  -10.384 1.00 43.48 ? 307 PHE A CE1 1 
ATOM   245  C CE2 . PHE A 1 30  ? 17.757  -10.190 -10.917 1.00 44.52 ? 307 PHE A CE2 1 
ATOM   246  C CZ  . PHE A 1 30  ? 16.394  -9.941  -10.962 1.00 48.34 ? 307 PHE A CZ  1 
ATOM   247  N N   . GLY A 1 31  ? 17.515  -7.804  -5.826  1.00 27.06 ? 308 GLY A N   1 
ATOM   248  C CA  . GLY A 1 31  ? 16.423  -7.340  -4.980  1.00 24.05 ? 308 GLY A CA  1 
ATOM   249  C C   . GLY A 1 31  ? 15.546  -8.444  -4.430  1.00 23.23 ? 308 GLY A C   1 
ATOM   250  O O   . GLY A 1 31  ? 15.960  -9.582  -4.260  1.00 20.94 ? 308 GLY A O   1 
ATOM   251  N N   . ALA A 1 32  ? 14.325  -8.087  -4.080  1.00 21.04 ? 309 ALA A N   1 
ATOM   252  C CA  . ALA A 1 32  ? 13.420  -9.076  -3.478  1.00 21.10 ? 309 ALA A CA  1 
ATOM   253  C C   . ALA A 1 32  ? 12.052  -8.935  -4.081  1.00 23.03 ? 309 ALA A C   1 
ATOM   254  O O   . ALA A 1 32  ? 11.506  -7.837  -4.153  1.00 21.73 ? 309 ALA A O   1 
ATOM   255  C CB  . ALA A 1 32  ? 13.318  -8.882  -1.990  1.00 20.49 ? 309 ALA A CB  1 
ATOM   256  N N   . PHE A 1 33  ? 11.522  -10.057 -4.561  1.00 24.41 ? 310 PHE A N   1 
ATOM   257  C CA  . PHE A 1 33  ? 10.144  -10.099 -5.005  1.00 25.91 ? 310 PHE A CA  1 
ATOM   258  C C   . PHE A 1 33  ? 9.223   -10.130 -3.814  1.00 24.38 ? 310 PHE A C   1 
ATOM   259  O O   . PHE A 1 33  ? 9.464   -10.829 -2.813  1.00 24.15 ? 310 PHE A O   1 
ATOM   260  C CB  . PHE A 1 33  ? 9.915   -11.301 -5.924  1.00 25.16 ? 310 PHE A CB  1 
ATOM   261  C CG  . PHE A 1 33  ? 10.597  -11.144 -7.243  1.00 27.99 ? 310 PHE A CG  1 
ATOM   262  C CD1 . PHE A 1 33  ? 10.042  -10.324 -8.232  1.00 29.27 ? 310 PHE A CD1 1 
ATOM   263  C CD2 . PHE A 1 33  ? 11.799  -11.759 -7.482  1.00 29.41 ? 310 PHE A CD2 1 
ATOM   264  C CE1 . PHE A 1 33  ? 10.678  -10.147 -9.417  1.00 32.25 ? 310 PHE A CE1 1 
ATOM   265  C CE2 . PHE A 1 33  ? 12.421  -11.633 -8.706  1.00 34.85 ? 310 PHE A CE2 1 
ATOM   266  C CZ  . PHE A 1 33  ? 11.874  -10.809 -9.678  1.00 35.02 ? 310 PHE A CZ  1 
ATOM   267  N N   . VAL A 1 34  ? 8.179   -9.321  -3.896  1.00 23.09 ? 311 VAL A N   1 
ATOM   268  C CA  . VAL A 1 34  ? 7.228   -9.166  -2.850  1.00 23.94 ? 311 VAL A CA  1 
ATOM   269  C C   . VAL A 1 34  ? 5.819   -9.302  -3.426  1.00 26.66 ? 311 VAL A C   1 
ATOM   270  O O   . VAL A 1 34  ? 5.447   -8.575  -4.337  1.00 27.65 ? 311 VAL A O   1 
ATOM   271  C CB  . VAL A 1 34  ? 7.401   -7.782  -2.201  1.00 25.86 ? 311 VAL A CB  1 
ATOM   272  C CG1 . VAL A 1 34  ? 6.329   -7.517  -1.178  1.00 27.01 ? 311 VAL A CG1 1 
ATOM   273  C CG2 . VAL A 1 34  ? 8.789   -7.665  -1.567  1.00 26.01 ? 311 VAL A CG2 1 
ATOM   274  N N   . ARG A 1 35  ? 5.012   -10.198 -2.867  1.00 27.71 ? 312 ARG A N   1 
ATOM   275  C CA  . ARG A 1 35  ? 3.654   -10.368 -3.368  1.00 28.59 ? 312 ARG A CA  1 
ATOM   276  C C   . ARG A 1 35  ? 2.757   -9.447  -2.577  1.00 25.24 ? 312 ARG A C   1 
ATOM   277  O O   . ARG A 1 35  ? 2.656   -9.529  -1.359  1.00 24.81 ? 312 ARG A O   1 
ATOM   278  C CB  . ARG A 1 35  ? 3.181   -11.818 -3.259  1.00 29.96 ? 312 ARG A CB  1 
ATOM   279  C CG  . ARG A 1 35  ? 1.757   -12.048 -3.752  1.00 31.80 ? 312 ARG A CG  1 
ATOM   280  C CD  . ARG A 1 35  ? 1.352   -13.521 -3.637  1.00 38.75 ? 312 ARG A CD  1 
ATOM   281  N NE  . ARG A 1 35  ? -0.097  -13.812 -3.744  1.00 39.74 ? 312 ARG A NE  1 
ATOM   282  C CZ  . ARG A 1 35  ? -1.012  -13.542 -2.799  1.00 44.99 ? 312 ARG A CZ  1 
ATOM   283  N NH1 . ARG A 1 35  ? -0.712  -12.896 -1.689  1.00 43.05 ? 312 ARG A NH1 1 
ATOM   284  N NH2 . ARG A 1 35  ? -2.282  -13.900 -2.987  1.00 49.34 ? 312 ARG A NH2 1 
ATOM   285  N N   . VAL A 1 36  ? 2.054   -8.589  -3.285  1.00 25.28 ? 313 VAL A N   1 
ATOM   286  C CA  . VAL A 1 36  ? 1.159   -7.662  -2.599  1.00 29.72 ? 313 VAL A CA  1 
ATOM   287  C C   . VAL A 1 36  ? -0.307  -8.163  -2.607  1.00 34.56 ? 313 VAL A C   1 
ATOM   288  O O   . VAL A 1 36  ? -1.040  -7.936  -1.654  1.00 36.75 ? 313 VAL A O   1 
ATOM   289  C CB  . VAL A 1 36  ? 1.271   -6.243  -3.167  1.00 30.94 ? 313 VAL A CB  1 
ATOM   290  C CG1 . VAL A 1 36  ? 2.717   -5.780  -3.120  1.00 31.97 ? 313 VAL A CG1 1 
ATOM   291  C CG2 . VAL A 1 36  ? 0.831   -6.196  -4.581  1.00 40.43 ? 313 VAL A CG2 1 
ATOM   292  N N   . GLU A 1 37  ? -0.713  -8.850  -3.659  1.00 34.60 ? 314 GLU A N   1 
ATOM   293  C CA  . GLU A 1 37  ? -2.110  -9.273  -3.804  1.00 41.05 ? 314 GLU A CA  1 
ATOM   294  C C   . GLU A 1 37  ? -2.173  -10.512 -4.661  1.00 41.53 ? 314 GLU A C   1 
ATOM   295  O O   . GLU A 1 37  ? -1.190  -10.887 -5.340  1.00 33.08 ? 314 GLU A O   1 
ATOM   296  C CB  . GLU A 1 37  ? -2.852  -8.196  -4.522  1.00 41.51 ? 314 GLU A CB  1 
ATOM   297  C CG  . GLU A 1 37  ? -4.281  -8.081  -4.165  1.00 53.33 ? 314 GLU A CG  1 
ATOM   298  C CD  . GLU A 1 37  ? -4.789  -6.877  -4.878  1.00 53.98 ? 314 GLU A CD  1 
ATOM   299  O OE1 . GLU A 1 37  ? -5.102  -7.033  -6.076  1.00 58.69 ? 314 GLU A OE1 1 
ATOM   300  O OE2 . GLU A 1 37  ? -4.767  -5.785  -4.279  1.00 51.94 ? 314 GLU A OE2 1 
ATOM   301  N N   . GLU A 1 38  ? -3.333  -11.155 -4.668  1.00 49.56 ? 315 GLU A N   1 
ATOM   302  C CA  . GLU A 1 38  ? -3.447  -12.373 -5.471  1.00 50.09 ? 315 GLU A CA  1 
ATOM   303  C C   . GLU A 1 38  ? -2.989  -12.091 -6.894  1.00 47.55 ? 315 GLU A C   1 
ATOM   304  O O   . GLU A 1 38  ? -3.497  -11.198 -7.574  1.00 49.09 ? 315 GLU A O   1 
ATOM   305  C CB  . GLU A 1 38  ? -4.850  -12.992 -5.445  1.00 55.99 ? 315 GLU A CB  1 
ATOM   306  C CG  . GLU A 1 38  ? -4.827  -14.426 -5.984  1.00 59.64 ? 315 GLU A CG  1 
ATOM   307  C CD  . GLU A 1 38  ? -6.141  -14.877 -6.583  1.00 66.39 ? 315 GLU A CD  1 
ATOM   308  O OE1 . GLU A 1 38  ? -7.215  -14.406 -6.139  1.00 67.20 ? 315 GLU A OE1 1 
ATOM   309  O OE2 . GLU A 1 38  ? -6.088  -15.712 -7.506  1.00 61.19 ? 315 GLU A OE2 1 
ATOM   310  N N   . GLY A 1 39  ? -1.971  -12.819 -7.331  1.00 45.79 ? 316 GLY A N   1 
ATOM   311  C CA  . GLY A 1 39  ? -1.434  -12.602 -8.666  1.00 40.76 ? 316 GLY A CA  1 
ATOM   312  C C   . GLY A 1 39  ? -0.745  -11.290 -8.921  1.00 43.36 ? 316 GLY A C   1 
ATOM   313  O O   . GLY A 1 39  ? -0.483  -10.970 -10.085 1.00 45.89 ? 316 GLY A O   1 
ATOM   314  N N   . ILE A 1 40  ? -0.405  -10.529 -7.866  1.00 37.02 ? 317 ILE A N   1 
ATOM   315  C CA  . ILE A 1 40  ? 0.244   -9.266  -8.035  1.00 34.99 ? 317 ILE A CA  1 
ATOM   316  C C   . ILE A 1 40  ? 1.526   -9.283  -7.224  1.00 34.76 ? 317 ILE A C   1 
ATOM   317  O O   . ILE A 1 40  ? 1.480   -9.223  -6.039  1.00 31.36 ? 317 ILE A O   1 
ATOM   318  C CB  . ILE A 1 40  ? -0.635  -8.129  -7.534  1.00 37.86 ? 317 ILE A CB  1 
ATOM   319  C CG1 . ILE A 1 40  ? -1.965  -8.091  -8.326  1.00 36.39 ? 317 ILE A CG1 1 
ATOM   320  C CG2 . ILE A 1 40  ? 0.080   -6.835  -7.689  1.00 39.21 ? 317 ILE A CG2 1 
ATOM   321  C CD1 . ILE A 1 40  ? -1.817  -7.950  -9.803  1.00 37.44 ? 317 ILE A CD1 1 
ATOM   322  N N   . GLU A 1 41  ? 2.640   -9.411  -7.902  1.00 28.09 ? 318 GLU A N   1 
ATOM   323  C CA  . GLU A 1 41  ? 3.948   -9.446  -7.306  1.00 35.15 ? 318 GLU A CA  1 
ATOM   324  C C   . GLU A 1 41  ? 4.684   -8.269  -7.858  1.00 33.00 ? 318 GLU A C   1 
ATOM   325  O O   . GLU A 1 41  ? 4.490   -7.930  -9.011  1.00 36.29 ? 318 GLU A O   1 
ATOM   326  C CB  . GLU A 1 41  ? 4.684   -10.734 -7.671  1.00 34.96 ? 318 GLU A CB  1 
ATOM   327  C CG  . GLU A 1 41  ? 5.877   -11.024 -6.774  1.00 37.20 ? 318 GLU A CG  1 
ATOM   328  C CD  . GLU A 1 41  ? 6.385   -12.463 -6.864  1.00 38.57 ? 318 GLU A CD  1 
ATOM   329  O OE1 . GLU A 1 41  ? 6.113   -13.253 -5.916  1.00 43.65 ? 318 GLU A OE1 1 
ATOM   330  O OE2 . GLU A 1 41  ? 7.025   -12.791 -7.868  1.00 39.21 ? 318 GLU A OE2 1 
ATOM   331  N N   . GLY A 1 42  ? 5.485   -7.615  -7.015  1.00 31.50 ? 319 GLY A N   1 
ATOM   332  C CA  . GLY A 1 42  ? 6.404   -6.576  -7.469  1.00 26.77 ? 319 GLY A CA  1 
ATOM   333  C C   . GLY A 1 42  ? 7.842   -6.882  -7.063  1.00 28.40 ? 319 GLY A C   1 
ATOM   334  O O   . GLY A 1 42  ? 8.118   -7.835  -6.318  1.00 25.35 ? 319 GLY A O   1 
ATOM   335  N N   . LEU A 1 43  ? 8.762   -6.039  -7.520  1.00 27.68 ? 320 LEU A N   1 
ATOM   336  C CA  . LEU A 1 43  ? 10.154  -6.152  -7.173  1.00 26.05 ? 320 LEU A CA  1 
ATOM   337  C C   . LEU A 1 43  ? 10.581  -4.943  -6.331  1.00 24.94 ? 320 LEU A C   1 
ATOM   338  O O   . LEU A 1 43  ? 10.339  -3.793  -6.730  1.00 22.24 ? 320 LEU A O   1 
ATOM   339  C CB  . LEU A 1 43  ? 10.990  -6.173  -8.447  1.00 29.57 ? 320 LEU A CB  1 
ATOM   340  C CG  . LEU A 1 43  ? 12.529  -6.043  -8.226  1.00 31.29 ? 320 LEU A CG  1 
ATOM   341  C CD1 . LEU A 1 43  ? 13.178  -7.206  -7.520  1.00 30.85 ? 320 LEU A CD1 1 
ATOM   342  C CD2 . LEU A 1 43  ? 13.179  -5.802  -9.576  1.00 36.86 ? 320 LEU A CD2 1 
ATOM   343  N N   . VAL A 1 44  ? 11.208  -5.202  -5.187  1.00 24.67 ? 321 VAL A N   1 
ATOM   344  C CA  . VAL A 1 44  ? 11.942  -4.178  -4.463  1.00 22.31 ? 321 VAL A CA  1 
ATOM   345  C C   . VAL A 1 44  ? 13.393  -4.276  -4.927  1.00 23.38 ? 321 VAL A C   1 
ATOM   346  O O   . VAL A 1 44  ? 14.090  -5.237  -4.649  1.00 21.95 ? 321 VAL A O   1 
ATOM   347  C CB  . VAL A 1 44  ? 11.903  -4.309  -2.931  1.00 21.28 ? 321 VAL A CB  1 
ATOM   348  C CG1 . VAL A 1 44  ? 12.617  -3.088  -2.291  1.00 20.81 ? 321 VAL A CG1 1 
ATOM   349  C CG2 . VAL A 1 44  ? 10.468  -4.354  -2.375  1.00 21.07 ? 321 VAL A CG2 1 
ATOM   350  N N   . HIS A 1 45  ? 13.854  -3.302  -5.680  1.00 22.62 ? 322 HIS A N   1 
ATOM   351  C CA  . HIS A 1 45  ? 15.245  -3.330  -6.072  1.00 23.85 ? 322 HIS A CA  1 
ATOM   352  C C   . HIS A 1 45  ? 16.146  -3.302  -4.799  1.00 23.20 ? 322 HIS A C   1 
ATOM   353  O O   . HIS A 1 45  ? 15.768  -2.754  -3.738  1.00 21.48 ? 322 HIS A O   1 
ATOM   354  C CB  . HIS A 1 45  ? 15.551  -2.168  -6.989  1.00 26.78 ? 322 HIS A CB  1 
ATOM   355  C CG  . HIS A 1 45  ? 16.892  -2.252  -7.618  1.00 28.10 ? 322 HIS A CG  1 
ATOM   356  N ND1 . HIS A 1 45  ? 17.947  -1.472  -7.206  1.00 33.92 ? 322 HIS A ND1 1 
ATOM   357  C CD2 . HIS A 1 45  ? 17.356  -3.003  -8.650  1.00 33.16 ? 322 HIS A CD2 1 
ATOM   358  C CE1 . HIS A 1 45  ? 19.013  -1.733  -7.948  1.00 31.06 ? 322 HIS A CE1 1 
ATOM   359  N NE2 . HIS A 1 45  ? 18.689  -2.678  -8.814  1.00 33.90 ? 322 HIS A NE2 1 
ATOM   360  N N   . ILE A 1 46  ? 17.306  -3.928  -4.890  1.00 24.29 ? 323 ILE A N   1 
ATOM   361  C CA  . ILE A 1 46  ? 18.235  -3.972  -3.739  1.00 23.35 ? 323 ILE A CA  1 
ATOM   362  C C   . ILE A 1 46  ? 18.609  -2.576  -3.195  1.00 25.15 ? 323 ILE A C   1 
ATOM   363  O O   . ILE A 1 46  ? 18.840  -2.390  -1.987  1.00 28.42 ? 323 ILE A O   1 
ATOM   364  C CB  . ILE A 1 46  ? 19.492  -4.752  -4.119  1.00 27.74 ? 323 ILE A CB  1 
ATOM   365  C CG1 . ILE A 1 46  ? 20.330  -5.005  -2.870  1.00 27.29 ? 323 ILE A CG1 1 
ATOM   366  C CG2 . ILE A 1 46  ? 20.286  -4.062  -5.237  1.00 28.15 ? 323 ILE A CG2 1 
ATOM   367  C CD1 . ILE A 1 46  ? 21.583  -5.794  -3.143  1.00 30.09 ? 323 ILE A CD1 1 
ATOM   368  N N   . SER A 1 47  ? 18.640  -1.604  -4.085  1.00 27.34 ? 324 SER A N   1 
ATOM   369  C CA  . SER A 1 47  ? 18.833  -0.197  -3.690  1.00 29.55 ? 324 SER A CA  1 
ATOM   370  C C   . SER A 1 47  ? 17.655  0.408   -2.935  1.00 28.58 ? 324 SER A C   1 
ATOM   371  O O   . SER A 1 47  ? 17.815  1.426   -2.271  1.00 28.94 ? 324 SER A O   1 
ATOM   372  C CB  . SER A 1 47  ? 19.137  0.691   -4.942  1.00 27.90 ? 324 SER A CB  1 
ATOM   373  O OG  . SER A 1 47  ? 18.062  0.758   -5.884  1.00 26.32 ? 324 SER A OG  1 
ATOM   374  N N   . GLU A 1 48  ? 16.488  -0.234  -3.016  1.00 25.34 ? 325 GLU A N   1 
ATOM   375  C CA  . GLU A 1 48  ? 15.259  0.243   -2.353  1.00 22.84 ? 325 GLU A CA  1 
ATOM   376  C C   . GLU A 1 48  ? 14.839  -0.528  -1.137  1.00 22.37 ? 325 GLU A C   1 
ATOM   377  O O   . GLU A 1 48  ? 13.748  -0.328  -0.656  1.00 18.04 ? 325 GLU A O   1 
ATOM   378  C CB  . GLU A 1 48  ? 14.133  0.264   -3.385  1.00 23.99 ? 325 GLU A CB  1 
ATOM   379  C CG  . GLU A 1 48  ? 14.459  1.241   -4.503  1.00 25.93 ? 325 GLU A CG  1 
ATOM   380  C CD  . GLU A 1 48  ? 14.266  2.705   -4.092  1.00 26.38 ? 325 GLU A CD  1 
ATOM   381  O OE1 . GLU A 1 48  ? 13.608  3.025   -3.078  1.00 27.56 ? 325 GLU A OE1 1 
ATOM   382  O OE2 . GLU A 1 48  ? 14.842  3.543   -4.781  1.00 27.37 ? 325 GLU A OE2 1 
ATOM   383  N N   . LEU A 1 49  ? 15.761  -1.333  -0.574  1.00 24.41 ? 326 LEU A N   1 
ATOM   384  C CA  . LEU A 1 49  ? 15.498  -2.135  0.584   1.00 24.80 ? 326 LEU A CA  1 
ATOM   385  C C   . LEU A 1 49  ? 15.710  -1.439  1.902   1.00 27.92 ? 326 LEU A C   1 
ATOM   386  O O   . LEU A 1 49  ? 14.980  -1.685  2.866   1.00 24.47 ? 326 LEU A O   1 
ATOM   387  C CB  . LEU A 1 49  ? 16.354  -3.408  0.566   1.00 27.82 ? 326 LEU A CB  1 
ATOM   388  C CG  . LEU A 1 49  ? 15.841  -4.499  -0.373  1.00 26.22 ? 326 LEU A CG  1 
ATOM   389  C CD1 . LEU A 1 49  ? 16.827  -5.644  -0.552  1.00 27.87 ? 326 LEU A CD1 1 
ATOM   390  C CD2 . LEU A 1 49  ? 14.552  -5.089  0.126   1.00 24.33 ? 326 LEU A CD2 1 
ATOM   391  N N   . ALA A 1 50  ? 16.677  -0.541  1.944   1.00 27.85 ? 327 ALA A N   1 
ATOM   392  C CA  . ALA A 1 50  ? 16.997  0.179   3.194   1.00 29.23 ? 327 ALA A CA  1 
ATOM   393  C C   . ALA A 1 50  ? 17.773  1.451   2.919   1.00 29.76 ? 327 ALA A C   1 
ATOM   394  O O   . ALA A 1 50  ? 18.270  1.684   1.804   1.00 33.44 ? 327 ALA A O   1 
ATOM   395  C CB  . ALA A 1 50  ? 17.814  -0.719  4.101   1.00 29.36 ? 327 ALA A CB  1 
ATOM   396  N N   . GLU A 1 51  ? 17.912  2.271   3.941   1.00 35.08 ? 328 GLU A N   1 
ATOM   397  C CA  . GLU A 1 51  ? 18.773  3.422   3.841   1.00 42.46 ? 328 GLU A CA  1 
ATOM   398  C C   . GLU A 1 51  ? 20.239  2.978   3.737   1.00 42.00 ? 328 GLU A C   1 
ATOM   399  O O   . GLU A 1 51  ? 20.974  3.503   2.913   1.00 41.88 ? 328 GLU A O   1 
ATOM   400  C CB  . GLU A 1 51  ? 18.524  4.328   5.052   1.00 50.64 ? 328 GLU A CB  1 
ATOM   401  C CG  . GLU A 1 51  ? 19.371  5.589   5.135   1.00 54.64 ? 328 GLU A CG  1 
ATOM   402  C CD  . GLU A 1 51  ? 19.354  6.430   3.863   1.00 56.41 ? 328 GLU A CD  1 
ATOM   403  O OE1 . GLU A 1 51  ? 18.283  6.581   3.217   1.00 54.22 ? 328 GLU A OE1 1 
ATOM   404  O OE2 . GLU A 1 51  ? 20.441  6.951   3.506   1.00 60.73 ? 328 GLU A OE2 1 
ATOM   405  N N   . ARG A 1 52  ? 20.645  1.986   4.523   1.00 37.77 ? 329 ARG A N   1 
ATOM   406  C CA  . ARG A 1 52  ? 22.059  1.573   4.509   1.00 40.94 ? 329 ARG A CA  1 
ATOM   407  C C   . ARG A 1 52  ? 22.403  0.871   3.220   1.00 42.97 ? 329 ARG A C   1 
ATOM   408  O O   . ARG A 1 52  ? 21.547  0.356   2.541   1.00 41.01 ? 329 ARG A O   1 
ATOM   409  C CB  . ARG A 1 52  ? 22.394  0.676   5.708   1.00 42.47 ? 329 ARG A CB  1 
ATOM   410  C CG  . ARG A 1 52  ? 21.757  -0.707  5.749   1.00 37.57 ? 329 ARG A CG  1 
ATOM   411  C CD  . ARG A 1 52  ? 22.183  -1.410  7.013   1.00 39.71 ? 329 ARG A CD  1 
ATOM   412  N NE  . ARG A 1 52  ? 21.532  -2.696  7.224   1.00 36.40 ? 329 ARG A NE  1 
ATOM   413  C CZ  . ARG A 1 52  ? 22.143  -3.894  7.273   1.00 38.08 ? 329 ARG A CZ  1 
ATOM   414  N NH1 . ARG A 1 52  ? 23.478  -4.037  7.147   1.00 32.52 ? 329 ARG A NH1 1 
ATOM   415  N NH2 . ARG A 1 52  ? 21.414  -4.968  7.527   1.00 34.81 ? 329 ARG A NH2 1 
ATOM   416  N N   . HIS A 1 53  ? 23.672  0.865   2.869   1.00 42.15 ? 330 HIS A N   1 
ATOM   417  C CA  . HIS A 1 53  ? 24.089  0.139   1.709   1.00 42.51 ? 330 HIS A CA  1 
ATOM   418  C C   . HIS A 1 53  ? 24.036  -1.338  2.038   1.00 41.39 ? 330 HIS A C   1 
ATOM   419  O O   . HIS A 1 53  ? 24.531  -1.785  3.100   1.00 31.07 ? 330 HIS A O   1 
ATOM   420  C CB  . HIS A 1 53  ? 25.517  0.513   1.329   1.00 46.28 ? 330 HIS A CB  1 
ATOM   421  C CG  . HIS A 1 53  ? 26.057  -0.309  0.218   1.00 48.35 ? 330 HIS A CG  1 
ATOM   422  N ND1 . HIS A 1 53  ? 25.641  -0.149  -1.086  1.00 52.35 ? 330 HIS A ND1 1 
ATOM   423  C CD2 . HIS A 1 53  ? 26.938  -1.333  0.212   1.00 50.27 ? 330 HIS A CD2 1 
ATOM   424  C CE1 . HIS A 1 53  ? 26.268  -1.018  -1.858  1.00 51.50 ? 330 HIS A CE1 1 
ATOM   425  N NE2 . HIS A 1 53  ? 27.064  -1.744  -1.096  1.00 52.44 ? 330 HIS A NE2 1 
ATOM   426  N N   . VAL A 1 54  ? 23.476  -2.091  1.103   1.00 37.35 ? 331 VAL A N   1 
ATOM   427  C CA  . VAL A 1 54  ? 23.318  -3.517  1.255   1.00 40.86 ? 331 VAL A CA  1 
ATOM   428  C C   . VAL A 1 54  ? 23.946  -4.212  0.058   1.00 37.53 ? 331 VAL A C   1 
ATOM   429  O O   . VAL A 1 54  ? 23.740  -3.801  -1.067  1.00 32.83 ? 331 VAL A O   1 
ATOM   430  C CB  . VAL A 1 54  ? 21.812  -3.786  1.360   1.00 48.52 ? 331 VAL A CB  1 
ATOM   431  C CG1 . VAL A 1 54  ? 21.424  -5.151  0.846   1.00 48.15 ? 331 VAL A CG1 1 
ATOM   432  C CG2 . VAL A 1 54  ? 21.407  -3.581  2.814   1.00 52.61 ? 331 VAL A CG2 1 
ATOM   433  N N   . GLU A 1 55  ? 24.702  -5.270  0.295   1.00 31.34 ? 332 GLU A N   1 
ATOM   434  C CA  . GLU A 1 55  ? 25.287  -6.052  -0.786  1.00 30.13 ? 332 GLU A CA  1 
ATOM   435  C C   . GLU A 1 55  ? 24.367  -7.178  -1.256  1.00 26.77 ? 332 GLU A C   1 
ATOM   436  O O   . GLU A 1 55  ? 24.364  -7.512  -2.449  1.00 23.46 ? 332 GLU A O   1 
ATOM   437  C CB  . GLU A 1 55  ? 26.647  -6.629  -0.311  1.00 33.93 ? 332 GLU A CB  1 
ATOM   438  C CG  . GLU A 1 55  ? 27.559  -5.505  0.205   1.00 37.35 ? 332 GLU A CG  1 
ATOM   439  C CD  . GLU A 1 55  ? 29.030  -5.889  0.455   1.00 48.94 ? 332 GLU A CD  1 
ATOM   440  O OE1 . GLU A 1 55  ? 29.584  -6.768  -0.232  1.00 57.94 ? 332 GLU A OE1 1 
ATOM   441  O OE2 . GLU A 1 55  ? 29.653  -5.285  1.355   1.00 56.53 ? 332 GLU A OE2 1 
ATOM   442  N N   . VAL A 1 56  ? 23.606  -7.768  -0.344  1.00 24.11 ? 333 VAL A N   1 
ATOM   443  C CA  . VAL A 1 56  ? 22.716  -8.851  -0.711  1.00 25.19 ? 333 VAL A CA  1 
ATOM   444  C C   . VAL A 1 56  ? 21.384  -8.591  -0.071  1.00 22.55 ? 333 VAL A C   1 
ATOM   445  O O   . VAL A 1 56  ? 21.356  -8.098  1.058   1.00 24.21 ? 333 VAL A O   1 
ATOM   446  C CB  . VAL A 1 56  ? 23.170  -10.276 -0.275  1.00 31.20 ? 333 VAL A CB  1 
ATOM   447  C CG1 . VAL A 1 56  ? 24.352  -10.789 -1.089  1.00 33.42 ? 333 VAL A CG1 1 
ATOM   448  C CG2 . VAL A 1 56  ? 23.437  -10.334 1.218   1.00 32.95 ? 333 VAL A CG2 1 
ATOM   449  N N   . PRO A 1 57  ? 20.268  -8.935  -0.760  1.00 22.62 ? 334 PRO A N   1 
ATOM   450  C CA  . PRO A 1 57  ? 18.978  -8.580  -0.049  1.00 21.93 ? 334 PRO A CA  1 
ATOM   451  C C   . PRO A 1 57  ? 18.780  -9.195  1.291   1.00 23.01 ? 334 PRO A C   1 
ATOM   452  O O   . PRO A 1 57  ? 18.064  -8.604  2.151   1.00 20.92 ? 334 PRO A O   1 
ATOM   453  C CB  . PRO A 1 57  ? 17.843  -9.091  -0.997  1.00 24.21 ? 334 PRO A CB  1 
ATOM   454  C CG  . PRO A 1 57  ? 18.499  -9.339  -2.316  1.00 26.53 ? 334 PRO A CG  1 
ATOM   455  C CD  . PRO A 1 57  ? 20.005  -9.484  -2.120  1.00 24.81 ? 334 PRO A CD  1 
ATOM   456  N N   . ASP A 1 58  ? 19.350  -10.385 1.486   1.00 23.48 ? 335 ASP A N   1 
ATOM   457  C CA  . ASP A 1 58  ? 19.251  -11.159 2.729   1.00 24.98 ? 335 ASP A CA  1 
ATOM   458  C C   . ASP A 1 58  ? 19.665  -10.398 3.972   1.00 27.50 ? 335 ASP A C   1 
ATOM   459  O O   . ASP A 1 58  ? 19.331  -10.776 5.070   1.00 25.16 ? 335 ASP A O   1 
ATOM   460  C CB  . ASP A 1 58  ? 20.209  -12.361 2.612   1.00 28.83 ? 335 ASP A CB  1 
ATOM   461  C CG  . ASP A 1 58  ? 20.065  -13.084 1.299   1.00 32.29 ? 335 ASP A CG  1 
ATOM   462  O OD1 . ASP A 1 58  ? 20.148  -12.478 0.200   1.00 29.94 ? 335 ASP A OD1 1 
ATOM   463  O OD2 . ASP A 1 58  ? 19.772  -14.281 1.378   1.00 33.23 ? 335 ASP A OD2 1 
ATOM   464  N N   . GLN A 1 59  ? 20.495  -9.369  3.807   1.00 25.57 ? 336 GLN A N   1 
ATOM   465  C CA  . GLN A 1 59  ? 20.884  -8.539  4.933   1.00 25.32 ? 336 GLN A CA  1 
ATOM   466  C C   . GLN A 1 59  ? 19.687  -7.795  5.526   1.00 27.80 ? 336 GLN A C   1 
ATOM   467  O O   . GLN A 1 59  ? 19.728  -7.425  6.697   1.00 27.24 ? 336 GLN A O   1 
ATOM   468  C CB  . GLN A 1 59  ? 21.947  -7.507  4.527   1.00 24.85 ? 336 GLN A CB  1 
ATOM   469  C CG  . GLN A 1 59  ? 23.284  -8.108  4.078   1.00 24.26 ? 336 GLN A CG  1 
ATOM   470  C CD  . GLN A 1 59  ? 24.248  -7.048  3.576   1.00 25.16 ? 336 GLN A CD  1 
ATOM   471  O OE1 . GLN A 1 59  ? 24.434  -6.877  2.370   1.00 27.47 ? 336 GLN A OE1 1 
ATOM   472  N NE2 . GLN A 1 59  ? 24.860  -6.331  4.493   1.00 23.68 ? 336 GLN A NE2 1 
ATOM   473  N N   . VAL A 1 60  ? 18.646  -7.527  4.725   1.00 26.87 ? 337 VAL A N   1 
ATOM   474  C CA  . VAL A 1 60  ? 17.494  -6.741  5.181   1.00 26.76 ? 337 VAL A CA  1 
ATOM   475  C C   . VAL A 1 60  ? 16.186  -7.569  5.349   1.00 27.49 ? 337 VAL A C   1 
ATOM   476  O O   . VAL A 1 60  ? 15.419  -7.348  6.245   1.00 25.16 ? 337 VAL A O   1 
ATOM   477  C CB  . VAL A 1 60  ? 17.158  -5.622  4.165   1.00 29.06 ? 337 VAL A CB  1 
ATOM   478  C CG1 . VAL A 1 60  ? 16.162  -4.657  4.792   1.00 32.17 ? 337 VAL A CG1 1 
ATOM   479  C CG2 . VAL A 1 60  ? 18.397  -4.858  3.733   1.00 31.37 ? 337 VAL A CG2 1 
ATOM   480  N N   . VAL A 1 61  ? 15.928  -8.494  4.437   1.00 24.75 ? 338 VAL A N   1 
ATOM   481  C CA  . VAL A 1 61  ? 14.684  -9.222  4.432   1.00 27.47 ? 338 VAL A CA  1 
ATOM   482  C C   . VAL A 1 61  ? 14.922  -10.675 4.226   1.00 25.57 ? 338 VAL A C   1 
ATOM   483  O O   . VAL A 1 61  ? 15.907  -11.076 3.656   1.00 28.73 ? 338 VAL A O   1 
ATOM   484  C CB  . VAL A 1 61  ? 13.758  -8.713  3.279   1.00 22.93 ? 338 VAL A CB  1 
ATOM   485  C CG1 . VAL A 1 61  ? 13.378  -7.296  3.552   1.00 23.60 ? 338 VAL A CG1 1 
ATOM   486  C CG2 . VAL A 1 61  ? 14.420  -8.846  1.913   1.00 22.70 ? 338 VAL A CG2 1 
ATOM   487  N N   . ALA A 1 62  ? 13.939  -11.472 4.576   1.00 28.61 ? 339 ALA A N   1 
ATOM   488  C CA  . ALA A 1 62  ? 13.998  -12.895 4.324   1.00 27.58 ? 339 ALA A CA  1 
ATOM   489  C C   . ALA A 1 62  ? 12.670  -13.316 3.682   1.00 26.51 ? 339 ALA A C   1 
ATOM   490  O O   . ALA A 1 62  ? 11.646  -12.720 3.957   1.00 26.51 ? 339 ALA A O   1 
ATOM   491  C CB  . ALA A 1 62  ? 14.186  -13.632 5.638   1.00 31.21 ? 339 ALA A CB  1 
ATOM   492  N N   . VAL A 1 63  ? 12.717  -14.390 2.893   1.00 29.28 ? 340 VAL A N   1 
ATOM   493  C CA  . VAL A 1 63  ? 11.505  -15.043 2.362   1.00 31.58 ? 340 VAL A CA  1 
ATOM   494  C C   . VAL A 1 63  ? 10.572  -15.309 3.533   1.00 33.87 ? 340 VAL A C   1 
ATOM   495  O O   . VAL A 1 63  ? 11.029  -15.801 4.562   1.00 33.32 ? 340 VAL A O   1 
ATOM   496  C CB  . VAL A 1 63  ? 11.867  -16.333 1.640   1.00 31.07 ? 340 VAL A CB  1 
ATOM   497  C CG1 . VAL A 1 63  ? 10.601  -17.193 1.331   1.00 30.08 ? 340 VAL A CG1 1 
ATOM   498  C CG2 . VAL A 1 63  ? 12.660  -16.004 0.391   1.00 31.20 ? 340 VAL A CG2 1 
ATOM   499  N N   . GLY A 1 64  ? 9.295   -14.931 3.429   1.00 29.29 ? 341 GLY A N   1 
ATOM   500  C CA  . GLY A 1 64  ? 8.384   -15.094 4.574   1.00 29.34 ? 341 GLY A CA  1 
ATOM   501  C C   . GLY A 1 64  ? 8.127   -13.842 5.374   1.00 29.53 ? 341 GLY A C   1 
ATOM   502  O O   . GLY A 1 64  ? 7.198   -13.777 6.175   1.00 28.97 ? 341 GLY A O   1 
ATOM   503  N N   . ASP A 1 65  ? 8.952   -12.818 5.181   1.00 28.31 ? 342 ASP A N   1 
ATOM   504  C CA  . ASP A 1 65  ? 8.784   -11.593 5.955   1.00 28.92 ? 342 ASP A CA  1 
ATOM   505  C C   . ASP A 1 65  ? 7.597   -10.843 5.437   1.00 26.64 ? 342 ASP A C   1 
ATOM   506  O O   . ASP A 1 65  ? 7.359   -10.876 4.248   1.00 27.73 ? 342 ASP A O   1 
ATOM   507  C CB  . ASP A 1 65  ? 10.014  -10.665 5.862   1.00 30.25 ? 342 ASP A CB  1 
ATOM   508  C CG  . ASP A 1 65  ? 11.180  -11.135 6.733   1.00 31.86 ? 342 ASP A CG  1 
ATOM   509  O OD1 . ASP A 1 65  ? 11.085  -12.132 7.488   1.00 31.99 ? 342 ASP A OD1 1 
ATOM   510  O OD2 . ASP A 1 65  ? 12.221  -10.501 6.664   1.00 28.37 ? 342 ASP A OD2 1 
ATOM   511  N N   . ASP A 1 66  ? 6.846   -10.206 6.327   1.00 24.34 ? 343 ASP A N   1 
ATOM   512  C CA  . ASP A 1 66  ? 5.841   -9.247  5.943   1.00 30.05 ? 343 ASP A CA  1 
ATOM   513  C C   . ASP A 1 66  ? 6.575   -7.938  5.817   1.00 31.93 ? 343 ASP A C   1 
ATOM   514  O O   . ASP A 1 66  ? 7.433   -7.665  6.643   1.00 28.99 ? 343 ASP A O   1 
ATOM   515  C CB  . ASP A 1 66  ? 4.833   -9.110  7.026   1.00 28.80 ? 343 ASP A CB  1 
ATOM   516  C CG  . ASP A 1 66  ? 4.002   -10.360 7.174   1.00 35.23 ? 343 ASP A CG  1 
ATOM   517  O OD1 . ASP A 1 66  ? 3.662   -11.012 6.190   1.00 35.66 ? 343 ASP A OD1 1 
ATOM   518  O OD2 . ASP A 1 66  ? 3.738   -10.731 8.288   1.00 45.03 ? 343 ASP A OD2 1 
ATOM   519  N N   . ALA A 1 67  ? 6.237   -7.156  4.803   1.00 26.66 ? 344 ALA A N   1 
ATOM   520  C CA  . ALA A 1 67  ? 6.828   -5.817  4.628   1.00 25.13 ? 344 ALA A CA  1 
ATOM   521  C C   . ALA A 1 67  ? 5.812   -4.847  4.063   1.00 23.61 ? 344 ALA A C   1 
ATOM   522  O O   . ALA A 1 67  ? 5.046   -5.190  3.168   1.00 22.29 ? 344 ALA A O   1 
ATOM   523  C CB  . ALA A 1 67  ? 7.979   -5.911  3.695   1.00 24.84 ? 344 ALA A CB  1 
ATOM   524  N N   . MET A 1 68  ? 5.775   -3.666  4.647   1.00 25.42 ? 345 MET A N   1 
ATOM   525  C CA  . MET A 1 68  ? 5.018   -2.542  4.176   1.00 23.37 ? 345 MET A CA  1 
ATOM   526  C C   . MET A 1 68  ? 5.925   -1.818  3.203   1.00 22.70 ? 345 MET A C   1 
ATOM   527  O O   . MET A 1 68  ? 7.003   -1.334  3.561   1.00 23.45 ? 345 MET A O   1 
ATOM   528  C CB  . MET A 1 68  ? 4.587   -1.658  5.361   1.00 23.43 ? 345 MET A CB  1 
ATOM   529  C CG  . MET A 1 68  ? 3.764   -2.377  6.405   1.00 29.09 ? 345 MET A CG  1 
ATOM   530  S SD  . MET A 1 68  ? 2.215   -3.136  5.867   1.00 29.46 ? 345 MET A SD  1 
ATOM   531  C CE  . MET A 1 68  ? 1.502   -1.790  4.973   1.00 25.95 ? 345 MET A CE  1 
ATOM   532  N N   . VAL A 1 69  ? 5.513   -1.812  1.944   1.00 20.06 ? 346 VAL A N   1 
ATOM   533  C CA  . VAL A 1 69  ? 6.285   -1.257  0.839   1.00 20.46 ? 346 VAL A CA  1 
ATOM   534  C C   . VAL A 1 69  ? 5.471   -0.261  0.064   1.00 22.09 ? 346 VAL A C   1 
ATOM   535  O O   . VAL A 1 69  ? 4.228   -0.352  0.008   1.00 21.22 ? 346 VAL A O   1 
ATOM   536  C CB  . VAL A 1 69  ? 6.800   -2.357  -0.116  1.00 19.36 ? 346 VAL A CB  1 
ATOM   537  C CG1 . VAL A 1 69  ? 7.796   -3.216  0.641   1.00 21.32 ? 346 VAL A CG1 1 
ATOM   538  C CG2 . VAL A 1 69  ? 5.667   -3.240  -0.658  1.00 19.52 ? 346 VAL A CG2 1 
ATOM   539  N N   . LYS A 1 70  ? 6.166   0.692   -0.539  1.00 22.35 ? 347 LYS A N   1 
ATOM   540  C CA  . LYS A 1 70  ? 5.516   1.736   -1.303  1.00 20.56 ? 347 LYS A CA  1 
ATOM   541  C C   . LYS A 1 70  ? 5.506   1.336   -2.753  1.00 19.47 ? 347 LYS A C   1 
ATOM   542  O O   . LYS A 1 70  ? 6.501   0.819   -3.274  1.00 20.88 ? 347 LYS A O   1 
ATOM   543  C CB  . LYS A 1 70  ? 6.328   3.000   -1.172  1.00 22.53 ? 347 LYS A CB  1 
ATOM   544  C CG  . LYS A 1 70  ? 5.760   4.296   -1.767  1.00 24.93 ? 347 LYS A CG  1 
ATOM   545  C CD  . LYS A 1 70  ? 6.800   5.424   -1.657  1.00 24.69 ? 347 LYS A CD  1 
ATOM   546  C CE  . LYS A 1 70  ? 6.329   6.718   -2.262  1.00 26.24 ? 347 LYS A CE  1 
ATOM   547  N NZ  . LYS A 1 70  ? 7.370   7.789   -2.006  1.00 27.08 ? 347 LYS A NZ  1 
ATOM   548  N N   . VAL A 1 71  ? 4.389   1.608   -3.418  1.00 20.90 ? 348 VAL A N   1 
ATOM   549  C CA  . VAL A 1 71  ? 4.260   1.432   -4.858  1.00 18.68 ? 348 VAL A CA  1 
ATOM   550  C C   . VAL A 1 71  ? 4.901   2.648   -5.535  1.00 18.67 ? 348 VAL A C   1 
ATOM   551  O O   . VAL A 1 71  ? 4.371   3.756   -5.480  1.00 19.87 ? 348 VAL A O   1 
ATOM   552  C CB  . VAL A 1 71  ? 2.789   1.343   -5.265  1.00 17.87 ? 348 VAL A CB  1 
ATOM   553  C CG1 . VAL A 1 71  ? 2.671   1.220   -6.758  1.00 20.67 ? 348 VAL A CG1 1 
ATOM   554  C CG2 . VAL A 1 71  ? 2.127   0.127   -4.620  1.00 20.29 ? 348 VAL A CG2 1 
ATOM   555  N N   . ILE A 1 72  ? 5.974   2.421   -6.262  1.00 20.80 ? 349 ILE A N   1 
ATOM   556  C CA  . ILE A 1 72  ? 6.699   3.564   -6.854  1.00 21.54 ? 349 ILE A CA  1 
ATOM   557  C C   . ILE A 1 72  ? 6.543   3.660   -8.361  1.00 21.12 ? 349 ILE A C   1 
ATOM   558  O O   . ILE A 1 72  ? 6.724   4.728   -8.942  1.00 22.40 ? 349 ILE A O   1 
ATOM   559  C CB  . ILE A 1 72  ? 8.184   3.625   -6.419  1.00 22.45 ? 349 ILE A CB  1 
ATOM   560  C CG1 . ILE A 1 72  ? 8.981   2.415   -6.900  1.00 23.16 ? 349 ILE A CG1 1 
ATOM   561  C CG2 . ILE A 1 72  ? 8.276   3.810   -4.893  1.00 23.07 ? 349 ILE A CG2 1 
ATOM   562  C CD1 . ILE A 1 72  ? 10.477  2.529   -6.632  1.00 26.00 ? 349 ILE A CD1 1 
ATOM   563  N N   . ASP A 1 73  ? 6.175   2.554   -9.005  1.00 22.25 ? 350 ASP A N   1 
ATOM   564  C CA  . ASP A 1 73  ? 5.900   2.566   -10.426 1.00 22.11 ? 350 ASP A CA  1 
ATOM   565  C C   . ASP A 1 73  ? 5.115   1.360   -10.831 1.00 21.29 ? 350 ASP A C   1 
ATOM   566  O O   . ASP A 1 73  ? 5.146   0.345   -10.140 1.00 19.24 ? 350 ASP A O   1 
ATOM   567  C CB  . ASP A 1 73  ? 7.152   2.720   -11.303 1.00 23.86 ? 350 ASP A CB  1 
ATOM   568  C CG  . ASP A 1 73  ? 6.838   3.494   -12.627 1.00 28.70 ? 350 ASP A CG  1 
ATOM   569  O OD1 . ASP A 1 73  ? 5.676   3.836   -12.931 1.00 27.38 ? 350 ASP A OD1 1 
ATOM   570  O OD2 . ASP A 1 73  ? 7.734   3.881   -13.327 1.00 29.09 ? 350 ASP A OD2 1 
ATOM   571  N N   . ILE A 1 74  ? 4.334   1.516   -11.912 1.00 20.03 ? 351 ILE A N   1 
ATOM   572  C CA  . ILE A 1 74  ? 3.628   0.386   -12.507 1.00 22.71 ? 351 ILE A CA  1 
ATOM   573  C C   . ILE A 1 74  ? 3.745   0.401   -14.014 1.00 21.85 ? 351 ILE A C   1 
ATOM   574  O O   . ILE A 1 74  ? 3.398   1.375   -14.607 1.00 22.10 ? 351 ILE A O   1 
ATOM   575  C CB  . ILE A 1 74  ? 2.139   0.362   -12.091 1.00 23.79 ? 351 ILE A CB  1 
ATOM   576  C CG1 . ILE A 1 74  ? 2.003   0.316   -10.584 1.00 27.39 ? 351 ILE A CG1 1 
ATOM   577  C CG2 . ILE A 1 74  ? 1.450   -0.864  -12.634 1.00 29.22 ? 351 ILE A CG2 1 
ATOM   578  C CD1 . ILE A 1 74  ? 0.552   0.335   -10.125 1.00 28.68 ? 351 ILE A CD1 1 
ATOM   579  N N   . ASP A 1 75  ? 4.192   -0.707  -14.601 1.00 25.68 ? 352 ASP A N   1 
ATOM   580  C CA  . ASP A 1 75  ? 4.388   -0.843  -16.066 1.00 27.25 ? 352 ASP A CA  1 
ATOM   581  C C   . ASP A 1 75  ? 3.513   -2.002  -16.528 1.00 25.17 ? 352 ASP A C   1 
ATOM   582  O O   . ASP A 1 75  ? 3.869   -3.164  -16.374 1.00 26.89 ? 352 ASP A O   1 
ATOM   583  C CB  . ASP A 1 75  ? 5.825   -1.154  -16.319 1.00 30.81 ? 352 ASP A CB  1 
ATOM   584  C CG  . ASP A 1 75  ? 6.161   -1.342  -17.795 1.00 35.40 ? 352 ASP A CG  1 
ATOM   585  O OD1 . ASP A 1 75  ? 5.271   -1.415  -18.687 1.00 33.57 ? 352 ASP A OD1 1 
ATOM   586  O OD2 . ASP A 1 75  ? 7.378   -1.370  -18.049 1.00 33.13 ? 352 ASP A OD2 1 
ATOM   587  N N   . LEU A 1 76  ? 2.334   -1.681  -17.022 1.00 24.78 ? 353 LEU A N   1 
ATOM   588  C CA  . LEU A 1 76  ? 1.375   -2.755  -17.451 1.00 26.68 ? 353 LEU A CA  1 
ATOM   589  C C   . LEU A 1 76  ? 1.816   -3.499  -18.730 1.00 27.52 ? 353 LEU A C   1 
ATOM   590  O O   . LEU A 1 76  ? 1.425   -4.623  -18.938 1.00 30.95 ? 353 LEU A O   1 
ATOM   591  C CB  . LEU A 1 76  ? -0.003  -2.197  -17.658 1.00 29.70 ? 353 LEU A CB  1 
ATOM   592  C CG  . LEU A 1 76  ? -0.761  -1.524  -16.518 1.00 29.68 ? 353 LEU A CG  1 
ATOM   593  C CD1 . LEU A 1 76  ? -2.052  -0.915  -17.073 1.00 34.61 ? 353 LEU A CD1 1 
ATOM   594  C CD2 . LEU A 1 76  ? -1.066  -2.495  -15.389 1.00 33.39 ? 353 LEU A CD2 1 
ATOM   595  N N   . GLU A 1 77  ? 2.598   -2.861  -19.582 1.00 26.44 ? 354 GLU A N   1 
ATOM   596  C CA  . GLU A 1 77  ? 3.098   -3.510  -20.801 1.00 29.09 ? 354 GLU A CA  1 
ATOM   597  C C   . GLU A 1 77  ? 4.001   -4.623  -20.451 1.00 32.35 ? 354 GLU A C   1 
ATOM   598  O O   . GLU A 1 77  ? 3.875   -5.690  -20.985 1.00 38.64 ? 354 GLU A O   1 
ATOM   599  C CB  . GLU A 1 77  ? 3.869   -2.544  -21.695 1.00 29.47 ? 354 GLU A CB  1 
ATOM   600  C CG  . GLU A 1 77  ? 2.951   -1.606  -22.447 1.00 31.91 ? 354 GLU A CG  1 
ATOM   601  C CD  . GLU A 1 77  ? 3.676   -0.803  -23.505 1.00 35.02 ? 354 GLU A CD  1 
ATOM   602  O OE1 . GLU A 1 77  ? 4.610   -1.312  -24.262 1.00 33.37 ? 354 GLU A OE1 1 
ATOM   603  O OE2 . GLU A 1 77  ? 3.276   0.365   -23.595 1.00 38.74 ? 354 GLU A OE2 1 
ATOM   604  N N   . ARG A 1 78  ? 4.947   -4.375  -19.557 1.00 31.35 ? 355 ARG A N   1 
ATOM   605  C CA  . ARG A 1 78  ? 5.853   -5.404  -19.126 1.00 33.74 ? 355 ARG A CA  1 
ATOM   606  C C   . ARG A 1 78  ? 5.432   -6.083  -17.842 1.00 32.88 ? 355 ARG A C   1 
ATOM   607  O O   . ARG A 1 78  ? 6.175   -6.887  -17.332 1.00 32.81 ? 355 ARG A O   1 
ATOM   608  C CB  . ARG A 1 78  ? 7.255   -4.843  -18.975 1.00 39.43 ? 355 ARG A CB  1 
ATOM   609  C CG  . ARG A 1 78  ? 7.548   -3.739  -20.005 1.00 50.40 ? 355 ARG A CG  1 
ATOM   610  C CD  . ARG A 1 78  ? 8.640   -4.105  -20.964 1.00 56.55 ? 355 ARG A CD  1 
ATOM   611  N NE  . ARG A 1 78  ? 9.955   -4.203  -20.334 1.00 63.75 ? 355 ARG A NE  1 
ATOM   612  C CZ  . ARG A 1 78  ? 10.731  -3.170  -20.037 1.00 70.51 ? 355 ARG A CZ  1 
ATOM   613  N NH1 . ARG A 1 78  ? 10.315  -1.924  -20.269 1.00 79.40 ? 355 ARG A NH1 1 
ATOM   614  N NH2 . ARG A 1 78  ? 11.917  -3.377  -19.477 1.00 68.52 ? 355 ARG A NH2 1 
ATOM   615  N N   . ARG A 1 79  ? 4.248   -5.776  -17.340 1.00 29.36 ? 356 ARG A N   1 
ATOM   616  C CA  . ARG A 1 79  ? 3.676   -6.457  -16.212 1.00 29.98 ? 356 ARG A CA  1 
ATOM   617  C C   . ARG A 1 79  ? 4.569   -6.461  -14.970 1.00 31.55 ? 356 ARG A C   1 
ATOM   618  O O   . ARG A 1 79  ? 4.768   -7.474  -14.345 1.00 32.78 ? 356 ARG A O   1 
ATOM   619  C CB  . ARG A 1 79  ? 3.246   -7.865  -16.617 1.00 33.33 ? 356 ARG A CB  1 
ATOM   620  C CG  . ARG A 1 79  ? 2.109   -7.832  -17.627 1.00 30.36 ? 356 ARG A CG  1 
ATOM   621  C CD  . ARG A 1 79  ? 1.655   -9.176  -18.093 1.00 34.19 ? 356 ARG A CD  1 
ATOM   622  N NE  . ARG A 1 79  ? 0.875   -9.080  -19.317 1.00 30.29 ? 356 ARG A NE  1 
ATOM   623  C CZ  . ARG A 1 79  ? 0.288   -10.127 -19.881 1.00 30.26 ? 356 ARG A CZ  1 
ATOM   624  N NH1 . ARG A 1 79  ? 0.351   -11.331 -19.321 1.00 29.77 ? 356 ARG A NH1 1 
ATOM   625  N NH2 . ARG A 1 79  ? -0.385  -9.973  -21.000 1.00 25.26 ? 356 ARG A NH2 1 
ATOM   626  N N   . ARG A 1 80  ? 5.091   -5.303  -14.636 1.00 33.93 ? 357 ARG A N   1 
ATOM   627  C CA  . ARG A 1 80  ? 5.996   -5.202  -13.507 1.00 34.27 ? 357 ARG A CA  1 
ATOM   628  C C   . ARG A 1 80  ? 5.554   -4.054  -12.615 1.00 27.83 ? 357 ARG A C   1 
ATOM   629  O O   . ARG A 1 80  ? 5.301   -2.944  -13.049 1.00 28.42 ? 357 ARG A O   1 
ATOM   630  C CB  . ARG A 1 80  ? 7.439   -4.999  -14.034 1.00 42.05 ? 357 ARG A CB  1 
ATOM   631  C CG  . ARG A 1 80  ? 8.298   -3.974  -13.275 1.00 52.23 ? 357 ARG A CG  1 
ATOM   632  C CD  . ARG A 1 80  ? 9.511   -4.555  -12.528 1.00 61.14 ? 357 ARG A CD  1 
ATOM   633  N NE  . ARG A 1 80  ? 9.224   -5.868  -11.970 1.00 67.53 ? 357 ARG A NE  1 
ATOM   634  C CZ  . ARG A 1 80  ? 9.876   -6.988  -12.262 1.00 70.81 ? 357 ARG A CZ  1 
ATOM   635  N NH1 . ARG A 1 80  ? 10.923  -6.996  -13.090 1.00 71.69 ? 357 ARG A NH1 1 
ATOM   636  N NH2 . ARG A 1 80  ? 9.489   -8.112  -11.685 1.00 75.20 ? 357 ARG A NH2 1 
ATOM   637  N N   . ILE A 1 81  ? 5.486   -4.319  -11.340 1.00 22.07 ? 358 ILE A N   1 
ATOM   638  C CA  . ILE A 1 81  ? 5.189   -3.318  -10.357 1.00 23.21 ? 358 ILE A CA  1 
ATOM   639  C C   . ILE A 1 81  ? 6.478   -2.994  -9.592  1.00 23.00 ? 358 ILE A C   1 
ATOM   640  O O   . ILE A 1 81  ? 7.141   -3.901  -9.116  1.00 25.75 ? 358 ILE A O   1 
ATOM   641  C CB  . ILE A 1 81  ? 4.154   -3.850  -9.389  1.00 25.75 ? 358 ILE A CB  1 
ATOM   642  C CG1 . ILE A 1 81  ? 2.819   -4.062  -10.144 1.00 33.16 ? 358 ILE A CG1 1 
ATOM   643  C CG2 . ILE A 1 81  ? 3.949   -2.886  -8.217  1.00 27.54 ? 358 ILE A CG2 1 
ATOM   644  C CD1 . ILE A 1 81  ? 1.792   -4.693  -9.250  1.00 35.45 ? 358 ILE A CD1 1 
ATOM   645  N N   . SER A 1 82  ? 6.867   -1.736  -9.523  1.00 22.28 ? 359 SER A N   1 
ATOM   646  C CA  . SER A 1 82  ? 8.021   -1.388  -8.734  1.00 20.75 ? 359 SER A CA  1 
ATOM   647  C C   . SER A 1 82  ? 7.638   -1.001  -7.329  1.00 20.05 ? 359 SER A C   1 
ATOM   648  O O   . SER A 1 82  ? 6.723   -0.199  -7.119  1.00 20.73 ? 359 SER A O   1 
ATOM   649  C CB  . SER A 1 82  ? 8.807   -0.257  -9.380  1.00 21.05 ? 359 SER A CB  1 
ATOM   650  O OG  . SER A 1 82  ? 9.253   -0.653  -10.667 1.00 25.68 ? 359 SER A OG  1 
ATOM   651  N N   . LEU A 1 83  ? 8.344   -1.554  -6.364  1.00 19.83 ? 360 LEU A N   1 
ATOM   652  C CA  . LEU A 1 83  ? 8.104   -1.281  -4.959  1.00 19.57 ? 360 LEU A CA  1 
ATOM   653  C C   . LEU A 1 83  ? 9.327   -0.756  -4.221  1.00 20.35 ? 360 LEU A C   1 
ATOM   654  O O   . LEU A 1 83  ? 10.462  -1.132  -4.554  1.00 21.17 ? 360 LEU A O   1 
ATOM   655  C CB  . LEU A 1 83  ? 7.653   -2.575  -4.286  1.00 21.59 ? 360 LEU A CB  1 
ATOM   656  C CG  . LEU A 1 83  ? 6.426   -3.256  -4.922  1.00 22.78 ? 360 LEU A CG  1 
ATOM   657  C CD1 . LEU A 1 83  ? 6.293   -4.714  -4.449  1.00 25.16 ? 360 LEU A CD1 1 
ATOM   658  C CD2 . LEU A 1 83  ? 5.160   -2.465  -4.642  1.00 22.13 ? 360 LEU A CD2 1 
ATOM   659  N N   . SER A 1 84  ? 9.108   -0.005  -3.154  1.00 20.55 ? 361 SER A N   1 
ATOM   660  C CA  . SER A 1 84  ? 10.201  0.371   -2.276  1.00 23.05 ? 361 SER A CA  1 
ATOM   661  C C   . SER A 1 84  ? 9.931   0.252   -0.768  1.00 20.85 ? 361 SER A C   1 
ATOM   662  O O   . SER A 1 84  ? 8.981   0.788   -0.199  1.00 21.89 ? 361 SER A O   1 
ATOM   663  C CB  . SER A 1 84  ? 10.688  1.775   -2.643  1.00 25.31 ? 361 SER A CB  1 
ATOM   664  O OG  . SER A 1 84  ? 11.662  2.246   -1.722  1.00 21.42 ? 361 SER A OG  1 
ATOM   665  N N   . LEU A 1 85  ? 10.822  -0.459  -0.089  1.00 20.51 ? 362 LEU A N   1 
ATOM   666  C CA  . LEU A 1 85  ? 10.750  -0.570  1.347   1.00 20.82 ? 362 LEU A CA  1 
ATOM   667  C C   . LEU A 1 85  ? 11.318  0.684   1.978   1.00 21.87 ? 362 LEU A C   1 
ATOM   668  O O   . LEU A 1 85  ? 10.763  1.218   2.890   1.00 22.03 ? 362 LEU A O   1 
ATOM   669  C CB  . LEU A 1 85  ? 11.527  -1.820  1.779   1.00 21.24 ? 362 LEU A CB  1 
ATOM   670  C CG  . LEU A 1 85  ? 11.644  -2.107  3.264   1.00 25.26 ? 362 LEU A CG  1 
ATOM   671  C CD1 . LEU A 1 85  ? 10.283  -2.034  3.890   1.00 27.56 ? 362 LEU A CD1 1 
ATOM   672  C CD2 . LEU A 1 85  ? 12.222  -3.534  3.453   1.00 25.68 ? 362 LEU A CD2 1 
ATOM   673  N N   . LYS A 1 86  ? 12.453  1.120   1.491   1.00 22.60 ? 363 LYS A N   1 
ATOM   674  C CA  . LYS A 1 86  ? 13.130  2.343   1.988   1.00 23.86 ? 363 LYS A CA  1 
ATOM   675  C C   . LYS A 1 86  ? 12.199  3.555   1.926   1.00 21.09 ? 363 LYS A C   1 
ATOM   676  O O   . LYS A 1 86  ? 12.086  4.305   2.853   1.00 22.94 ? 363 LYS A O   1 
ATOM   677  C CB  . LYS A 1 86  ? 14.330  2.581   1.101   1.00 26.43 ? 363 LYS A CB  1 
ATOM   678  C CG  . LYS A 1 86  ? 15.185  3.754   1.403   1.00 33.52 ? 363 LYS A CG  1 
ATOM   679  C CD  . LYS A 1 86  ? 16.345  3.862   0.426   1.00 37.60 ? 363 LYS A CD  1 
ATOM   680  C CE  . LYS A 1 86  ? 15.825  4.178   -0.951  1.00 45.56 ? 363 LYS A CE  1 
ATOM   681  N NZ  . LYS A 1 86  ? 16.747  4.964   -1.816  1.00 51.25 ? 363 LYS A NZ  1 
ATOM   682  N N   . GLN A 1 87  ? 11.530  3.745   0.803   1.00 22.87 ? 364 GLN A N   1 
ATOM   683  C CA  . GLN A 1 87  ? 10.655  4.891   0.647   1.00 22.46 ? 364 GLN A CA  1 
ATOM   684  C C   . GLN A 1 87  ? 9.411   4.838   1.493   1.00 23.55 ? 364 GLN A C   1 
ATOM   685  O O   . GLN A 1 87  ? 8.925   5.894   1.973   1.00 25.34 ? 364 GLN A O   1 
ATOM   686  C CB  . GLN A 1 87  ? 10.306  5.120   -0.818  1.00 22.83 ? 364 GLN A CB  1 
ATOM   687  C CG  . GLN A 1 87  ? 11.505  5.460   -1.720  1.00 21.44 ? 364 GLN A CG  1 
ATOM   688  C CD  . GLN A 1 87  ? 11.060  5.805   -3.127  1.00 23.29 ? 364 GLN A CD  1 
ATOM   689  O OE1 . GLN A 1 87  ? 10.067  6.474   -3.311  1.00 22.35 ? 364 GLN A OE1 1 
ATOM   690  N NE2 . GLN A 1 87  ? 11.771  5.329   -4.108  1.00 23.53 ? 364 GLN A NE2 1 
ATOM   691  N N   . ALA A 1 88  ? 8.857   3.639   1.691   1.00 21.89 ? 365 ALA A N   1 
ATOM   692  C CA  . ALA A 1 88  ? 7.804   3.444   2.627   1.00 19.94 ? 365 ALA A CA  1 
ATOM   693  C C   . ALA A 1 88  ? 8.244   4.011   3.970   1.00 25.70 ? 365 ALA A C   1 
ATOM   694  O O   . ALA A 1 88  ? 7.511   4.780   4.606   1.00 26.66 ? 365 ALA A O   1 
ATOM   695  C CB  . ALA A 1 88  ? 7.493   1.963   2.795   1.00 20.32 ? 365 ALA A CB  1 
ATOM   696  N N   . ASN A 1 89  ? 9.465   3.657   4.399   1.00 25.70 ? 366 ASN A N   1 
ATOM   697  C CA  . ASN A 1 89  ? 9.933   4.103   5.699   1.00 25.16 ? 366 ASN A CA  1 
ATOM   698  C C   . ASN A 1 89  ? 10.216  5.605   5.753   1.00 27.85 ? 366 ASN A C   1 
ATOM   699  O O   . ASN A 1 89  ? 9.832   6.253   6.724   1.00 27.49 ? 366 ASN A O   1 
ATOM   700  C CB  . ASN A 1 89  ? 11.118  3.216   6.159   1.00 23.79 ? 366 ASN A CB  1 
ATOM   701  C CG  . ASN A 1 89  ? 10.664  1.817   6.462   1.00 26.14 ? 366 ASN A CG  1 
ATOM   702  O OD1 . ASN A 1 89  ? 9.450   1.536   6.516   1.00 24.59 ? 366 ASN A OD1 1 
ATOM   703  N ND2 . ASN A 1 89  ? 11.615  0.911   6.655   1.00 23.65 ? 366 ASN A ND2 1 
ATOM   704  N N   . GLU A 1 90  ? 10.758  6.182   4.690   1.00 28.61 ? 367 GLU A N   1 
ATOM   705  C CA  . GLU A 1 90  ? 10.920  7.645   4.609   1.00 30.08 ? 367 GLU A CA  1 
ATOM   706  C C   . GLU A 1 90  ? 9.625   8.397   4.739   1.00 33.37 ? 367 GLU A C   1 
ATOM   707  O O   . GLU A 1 90  ? 9.574   9.450   5.336   1.00 30.15 ? 367 GLU A O   1 
ATOM   708  C CB  . GLU A 1 90  ? 11.507  8.054   3.282   1.00 33.51 ? 367 GLU A CB  1 
ATOM   709  C CG  . GLU A 1 90  ? 12.886  7.469   3.033   1.00 40.11 ? 367 GLU A CG  1 
ATOM   710  C CD  . GLU A 1 90  ? 13.385  7.739   1.607   1.00 42.20 ? 367 GLU A CD  1 
ATOM   711  O OE1 . GLU A 1 90  ? 12.601  8.258   0.776   1.00 42.90 ? 367 GLU A OE1 1 
ATOM   712  O OE2 . GLU A 1 90  ? 14.566  7.430   1.347   1.00 44.34 ? 367 GLU A OE2 1 
ATOM   713  N N   . ASP A 1 91  ? 8.551   7.813   4.236   1.00 30.13 ? 368 ASP A N   1 
ATOM   714  C CA  . ASP A 1 91  ? 7.279   8.522   4.150   1.00 30.95 ? 368 ASP A CA  1 
ATOM   715  C C   . ASP A 1 91  ? 6.532   8.319   5.407   1.00 30.06 ? 368 ASP A C   1 
ATOM   716  O O   . ASP A 1 91  ? 5.497   8.941   5.612   1.00 29.06 ? 368 ASP A O   1 
ATOM   717  C CB  . ASP A 1 91  ? 6.451   7.991   2.980   1.00 30.87 ? 368 ASP A CB  1 
ATOM   718  C CG  . ASP A 1 91  ? 7.003   8.421   1.656   1.00 31.19 ? 368 ASP A CG  1 
ATOM   719  O OD1 . ASP A 1 91  ? 7.953   9.204   1.609   1.00 30.75 ? 368 ASP A OD1 1 
ATOM   720  O OD2 . ASP A 1 91  ? 6.490   7.945   0.651   1.00 34.52 ? 368 ASP A OD2 1 
ATOM   721  N N   . TYR A 1 92  ? 7.010   7.406   6.257   1.00 27.28 ? 369 TYR A N   1 
ATOM   722  C CA  . TYR A 1 92  ? 6.244   7.058   7.414   1.00 28.04 ? 369 TYR A CA  1 
ATOM   723  C C   . TYR A 1 92  ? 6.091   8.276   8.322   1.00 31.03 ? 369 TYR A C   1 
ATOM   724  O O   . TYR A 1 92  ? 6.991   9.115   8.456   1.00 28.90 ? 369 TYR A O   1 
ATOM   725  C CB  . TYR A 1 92  ? 6.924   5.955   8.212   1.00 27.99 ? 369 TYR A CB  1 
ATOM   726  C CG  . TYR A 1 92  ? 6.297   5.732   9.541   1.00 29.63 ? 369 TYR A CG  1 
ATOM   727  C CD1 . TYR A 1 92  ? 5.262   4.854   9.677   1.00 25.83 ? 369 TYR A CD1 1 
ATOM   728  C CD2 . TYR A 1 92  ? 6.760   6.411   10.651  1.00 31.75 ? 369 TYR A CD2 1 
ATOM   729  C CE1 . TYR A 1 92  ? 4.666   4.631   10.866  1.00 27.33 ? 369 TYR A CE1 1 
ATOM   730  C CE2 . TYR A 1 92  ? 6.186   6.196   11.868  1.00 30.94 ? 369 TYR A CE2 1 
ATOM   731  C CZ  . TYR A 1 92  ? 5.161   5.299   11.976  1.00 31.07 ? 369 TYR A CZ  1 
ATOM   732  O OH  . TYR A 1 92  ? 4.572   5.104   13.180  1.00 29.03 ? 369 TYR A OH  1 
ATOM   733  N N   . THR A 1 93  ? 4.997   8.260   9.038   1.00 28.68 ? 370 THR A N   1 
ATOM   734  C CA  . THR A 1 93  ? 4.757   9.307   10.005  1.00 29.99 ? 370 THR A CA  1 
ATOM   735  C C   . THR A 1 93  ? 3.925   8.682   11.072  1.00 30.53 ? 370 THR A C   1 
ATOM   736  O O   . THR A 1 93  ? 3.066   7.815   10.767  1.00 26.86 ? 370 THR A O   1 
ATOM   737  C CB  . THR A 1 93  ? 4.116   10.425  9.154   1.00 33.52 ? 370 THR A CB  1 
ATOM   738  O OG1 . THR A 1 93  ? 4.937   11.573  9.168   1.00 37.14 ? 370 THR A OG1 1 
ATOM   739  C CG2 . THR A 1 93  ? 2.738   10.634  9.401   1.00 27.22 ? 370 THR A CG2 1 
ATOM   740  N N   . GLU A 1 94  ? 4.201   9.060   12.340  1.00 32.46 ? 371 GLU A N   1 
ATOM   741  C CA  . GLU A 1 94  ? 3.426   8.532   13.472  1.00 31.19 ? 371 GLU A CA  1 
ATOM   742  C C   . GLU A 1 94  ? 1.988   8.911   13.340  1.00 27.86 ? 371 GLU A C   1 
ATOM   743  O O   . GLU A 1 94  ? 1.104   8.161   13.772  1.00 25.52 ? 371 GLU A O   1 
ATOM   744  C CB  . GLU A 1 94  ? 3.900   9.118   14.821  1.00 41.71 ? 371 GLU A CB  1 
ATOM   745  C CG  . GLU A 1 94  ? 5.245   8.625   15.321  1.00 48.49 ? 371 GLU A CG  1 
ATOM   746  C CD  . GLU A 1 94  ? 5.553   9.099   16.752  1.00 57.68 ? 371 GLU A CD  1 
ATOM   747  O OE1 . GLU A 1 94  ? 6.667   8.763   17.204  1.00 65.94 ? 371 GLU A OE1 1 
ATOM   748  O OE2 . GLU A 1 94  ? 4.698   9.798   17.405  1.00 51.61 ? 371 GLU A OE2 1 
ATOM   749  N N   . GLU A 1 95  ? 1.747   10.114  12.834  1.00 27.29 ? 372 GLU A N   1 
ATOM   750  C CA  . GLU A 1 95  ? 0.360   10.509  12.518  1.00 27.09 ? 372 GLU A CA  1 
ATOM   751  C C   . GLU A 1 95  ? -0.186  9.783   11.257  1.00 26.15 ? 372 GLU A C   1 
ATOM   752  O O   . GLU A 1 95  ? 0.452   9.752   10.210  1.00 24.91 ? 372 GLU A O   1 
ATOM   753  C CB  . GLU A 1 95  ? 0.260   12.018  12.334  1.00 28.36 ? 372 GLU A CB  1 
ATOM   754  C CG  . GLU A 1 95  ? 0.793   12.836  13.526  1.00 30.84 ? 372 GLU A CG  1 
ATOM   755  C CD  . GLU A 1 95  ? 2.292   13.128  13.421  1.00 37.22 ? 372 GLU A CD  1 
ATOM   756  O OE1 . GLU A 1 95  ? 3.019   12.434  12.667  1.00 32.12 ? 372 GLU A OE1 1 
ATOM   757  O OE2 . GLU A 1 95  ? 2.761   14.105  14.072  1.00 45.90 ? 372 GLU A OE2 1 
ATOM   758  N N   . PHE A 1 96  ? -1.380  9.238   11.360  1.00 26.36 ? 373 PHE A N   1 
ATOM   759  C CA  . PHE A 1 96  ? -1.981  8.432   10.288  1.00 24.66 ? 373 PHE A CA  1 
ATOM   760  C C   . PHE A 1 96  ? -2.546  9.317   9.167   1.00 27.38 ? 373 PHE A C   1 
ATOM   761  O O   . PHE A 1 96  ? -3.374  10.208  9.416   1.00 24.42 ? 373 PHE A O   1 
ATOM   762  C CB  . PHE A 1 96  ? -3.063  7.621   10.934  1.00 26.59 ? 373 PHE A CB  1 
ATOM   763  C CG  . PHE A 1 96  ? -3.842  6.740   10.003  1.00 23.76 ? 373 PHE A CG  1 
ATOM   764  C CD1 . PHE A 1 96  ? -3.251  6.019   8.990   1.00 21.31 ? 373 PHE A CD1 1 
ATOM   765  C CD2 . PHE A 1 96  ? -5.206  6.631   10.189  1.00 25.50 ? 373 PHE A CD2 1 
ATOM   766  C CE1 . PHE A 1 96  ? -3.999  5.206   8.182   1.00 21.86 ? 373 PHE A CE1 1 
ATOM   767  C CE2 . PHE A 1 96  ? -5.953  5.823   9.385   1.00 24.14 ? 373 PHE A CE2 1 
ATOM   768  C CZ  . PHE A 1 96  ? -5.364  5.105   8.376   1.00 21.06 ? 373 PHE A CZ  1 
ATOM   769  N N   . ASP A 1 97  ? -2.040  9.116   7.951   1.00 25.56 ? 374 ASP A N   1 
ATOM   770  C CA  . ASP A 1 97  ? -2.591  9.706   6.751   1.00 23.22 ? 374 ASP A CA  1 
ATOM   771  C C   . ASP A 1 97  ? -3.310  8.628   5.965   1.00 24.55 ? 374 ASP A C   1 
ATOM   772  O O   . ASP A 1 97  ? -2.631  7.777   5.254   1.00 20.00 ? 374 ASP A O   1 
ATOM   773  C CB  . ASP A 1 97  ? -1.452  10.280  5.884   1.00 24.59 ? 374 ASP A CB  1 
ATOM   774  C CG  . ASP A 1 97  ? -1.941  10.902  4.588   1.00 23.55 ? 374 ASP A CG  1 
ATOM   775  O OD1 . ASP A 1 97  ? -3.147  11.116  4.376   1.00 24.27 ? 374 ASP A OD1 1 
ATOM   776  O OD2 . ASP A 1 97  ? -1.082  11.116  3.742   1.00 25.11 ? 374 ASP A OD2 1 
ATOM   777  N N   . PRO A 1 98  ? -4.666  8.604   6.066   1.00 21.88 ? 375 PRO A N   1 
ATOM   778  C CA  . PRO A 1 98  ? -5.331  7.488   5.432   1.00 21.02 ? 375 PRO A CA  1 
ATOM   779  C C   . PRO A 1 98  ? -5.070  7.379   3.963   1.00 23.22 ? 375 PRO A C   1 
ATOM   780  O O   . PRO A 1 98  ? -5.145  6.250   3.419   1.00 23.83 ? 375 PRO A O   1 
ATOM   781  C CB  . PRO A 1 98  ? -6.819  7.734   5.746   1.00 21.61 ? 375 PRO A CB  1 
ATOM   782  C CG  . PRO A 1 98  ? -6.796  8.445   7.047   1.00 20.71 ? 375 PRO A CG  1 
ATOM   783  C CD  . PRO A 1 98  ? -5.643  9.396   6.831   1.00 21.89 ? 375 PRO A CD  1 
ATOM   784  N N   . ALA A 1 99  ? -4.770  8.507   3.312   1.00 21.81 ? 376 ALA A N   1 
ATOM   785  C CA  . ALA A 1 99  ? -4.512  8.582   1.894   1.00 23.03 ? 376 ALA A CA  1 
ATOM   786  C C   . ALA A 1 99  ? -3.374  7.653   1.444   1.00 25.62 ? 376 ALA A C   1 
ATOM   787  O O   . ALA A 1 99  ? -3.358  7.228   0.317   1.00 23.94 ? 376 ALA A O   1 
ATOM   788  C CB  . ALA A 1 99  ? -4.251  10.047  1.453   1.00 21.79 ? 376 ALA A CB  1 
ATOM   789  N N   . LYS A 1 100 ? -2.456  7.330   2.341   1.00 22.77 ? 377 LYS A N   1 
ATOM   790  C CA  . LYS A 1 100 ? -1.291  6.514   2.017   1.00 22.48 ? 377 LYS A CA  1 
ATOM   791  C C   . LYS A 1 100 ? -1.567  5.067   2.158   1.00 22.20 ? 377 LYS A C   1 
ATOM   792  O O   . LYS A 1 100 ? -0.783  4.275   1.658   1.00 22.32 ? 377 LYS A O   1 
ATOM   793  C CB  . LYS A 1 100 ? -0.109  6.870   2.924   1.00 24.89 ? 377 LYS A CB  1 
ATOM   794  C CG  . LYS A 1 100 ? 0.546   8.223   2.585   1.00 26.39 ? 377 LYS A CG  1 
ATOM   795  C CD  . LYS A 1 100 ? 1.901   8.421   3.326   1.00 27.45 ? 377 LYS A CD  1 
ATOM   796  C CE  . LYS A 1 100 ? 2.421   9.855   3.271   1.00 30.14 ? 377 LYS A CE  1 
ATOM   797  N NZ  . LYS A 1 100 ? 1.571   10.835  4.035   1.00 30.31 ? 377 LYS A NZ  1 
ATOM   798  N N   . TYR A 1 101 ? -2.678  4.707   2.819   1.00 21.36 ? 378 TYR A N   1 
ATOM   799  C CA  . TYR A 1 101 ? -2.910  3.349   3.219   1.00 24.44 ? 378 TYR A CA  1 
ATOM   800  C C   . TYR A 1 101 ? -4.196  2.717   2.709   1.00 24.22 ? 378 TYR A C   1 
ATOM   801  O O   . TYR A 1 101 ? -4.666  1.687   3.243   1.00 26.45 ? 378 TYR A O   1 
ATOM   802  C CB  . TYR A 1 101 ? -2.787  3.270   4.742   1.00 24.50 ? 378 TYR A CB  1 
ATOM   803  C CG  . TYR A 1 101 ? -1.362  3.582   5.262   1.00 24.44 ? 378 TYR A CG  1 
ATOM   804  C CD1 . TYR A 1 101 ? -0.374  2.615   5.205   1.00 24.37 ? 378 TYR A CD1 1 
ATOM   805  C CD2 . TYR A 1 101 ? -1.063  4.800   5.898   1.00 25.24 ? 378 TYR A CD2 1 
ATOM   806  C CE1 . TYR A 1 101 ? 0.902   2.871   5.670   1.00 25.62 ? 378 TYR A CE1 1 
ATOM   807  C CE2 . TYR A 1 101 ? 0.210   5.061   6.386   1.00 25.22 ? 378 TYR A CE2 1 
ATOM   808  C CZ  . TYR A 1 101 ? 1.177   4.118   6.273   1.00 27.34 ? 378 TYR A CZ  1 
ATOM   809  O OH  . TYR A 1 101 ? 2.427   4.367   6.805   1.00 25.26 ? 378 TYR A OH  1 
ATOM   810  N N   . GLY A 1 102 ? -4.738  3.295   1.635   1.00 22.57 ? 379 GLY A N   1 
ATOM   811  C CA  . GLY A 1 102 ? -5.880  2.678   0.946   1.00 23.97 ? 379 GLY A CA  1 
ATOM   812  C C   . GLY A 1 102 ? -7.086  3.573   0.815   1.00 25.04 ? 379 GLY A C   1 
ATOM   813  O O   . GLY A 1 102 ? -8.093  3.188   0.176   1.00 25.48 ? 379 GLY A O   1 
ATOM   814  N N   . MET A 1 103 ? -6.984  4.803   1.339   1.00 24.40 ? 380 MET A N   1 
ATOM   815  C CA  . MET A 1 103 ? -8.114  5.738   1.302   1.00 25.28 ? 380 MET A CA  1 
ATOM   816  C C   . MET A 1 103 ? -7.865  6.922   0.356   1.00 26.21 ? 380 MET A C   1 
ATOM   817  O O   . MET A 1 103 ? -8.436  8.010   0.562   1.00 26.43 ? 380 MET A O   1 
ATOM   818  C CB  . MET A 1 103 ? -8.489  6.244   2.704   1.00 24.27 ? 380 MET A CB  1 
ATOM   819  C CG  . MET A 1 103 ? -8.712  5.221   3.819   1.00 28.45 ? 380 MET A CG  1 
ATOM   820  S SD  . MET A 1 103 ? -9.903  3.956   3.367   1.00 30.91 ? 380 MET A SD  1 
ATOM   821  C CE  . MET A 1 103 ? -11.427 4.891   3.557   1.00 31.41 ? 380 MET A CE  1 
ATOM   822  N N   . ALA A 1 104 ? -7.080  6.739   -0.696  1.00 24.02 ? 381 ALA A N   1 
ATOM   823  C CA  . ALA A 1 104 ? -6.699  7.853   -1.565  1.00 28.17 ? 381 ALA A CA  1 
ATOM   824  C C   . ALA A 1 104 ? -7.925  8.480   -2.165  1.00 28.37 ? 381 ALA A C   1 
ATOM   825  O O   . ALA A 1 104 ? -7.943  9.666   -2.402  1.00 26.75 ? 381 ALA A O   1 
ATOM   826  C CB  . ALA A 1 104 ? -5.794  7.374   -2.681  1.00 30.72 ? 381 ALA A CB  1 
ATOM   827  N N   . ASP A 1 105 ? -8.956  7.671   -2.374  1.00 29.97 ? 382 ASP A N   1 
ATOM   828  C CA  . ASP A 1 105 ? -10.175 8.126   -2.995  1.00 35.03 ? 382 ASP A CA  1 
ATOM   829  C C   . ASP A 1 105 ? -10.929 9.115   -2.124  1.00 33.80 ? 382 ASP A C   1 
ATOM   830  O O   . ASP A 1 105 ? -11.866 9.709   -2.600  1.00 31.65 ? 382 ASP A O   1 
ATOM   831  C CB  . ASP A 1 105 ? -11.117 6.958   -3.273  1.00 39.25 ? 382 ASP A CB  1 
ATOM   832  C CG  . ASP A 1 105 ? -10.666 6.128   -4.399  1.00 45.84 ? 382 ASP A CG  1 
ATOM   833  O OD1 . ASP A 1 105 ? -9.798  6.552   -5.173  1.00 51.29 ? 382 ASP A OD1 1 
ATOM   834  O OD2 . ASP A 1 105 ? -11.166 4.998   -4.497  1.00 62.85 ? 382 ASP A OD2 1 
ATOM   835  N N   . SER A 1 106 ? -10.541 9.262   -0.859  1.00 28.83 ? 383 SER A N   1 
ATOM   836  C CA  . SER A 1 106 ? -11.236 10.096  0.066   1.00 27.12 ? 383 SER A CA  1 
ATOM   837  C C   . SER A 1 106 ? -10.674 11.512  0.131   1.00 29.90 ? 383 SER A C   1 
ATOM   838  O O   . SER A 1 106 ? -10.998 12.245  1.027   1.00 28.19 ? 383 SER A O   1 
ATOM   839  C CB  . SER A 1 106 ? -11.184 9.498   1.461   1.00 30.21 ? 383 SER A CB  1 
ATOM   840  O OG  . SER A 1 106 ? -12.068 8.400   1.533   1.00 33.94 ? 383 SER A OG  1 
ATOM   841  N N   . TYR A 1 107 ? -9.819  11.854  -0.825  1.00 32.34 ? 384 TYR A N   1 
ATOM   842  C CA  . TYR A 1 107 ? -9.211  13.157  -0.941  1.00 30.63 ? 384 TYR A CA  1 
ATOM   843  C C   . TYR A 1 107 ? -9.280  13.574  -2.428  1.00 31.57 ? 384 TYR A C   1 
ATOM   844  O O   . TYR A 1 107 ? -8.962  12.799  -3.339  1.00 34.87 ? 384 TYR A O   1 
ATOM   845  C CB  . TYR A 1 107 ? -7.754  13.167  -0.397  1.00 26.54 ? 384 TYR A CB  1 
ATOM   846  C CG  . TYR A 1 107 ? -7.692  12.595  0.987   1.00 24.55 ? 384 TYR A CG  1 
ATOM   847  C CD1 . TYR A 1 107 ? -7.656  11.230  1.160   1.00 23.57 ? 384 TYR A CD1 1 
ATOM   848  C CD2 . TYR A 1 107 ? -7.816  13.400  2.106   1.00 24.73 ? 384 TYR A CD2 1 
ATOM   849  C CE1 . TYR A 1 107 ? -7.701  10.650  2.432   1.00 22.74 ? 384 TYR A CE1 1 
ATOM   850  C CE2 . TYR A 1 107 ? -7.833  12.837  3.397   1.00 27.25 ? 384 TYR A CE2 1 
ATOM   851  C CZ  . TYR A 1 107 ? -7.784  11.472  3.544   1.00 24.59 ? 384 TYR A CZ  1 
ATOM   852  O OH  . TYR A 1 107 ? -7.842  10.932  4.778   1.00 24.38 ? 384 TYR A OH  1 
ATOM   853  N N   . ASP A 1 108 ? -9.658  14.817  -2.668  1.00 33.16 ? 385 ASP A N   1 
ATOM   854  C CA  . ASP A 1 108 ? -9.756  15.314  -4.062  1.00 38.79 ? 385 ASP A CA  1 
ATOM   855  C C   . ASP A 1 108 ? -8.396  15.743  -4.549  1.00 38.55 ? 385 ASP A C   1 
ATOM   856  O O   . ASP A 1 108 ? -7.401  15.593  -3.835  1.00 34.33 ? 385 ASP A O   1 
ATOM   857  C CB  . ASP A 1 108 ? -10.779 16.423  -4.185  1.00 36.97 ? 385 ASP A CB  1 
ATOM   858  C CG  . ASP A 1 108 ? -10.364 17.677  -3.465  1.00 37.21 ? 385 ASP A CG  1 
ATOM   859  O OD1 . ASP A 1 108 ? -9.163  17.919  -3.213  1.00 37.09 ? 385 ASP A OD1 1 
ATOM   860  O OD2 . ASP A 1 108 ? -11.270 18.408  -3.116  1.00 39.79 ? 385 ASP A OD2 1 
ATOM   861  N N   . GLU A 1 109 ? -8.334  16.186  -5.794  1.00 47.30 ? 386 GLU A N   1 
ATOM   862  C CA  . GLU A 1 109 ? -7.049  16.508  -6.447  1.00 53.69 ? 386 GLU A CA  1 
ATOM   863  C C   . GLU A 1 109 ? -6.261  17.630  -5.768  1.00 47.61 ? 386 GLU A C   1 
ATOM   864  O O   . GLU A 1 109 ? -5.045  17.685  -5.890  1.00 44.12 ? 386 GLU A O   1 
ATOM   865  C CB  . GLU A 1 109 ? -7.243  16.769  -7.966  1.00 58.22 ? 386 GLU A CB  1 
ATOM   866  C CG  . GLU A 1 109 ? -7.161  15.471  -8.775  1.00 66.89 ? 386 GLU A CG  1 
ATOM   867  C CD  . GLU A 1 109 ? -8.038  15.446  -10.016 1.00 76.20 ? 386 GLU A CD  1 
ATOM   868  O OE1 . GLU A 1 109 ? -7.808  16.285  -10.916 1.00 81.90 ? 386 GLU A OE1 1 
ATOM   869  O OE2 . GLU A 1 109 ? -8.942  14.574  -10.095 1.00 73.29 ? 386 GLU A OE2 1 
ATOM   870  N N   . GLN A 1 110 ? -6.939  18.509  -5.045  1.00 46.04 ? 387 GLN A N   1 
ATOM   871  C CA  . GLN A 1 110 ? -6.249  19.520  -4.266  1.00 47.24 ? 387 GLN A CA  1 
ATOM   872  C C   . GLN A 1 110 ? -5.957  18.981  -2.876  1.00 47.33 ? 387 GLN A C   1 
ATOM   873  O O   . GLN A 1 110 ? -5.415  19.695  -2.077  1.00 43.62 ? 387 GLN A O   1 
ATOM   874  C CB  . GLN A 1 110 ? -7.099  20.770  -4.116  1.00 51.83 ? 387 GLN A CB  1 
ATOM   875  C CG  . GLN A 1 110 ? -7.617  21.385  -5.404  1.00 60.16 ? 387 GLN A CG  1 
ATOM   876  C CD  . GLN A 1 110 ? -7.888  20.347  -6.480  1.00 69.90 ? 387 GLN A CD  1 
ATOM   877  O OE1 . GLN A 1 110 ? -9.049  19.995  -6.766  1.00 69.14 ? 387 GLN A OE1 1 
ATOM   878  N NE2 . GLN A 1 110 ? -6.811  19.832  -7.074  1.00 73.79 ? 387 GLN A NE2 1 
ATOM   879  N N   . GLY A 1 111 ? -6.343  17.737  -2.583  1.00 41.60 ? 388 GLY A N   1 
ATOM   880  C CA  . GLY A 1 111 ? -6.090  17.133  -1.287  1.00 43.67 ? 388 GLY A CA  1 
ATOM   881  C C   . GLY A 1 111 ? -7.093  17.392  -0.164  1.00 36.86 ? 388 GLY A C   1 
ATOM   882  O O   . GLY A 1 111 ? -6.820  17.047  0.965   1.00 33.54 ? 388 GLY A O   1 
ATOM   883  N N   . ASN A 1 112 ? -8.245  17.970  -0.458  1.00 34.24 ? 389 ASN A N   1 
ATOM   884  C CA  . ASN A 1 112 ? -9.268  18.113  0.554   1.00 34.17 ? 389 ASN A CA  1 
ATOM   885  C C   . ASN A 1 112 ? -9.990  16.795  0.780   1.00 31.43 ? 389 ASN A C   1 
ATOM   886  O O   . ASN A 1 112 ? -10.200 16.028  -0.158  1.00 30.03 ? 389 ASN A O   1 
ATOM   887  C CB  . ASN A 1 112 ? -10.307 19.140  0.141   1.00 37.89 ? 389 ASN A CB  1 
ATOM   888  C CG  . ASN A 1 112 ? -9.698  20.506  -0.099  1.00 39.00 ? 389 ASN A CG  1 
ATOM   889  O OD1 . ASN A 1 112 ? -9.509  20.923  -1.230  1.00 43.51 ? 389 ASN A OD1 1 
ATOM   890  N ND2 . ASN A 1 112 ? -9.348  21.165  0.953   1.00 39.52 ? 389 ASN A ND2 1 
ATOM   891  N N   . TYR A 1 113 ? -10.430 16.567  2.012   1.00 28.57 ? 390 TYR A N   1 
ATOM   892  C CA  . TYR A 1 113 ? -11.190 15.397  2.347   1.00 29.34 ? 390 TYR A CA  1 
ATOM   893  C C   . TYR A 1 113 ? -12.530 15.414  1.623   1.00 36.20 ? 390 TYR A C   1 
ATOM   894  O O   . TYR A 1 113 ? -13.150 16.462  1.515   1.00 32.09 ? 390 TYR A O   1 
ATOM   895  C CB  . TYR A 1 113 ? -11.454 15.357  3.845   1.00 31.54 ? 390 TYR A CB  1 
ATOM   896  C CG  . TYR A 1 113 ? -12.078 14.086  4.343   1.00 29.78 ? 390 TYR A CG  1 
ATOM   897  C CD1 . TYR A 1 113 ? -11.387 12.900  4.309   1.00 29.76 ? 390 TYR A CD1 1 
ATOM   898  C CD2 . TYR A 1 113 ? -13.402 14.073  4.827   1.00 28.85 ? 390 TYR A CD2 1 
ATOM   899  C CE1 . TYR A 1 113 ? -11.988 11.722  4.736   1.00 31.13 ? 390 TYR A CE1 1 
ATOM   900  C CE2 . TYR A 1 113 ? -13.999 12.932  5.246   1.00 25.98 ? 390 TYR A CE2 1 
ATOM   901  C CZ  . TYR A 1 113 ? -13.307 11.773  5.223   1.00 27.87 ? 390 TYR A CZ  1 
ATOM   902  O OH  . TYR A 1 113 ? -13.901 10.675  5.683   1.00 30.96 ? 390 TYR A OH  1 
ATOM   903  N N   . ILE A 1 114 ? -12.964 14.223  1.204   1.00 29.17 ? 391 ILE A N   1 
ATOM   904  C CA  . ILE A 1 114 ? -14.204 13.998  0.505   1.00 32.76 ? 391 ILE A CA  1 
ATOM   905  C C   . ILE A 1 114 ? -15.022 13.113  1.403   1.00 28.32 ? 391 ILE A C   1 
ATOM   906  O O   . ILE A 1 114 ? -14.695 11.936  1.627   1.00 28.70 ? 391 ILE A O   1 
ATOM   907  C CB  . ILE A 1 114 ? -13.952 13.202  -0.779  1.00 32.31 ? 391 ILE A CB  1 
ATOM   908  C CG1 . ILE A 1 114 ? -12.985 13.944  -1.673  1.00 36.24 ? 391 ILE A CG1 1 
ATOM   909  C CG2 . ILE A 1 114 ? -15.250 12.924  -1.506  1.00 38.42 ? 391 ILE A CG2 1 
ATOM   910  C CD1 . ILE A 1 114 ? -12.862 13.338  -3.066  1.00 36.92 ? 391 ILE A CD1 1 
ATOM   911  N N   . PHE A 1 115 ? -16.104 13.630  1.923   1.00 31.44 ? 392 PHE A N   1 
ATOM   912  C CA  . PHE A 1 115 ? -16.948 12.819  2.774   1.00 32.14 ? 392 PHE A CA  1 
ATOM   913  C C   . PHE A 1 115 ? -17.580 11.668  1.975   1.00 33.76 ? 392 PHE A C   1 
ATOM   914  O O   . PHE A 1 115 ? -18.106 11.853  0.910   1.00 31.92 ? 392 PHE A O   1 
ATOM   915  C CB  . PHE A 1 115 ? -18.042 13.678  3.401   1.00 33.55 ? 392 PHE A CB  1 
ATOM   916  C CG  . PHE A 1 115 ? -17.509 14.653  4.369   1.00 33.40 ? 392 PHE A CG  1 
ATOM   917  C CD1 . PHE A 1 115 ? -17.297 14.293  5.696   1.00 35.04 ? 392 PHE A CD1 1 
ATOM   918  C CD2 . PHE A 1 115 ? -17.131 15.908  3.955   1.00 34.32 ? 392 PHE A CD2 1 
ATOM   919  C CE1 . PHE A 1 115 ? -16.773 15.200  6.593   1.00 35.80 ? 392 PHE A CE1 1 
ATOM   920  C CE2 . PHE A 1 115 ? -16.583 16.807  4.854   1.00 35.09 ? 392 PHE A CE2 1 
ATOM   921  C CZ  . PHE A 1 115 ? -16.404 16.451  6.163   1.00 34.28 ? 392 PHE A CZ  1 
ATOM   922  N N   . PRO A 1 116 ? -17.536 10.466  2.520   1.00 34.21 ? 393 PRO A N   1 
ATOM   923  C CA  . PRO A 1 116 ? -18.082 9.338   1.798   1.00 35.10 ? 393 PRO A CA  1 
ATOM   924  C C   . PRO A 1 116 ? -19.578 9.421   1.561   1.00 36.05 ? 393 PRO A C   1 
ATOM   925  O O   . PRO A 1 116 ? -20.339 10.051  2.330   1.00 32.71 ? 393 PRO A O   1 
ATOM   926  C CB  . PRO A 1 116 ? -17.757 8.167   2.708   1.00 34.92 ? 393 PRO A CB  1 
ATOM   927  C CG  . PRO A 1 116 ? -17.675 8.750   4.065   1.00 32.28 ? 393 PRO A CG  1 
ATOM   928  C CD  . PRO A 1 116 ? -17.079 10.103  3.856   1.00 33.10 ? 393 PRO A CD  1 
ATOM   929  N N   . GLU A 1 117 ? -20.007 8.765   0.489   1.00 38.57 ? 394 GLU A N   1 
ATOM   930  C CA  . GLU A 1 117 ? -21.408 8.804   0.132   1.00 43.09 ? 394 GLU A CA  1 
ATOM   931  C C   . GLU A 1 117 ? -22.159 8.065   1.236   1.00 35.09 ? 394 GLU A C   1 
ATOM   932  O O   . GLU A 1 117 ? -21.775 6.967   1.648   1.00 33.63 ? 394 GLU A O   1 
ATOM   933  C CB  . GLU A 1 117 ? -21.662 8.158   -1.228  1.00 50.20 ? 394 GLU A CB  1 
ATOM   934  C CG  . GLU A 1 117 ? -23.115 8.259   -1.705  1.00 58.48 ? 394 GLU A CG  1 
ATOM   935  C CD  . GLU A 1 117 ? -23.563 9.654   -2.234  1.00 66.21 ? 394 GLU A CD  1 
ATOM   936  O OE1 . GLU A 1 117 ? -22.700 10.552  -2.435  1.00 66.18 ? 394 GLU A OE1 1 
ATOM   937  O OE2 . GLU A 1 117 ? -24.794 9.849   -2.440  1.00 65.22 ? 394 GLU A OE2 1 
ATOM   938  N N   . GLY A 1 118 ? -23.229 8.693   1.692   1.00 34.51 ? 395 GLY A N   1 
ATOM   939  C CA  . GLY A 1 118 ? -24.060 8.173   2.773   1.00 34.24 ? 395 GLY A CA  1 
ATOM   940  C C   . GLY A 1 118 ? -23.774 8.903   4.068   1.00 33.89 ? 395 GLY A C   1 
ATOM   941  O O   . GLY A 1 118 ? -24.506 8.743   4.992   1.00 28.33 ? 395 GLY A O   1 
ATOM   942  N N   . PHE A 1 119 ? -22.715 9.717   4.114   1.00 31.39 ? 396 PHE A N   1 
ATOM   943  C CA  . PHE A 1 119 ? -22.394 10.435  5.314   1.00 37.05 ? 396 PHE A CA  1 
ATOM   944  C C   . PHE A 1 119 ? -22.632 11.910  5.111   1.00 35.26 ? 396 PHE A C   1 
ATOM   945  O O   . PHE A 1 119 ? -22.139 12.469  4.164   1.00 36.80 ? 396 PHE A O   1 
ATOM   946  C CB  . PHE A 1 119 ? -20.923 10.191  5.664   1.00 38.32 ? 396 PHE A CB  1 
ATOM   947  C CG  . PHE A 1 119 ? -20.501 10.829  6.958   1.00 41.32 ? 396 PHE A CG  1 
ATOM   948  C CD1 . PHE A 1 119 ? -20.688 10.174  8.153   1.00 41.27 ? 396 PHE A CD1 1 
ATOM   949  C CD2 . PHE A 1 119 ? -19.976 12.097  6.973   1.00 40.20 ? 396 PHE A CD2 1 
ATOM   950  C CE1 . PHE A 1 119 ? -20.320 10.756  9.350   1.00 44.55 ? 396 PHE A CE1 1 
ATOM   951  C CE2 . PHE A 1 119 ? -19.603 12.685  8.167   1.00 45.68 ? 396 PHE A CE2 1 
ATOM   952  C CZ  . PHE A 1 119 ? -19.752 12.001  9.354   1.00 40.31 ? 396 PHE A CZ  1 
ATOM   953  N N   . ASP A 1 120 ? -23.294 12.561  6.056   1.00 41.20 ? 397 ASP A N   1 
ATOM   954  C CA  . ASP A 1 120 ? -23.619 13.999  5.922   1.00 45.40 ? 397 ASP A CA  1 
ATOM   955  C C   . ASP A 1 120 ? -22.621 14.883  6.633   1.00 45.19 ? 397 ASP A C   1 
ATOM   956  O O   . ASP A 1 120 ? -22.554 14.857  7.859   1.00 51.97 ? 397 ASP A O   1 
ATOM   957  C CB  . ASP A 1 120 ? -24.985 14.279  6.530   1.00 48.56 ? 397 ASP A CB  1 
ATOM   958  C CG  . ASP A 1 120 ? -25.361 15.780  6.475   1.00 54.03 ? 397 ASP A CG  1 
ATOM   959  O OD1 . ASP A 1 120 ? -24.829 16.535  5.609   1.00 59.16 ? 397 ASP A OD1 1 
ATOM   960  O OD2 . ASP A 1 120 ? -26.204 16.193  7.303   1.00 52.06 ? 397 ASP A OD2 1 
ATOM   961  N N   . ALA A 1 121 ? -21.884 15.694  5.884   1.00 50.52 ? 398 ALA A N   1 
ATOM   962  C CA  . ALA A 1 121 ? -20.864 16.577  6.489   1.00 59.31 ? 398 ALA A CA  1 
ATOM   963  C C   . ALA A 1 121 ? -21.433 17.581  7.498   1.00 70.47 ? 398 ALA A C   1 
ATOM   964  O O   . ALA A 1 121 ? -20.996 17.634  8.658   1.00 61.04 ? 398 ALA A O   1 
ATOM   965  C CB  . ALA A 1 121 ? -20.108 17.335  5.409   1.00 63.67 ? 398 ALA A CB  1 
ATOM   966  N N   . GLU A 1 122 ? -22.414 18.372  7.055   1.00 69.17 ? 399 GLU A N   1 
ATOM   967  C CA  . GLU A 1 122 ? -22.887 19.490  7.859   1.00 73.54 ? 399 GLU A CA  1 
ATOM   968  C C   . GLU A 1 122 ? -23.504 18.975  9.155   1.00 69.57 ? 399 GLU A C   1 
ATOM   969  O O   . GLU A 1 122 ? -23.764 19.735  10.063  1.00 70.78 ? 399 GLU A O   1 
ATOM   970  C CB  . GLU A 1 122 ? -23.878 20.358  7.059   1.00 75.99 ? 399 GLU A CB  1 
ATOM   971  C CG  . GLU A 1 122 ? -24.407 21.582  7.809   1.00 82.38 ? 399 GLU A CG  1 
ATOM   972  C CD  . GLU A 1 122 ? -25.172 22.557  6.913   1.00 87.75 ? 399 GLU A CD  1 
ATOM   973  O OE1 . GLU A 1 122 ? -25.453 23.697  7.376   1.00 78.94 ? 399 GLU A OE1 1 
ATOM   974  O OE2 . GLU A 1 122 ? -25.497 22.184  5.752   1.00 84.76 ? 399 GLU A OE2 1 
ATOM   975  N N   . THR A 1 123 ? -23.721 17.675  9.244   1.00 69.61 ? 400 THR A N   1 
ATOM   976  C CA  . THR A 1 123 ? -24.370 17.101  10.409  1.00 68.69 ? 400 THR A CA  1 
ATOM   977  C C   . THR A 1 123 ? -23.522 16.064  11.071  1.00 71.98 ? 400 THR A C   1 
ATOM   978  O O   . THR A 1 123 ? -23.842 15.580  12.152  1.00 70.16 ? 400 THR A O   1 
ATOM   979  C CB  . THR A 1 123 ? -25.693 16.471  9.961   1.00 72.82 ? 400 THR A CB  1 
ATOM   980  O OG1 . THR A 1 123 ? -26.612 17.538  9.741   1.00 73.51 ? 400 THR A OG1 1 
ATOM   981  C CG2 . THR A 1 123 ? -26.297 15.472  10.975  1.00 72.55 ? 400 THR A CG2 1 
ATOM   982  N N   . ASN A 1 124 ? -22.458 15.687  10.378  1.00 77.88 ? 401 ASN A N   1 
ATOM   983  C CA  . ASN A 1 124 ? -21.479 14.785  10.896  1.00 74.99 ? 401 ASN A CA  1 
ATOM   984  C C   . ASN A 1 124 ? -22.043 13.427  11.307  1.00 66.18 ? 401 ASN A C   1 
ATOM   985  O O   . ASN A 1 124 ? -21.521 12.808  12.232  1.00 50.71 ? 401 ASN A O   1 
ATOM   986  C CB  . ASN A 1 124 ? -20.729 15.459  12.042  1.00 79.84 ? 401 ASN A CB  1 
ATOM   987  C CG  . ASN A 1 124 ? -19.242 15.250  11.934  1.00 82.38 ? 401 ASN A CG  1 
ATOM   988  O OD1 . ASN A 1 124 ? -18.610 15.707  10.977  1.00 80.54 ? 401 ASN A OD1 1 
ATOM   989  N ND2 . ASN A 1 124 ? -18.681 14.513  12.879  1.00 90.74 ? 401 ASN A ND2 1 
ATOM   990  N N   . GLU A 1 125 ? -23.065 12.953  10.575  1.00 63.85 ? 402 GLU A N   1 
ATOM   991  C CA  . GLU A 1 125 ? -23.593 11.582  10.778  1.00 56.55 ? 402 GLU A CA  1 
ATOM   992  C C   . GLU A 1 125 ? -23.908 10.788  9.492   1.00 45.36 ? 402 GLU A C   1 
ATOM   993  O O   . GLU A 1 125 ? -24.087 11.360  8.451   1.00 39.42 ? 402 GLU A O   1 
ATOM   994  C CB  . GLU A 1 125 ? -24.828 11.629  11.672  1.00 59.84 ? 402 GLU A CB  1 
ATOM   995  C CG  . GLU A 1 125 ? -24.698 10.711  12.875  1.00 59.77 ? 402 GLU A CG  1 
ATOM   996  C CD  . GLU A 1 125 ? -25.644 11.072  13.994  1.00 64.12 ? 402 GLU A CD  1 
ATOM   997  O OE1 . GLU A 1 125 ? -26.161 12.211  14.001  1.00 68.81 ? 402 GLU A OE1 1 
ATOM   998  O OE2 . GLU A 1 125 ? -25.874 10.217  14.870  1.00 64.42 ? 402 GLU A OE2 1 
ATOM   999  N N   . TRP A 1 126 ? -23.985 9.467   9.619   1.00 39.37 ? 403 TRP A N   1 
ATOM   1000 C CA  . TRP A 1 126 ? -24.389 8.591   8.540   1.00 38.90 ? 403 TRP A CA  1 
ATOM   1001 C C   . TRP A 1 126 ? -25.916 8.674   8.376   1.00 36.50 ? 403 TRP A C   1 
ATOM   1002 O O   . TRP A 1 126 ? -26.603 8.860   9.326   1.00 39.12 ? 403 TRP A O   1 
ATOM   1003 C CB  . TRP A 1 126 ? -23.978 7.128   8.842   1.00 36.72 ? 403 TRP A CB  1 
ATOM   1004 C CG  . TRP A 1 126 ? -22.494 6.902   8.657   1.00 37.40 ? 403 TRP A CG  1 
ATOM   1005 C CD1 . TRP A 1 126 ? -21.495 6.917   9.655   1.00 34.46 ? 403 TRP A CD1 1 
ATOM   1006 C CD2 . TRP A 1 126 ? -21.819 6.651   7.426   1.00 36.58 ? 403 TRP A CD2 1 
ATOM   1007 N NE1 . TRP A 1 126 ? -20.269 6.682   9.076   1.00 34.84 ? 403 TRP A NE1 1 
ATOM   1008 C CE2 . TRP A 1 126 ? -20.431 6.514   7.725   1.00 38.07 ? 403 TRP A CE2 1 
ATOM   1009 C CE3 . TRP A 1 126 ? -22.238 6.523   6.098   1.00 33.82 ? 403 TRP A CE3 1 
ATOM   1010 C CZ2 . TRP A 1 126 ? -19.488 6.283   6.746   1.00 38.57 ? 403 TRP A CZ2 1 
ATOM   1011 C CZ3 . TRP A 1 126 ? -21.287 6.259   5.142   1.00 33.62 ? 403 TRP A CZ3 1 
ATOM   1012 C CH2 . TRP A 1 126 ? -19.930 6.157   5.478   1.00 33.69 ? 403 TRP A CH2 1 
ATOM   1013 N N   . LEU A 1 127 ? -26.405 8.535   7.158   1.00 37.35 ? 404 LEU A N   1 
ATOM   1014 C CA  . LEU A 1 127 ? -27.812 8.661   6.858   1.00 36.38 ? 404 LEU A CA  1 
ATOM   1015 C C   . LEU A 1 127 ? -28.529 7.346   6.981   1.00 33.08 ? 404 LEU A C   1 
ATOM   1016 O O   . LEU A 1 127 ? -27.976 6.312   6.671   1.00 32.84 ? 404 LEU A O   1 
ATOM   1017 C CB  . LEU A 1 127 ? -27.932 9.131   5.421   1.00 34.16 ? 404 LEU A CB  1 
ATOM   1018 C CG  . LEU A 1 127 ? -27.412 10.537  5.173   1.00 40.00 ? 404 LEU A CG  1 
ATOM   1019 C CD1 . LEU A 1 127 ? -27.475 10.899  3.718   1.00 37.82 ? 404 LEU A CD1 1 
ATOM   1020 C CD2 . LEU A 1 127 ? -28.173 11.554  6.011   1.00 45.14 ? 404 LEU A CD2 1 
ATOM   1021 N N   . GLU A 1 128 ? -29.792 7.372   7.369   1.00 37.54 ? 405 GLU A N   1 
ATOM   1022 C CA  . GLU A 1 128 ? -30.602 6.141   7.336   1.00 38.48 ? 405 GLU A CA  1 
ATOM   1023 C C   . GLU A 1 128 ? -30.677 5.653   5.907   1.00 35.77 ? 405 GLU A C   1 
ATOM   1024 O O   . GLU A 1 128 ? -30.762 6.481   4.974   1.00 33.50 ? 405 GLU A O   1 
ATOM   1025 C CB  . GLU A 1 128 ? -32.026 6.393   7.805   1.00 47.16 ? 405 GLU A CB  1 
ATOM   1026 C CG  . GLU A 1 128 ? -32.249 6.597   9.291   1.00 56.12 ? 405 GLU A CG  1 
ATOM   1027 C CD  . GLU A 1 128 ? -33.510 7.447   9.539   1.00 63.40 ? 405 GLU A CD  1 
ATOM   1028 O OE1 . GLU A 1 128 ? -34.652 6.930   9.459   1.00 68.88 ? 405 GLU A OE1 1 
ATOM   1029 O OE2 . GLU A 1 128 ? -33.358 8.668   9.764   1.00 71.48 ? 405 GLU A OE2 1 
ATOM   1030 N N   . GLY A 1 129 ? -30.672 4.331   5.725   1.00 32.71 ? 406 GLY A N   1 
ATOM   1031 C CA  . GLY A 1 129 ? -30.638 3.732   4.377   1.00 32.41 ? 406 GLY A CA  1 
ATOM   1032 C C   . GLY A 1 129 ? -29.268 3.430   3.772   1.00 30.85 ? 406 GLY A C   1 
ATOM   1033 O O   . GLY A 1 129 ? -29.154 2.643   2.850   1.00 32.45 ? 406 GLY A O   1 
ATOM   1034 N N   . PHE A 1 130 ? -28.215 4.035   4.304   1.00 36.14 ? 407 PHE A N   1 
ATOM   1035 C CA  . PHE A 1 130 ? -26.868 3.826   3.777   1.00 35.54 ? 407 PHE A CA  1 
ATOM   1036 C C   . PHE A 1 130 ? -26.034 2.935   4.720   1.00 38.56 ? 407 PHE A C   1 
ATOM   1037 O O   . PHE A 1 130 ? -24.813 3.031   4.789   1.00 33.29 ? 407 PHE A O   1 
ATOM   1038 C CB  . PHE A 1 130 ? -26.224 5.170   3.580   1.00 35.06 ? 407 PHE A CB  1 
ATOM   1039 C CG  . PHE A 1 130 ? -26.836 5.943   2.479   1.00 34.98 ? 407 PHE A CG  1 
ATOM   1040 C CD1 . PHE A 1 130 ? -28.008 6.666   2.696   1.00 33.05 ? 407 PHE A CD1 1 
ATOM   1041 C CD2 . PHE A 1 130 ? -26.292 5.919   1.196   1.00 33.94 ? 407 PHE A CD2 1 
ATOM   1042 C CE1 . PHE A 1 130 ? -28.603 7.381   1.663   1.00 33.14 ? 407 PHE A CE1 1 
ATOM   1043 C CE2 . PHE A 1 130 ? -26.897 6.620   0.164   1.00 33.99 ? 407 PHE A CE2 1 
ATOM   1044 C CZ  . PHE A 1 130 ? -28.053 7.363   0.400   1.00 31.47 ? 407 PHE A CZ  1 
ATOM   1045 N N   . GLU A 1 131 ? -26.696 2.026   5.409   1.00 36.54 ? 408 GLU A N   1 
ATOM   1046 C CA  . GLU A 1 131 ? -26.020 1.163   6.375   1.00 38.91 ? 408 GLU A CA  1 
ATOM   1047 C C   . GLU A 1 131 ? -25.009 0.266   5.679   1.00 37.36 ? 408 GLU A C   1 
ATOM   1048 O O   . GLU A 1 131 ? -23.917 0.048   6.189   1.00 40.52 ? 408 GLU A O   1 
ATOM   1049 C CB  . GLU A 1 131 ? -27.038 0.344   7.189   1.00 39.08 ? 408 GLU A CB  1 
ATOM   1050 C CG  . GLU A 1 131 ? -27.932 1.224   8.087   1.00 40.87 ? 408 GLU A CG  1 
ATOM   1051 C CD  . GLU A 1 131 ? -29.093 1.922   7.306   1.00 41.99 ? 408 GLU A CD  1 
ATOM   1052 O OE1 . GLU A 1 131 ? -29.372 1.569   6.129   1.00 41.59 ? 408 GLU A OE1 1 
ATOM   1053 O OE2 . GLU A 1 131 ? -29.729 2.812   7.869   1.00 40.32 ? 408 GLU A OE2 1 
ATOM   1054 N N   . LYS A 1 132 ? -25.332 -0.221  4.506   1.00 33.30 ? 409 LYS A N   1 
ATOM   1055 C CA  . LYS A 1 132 ? -24.393 -1.063  3.816   1.00 39.11 ? 409 LYS A CA  1 
ATOM   1056 C C   . LYS A 1 132 ? -23.144 -0.274  3.381   1.00 39.12 ? 409 LYS A C   1 
ATOM   1057 O O   . LYS A 1 132 ? -22.026 -0.777  3.456   1.00 32.93 ? 409 LYS A O   1 
ATOM   1058 C CB  . LYS A 1 132 ? -25.031 -1.694  2.607   1.00 44.51 ? 409 LYS A CB  1 
ATOM   1059 C CG  . LYS A 1 132 ? -24.419 -3.046  2.323   1.00 52.22 ? 409 LYS A CG  1 
ATOM   1060 C CD  . LYS A 1 132 ? -23.821 -3.104  0.959   1.00 52.35 ? 409 LYS A CD  1 
ATOM   1061 C CE  . LYS A 1 132 ? -24.861 -3.577  -0.032  1.00 57.59 ? 409 LYS A CE  1 
ATOM   1062 N NZ  . LYS A 1 132 ? -24.151 -4.269  -1.132  1.00 65.46 ? 409 LYS A NZ  1 
ATOM   1063 N N   . GLN A 1 133 ? -23.342 0.959   2.960   1.00 31.84 ? 410 GLN A N   1 
ATOM   1064 C CA  . GLN A 1 133 ? -22.231 1.795   2.508   1.00 34.88 ? 410 GLN A CA  1 
ATOM   1065 C C   . GLN A 1 133 ? -21.318 2.161   3.694   1.00 32.88 ? 410 GLN A C   1 
ATOM   1066 O O   . GLN A 1 133 ? -20.109 2.199   3.567   1.00 29.00 ? 410 GLN A O   1 
ATOM   1067 C CB  . GLN A 1 133 ? -22.737 3.076   1.845   1.00 33.65 ? 410 GLN A CB  1 
ATOM   1068 C CG  . GLN A 1 133 ? -23.299 2.844   0.445   1.00 36.06 ? 410 GLN A CG  1 
ATOM   1069 C CD  . GLN A 1 133 ? -24.603 2.032   0.441   1.00 35.40 ? 410 GLN A CD  1 
ATOM   1070 O OE1 . GLN A 1 133 ? -25.493 2.232   1.268   1.00 32.71 ? 410 GLN A OE1 1 
ATOM   1071 N NE2 . GLN A 1 133 ? -24.712 1.120   -0.507  1.00 34.55 ? 410 GLN A NE2 1 
ATOM   1072 N N   . ARG A 1 134 ? -21.923 2.373   4.838   1.00 33.53 ? 411 ARG A N   1 
ATOM   1073 C CA  . ARG A 1 134 ? -21.222 2.667   6.066   1.00 33.66 ? 411 ARG A CA  1 
ATOM   1074 C C   . ARG A 1 134 ? -20.346 1.501   6.387   1.00 32.73 ? 411 ARG A C   1 
ATOM   1075 O O   . ARG A 1 134 ? -19.169 1.652   6.600   1.00 33.30 ? 411 ARG A O   1 
ATOM   1076 C CB  . ARG A 1 134 ? -22.199 2.890   7.207   1.00 35.61 ? 411 ARG A CB  1 
ATOM   1077 C CG  . ARG A 1 134 ? -21.489 3.162   8.524   1.00 40.50 ? 411 ARG A CG  1 
ATOM   1078 C CD  . ARG A 1 134 ? -22.438 3.332   9.688   1.00 42.93 ? 411 ARG A CD  1 
ATOM   1079 N NE  . ARG A 1 134 ? -21.687 3.862   10.832  1.00 46.53 ? 411 ARG A NE  1 
ATOM   1080 C CZ  . ARG A 1 134 ? -22.166 4.678   11.782  1.00 52.20 ? 411 ARG A CZ  1 
ATOM   1081 N NH1 . ARG A 1 134 ? -23.426 5.081   11.754  1.00 53.19 ? 411 ARG A NH1 1 
ATOM   1082 N NH2 . ARG A 1 134 ? -21.360 5.124   12.769  1.00 45.96 ? 411 ARG A NH2 1 
ATOM   1083 N N   . ALA A 1 135 ? -20.916 0.323   6.380   1.00 33.30 ? 412 ALA A N   1 
ATOM   1084 C CA  . ALA A 1 135 ? -20.137 -0.852  6.666   1.00 35.72 ? 412 ALA A CA  1 
ATOM   1085 C C   . ALA A 1 135 ? -18.991 -1.030  5.671   1.00 31.42 ? 412 ALA A C   1 
ATOM   1086 O O   . ALA A 1 135 ? -17.870 -1.288  6.089   1.00 29.87 ? 412 ALA A O   1 
ATOM   1087 C CB  . ALA A 1 135 ? -21.036 -2.097  6.715   1.00 35.94 ? 412 ALA A CB  1 
ATOM   1088 N N   . GLU A 1 136 ? -19.214 -0.874  4.380   1.00 29.56 ? 413 GLU A N   1 
ATOM   1089 C CA  . GLU A 1 136 ? -18.101 -1.001  3.394   1.00 32.14 ? 413 GLU A CA  1 
ATOM   1090 C C   . GLU A 1 136 ? -16.981 0.012   3.713   1.00 32.04 ? 413 GLU A C   1 
ATOM   1091 O O   . GLU A 1 136 ? -15.810 -0.325  3.811   1.00 34.33 ? 413 GLU A O   1 
ATOM   1092 C CB  . GLU A 1 136 ? -18.618 -0.773  1.968   1.00 36.09 ? 413 GLU A CB  1 
ATOM   1093 C CG  . GLU A 1 136 ? -19.593 -1.879  1.571   1.00 47.03 ? 413 GLU A CG  1 
ATOM   1094 C CD  . GLU A 1 136 ? -20.309 -1.703  0.222   1.00 49.79 ? 413 GLU A CD  1 
ATOM   1095 O OE1 . GLU A 1 136 ? -20.434 -0.571  -0.316  1.00 50.33 ? 413 GLU A OE1 1 
ATOM   1096 O OE2 . GLU A 1 136 ? -20.760 -2.748  -0.303  1.00 54.09 ? 413 GLU A OE2 1 
ATOM   1097 N N   . TRP A 1 137 ? -17.373 1.236   3.981   1.00 32.97 ? 414 TRP A N   1 
ATOM   1098 C CA  . TRP A 1 137 ? -16.418 2.293   4.245   1.00 32.16 ? 414 TRP A CA  1 
ATOM   1099 C C   . TRP A 1 137 ? -15.652 1.980   5.501   1.00 32.71 ? 414 TRP A C   1 
ATOM   1100 O O   . TRP A 1 137 ? -14.431 2.117   5.522   1.00 29.99 ? 414 TRP A O   1 
ATOM   1101 C CB  . TRP A 1 137 ? -17.128 3.615   4.396   1.00 34.91 ? 414 TRP A CB  1 
ATOM   1102 C CG  . TRP A 1 137 ? -16.187 4.682   4.605   1.00 33.23 ? 414 TRP A CG  1 
ATOM   1103 C CD1 . TRP A 1 137 ? -15.503 5.348   3.661   1.00 35.01 ? 414 TRP A CD1 1 
ATOM   1104 C CD2 . TRP A 1 137 ? -15.748 5.141   5.843   1.00 32.20 ? 414 TRP A CD2 1 
ATOM   1105 N NE1 . TRP A 1 137 ? -14.664 6.267   4.254   1.00 40.97 ? 414 TRP A NE1 1 
ATOM   1106 C CE2 . TRP A 1 137 ? -14.785 6.137   5.605   1.00 33.42 ? 414 TRP A CE2 1 
ATOM   1107 C CE3 . TRP A 1 137 ? -16.047 4.789   7.143   1.00 33.26 ? 414 TRP A CE3 1 
ATOM   1108 C CZ2 . TRP A 1 137 ? -14.132 6.787   6.619   1.00 33.14 ? 414 TRP A CZ2 1 
ATOM   1109 C CZ3 . TRP A 1 137 ? -15.423 5.429   8.144   1.00 38.27 ? 414 TRP A CZ3 1 
ATOM   1110 C CH2 . TRP A 1 137 ? -14.470 6.432   7.886   1.00 37.39 ? 414 TRP A CH2 1 
ATOM   1111 N N   . GLU A 1 138 ? -16.335 1.558   6.559   1.00 33.33 ? 415 GLU A N   1 
ATOM   1112 C CA  . GLU A 1 138 ? -15.645 1.338   7.866   1.00 34.86 ? 415 GLU A CA  1 
ATOM   1113 C C   . GLU A 1 138 ? -14.676 0.180   7.791   1.00 32.53 ? 415 GLU A C   1 
ATOM   1114 O O   . GLU A 1 138 ? -13.622 0.202   8.405   1.00 33.96 ? 415 GLU A O   1 
ATOM   1115 C CB  . GLU A 1 138 ? -16.637 1.087   8.999   1.00 38.80 ? 415 GLU A CB  1 
ATOM   1116 C CG  . GLU A 1 138 ? -17.330 2.378   9.404   1.00 41.45 ? 415 GLU A CG  1 
ATOM   1117 C CD  . GLU A 1 138 ? -18.380 2.213   10.479  1.00 39.79 ? 415 GLU A CD  1 
ATOM   1118 O OE1 . GLU A 1 138 ? -18.865 1.088   10.727  1.00 43.17 ? 415 GLU A OE1 1 
ATOM   1119 O OE2 . GLU A 1 138 ? -18.715 3.258   11.045  1.00 48.45 ? 415 GLU A OE2 1 
ATOM   1120 N N   . ALA A 1 139 ? -15.022 -0.811  7.008   1.00 32.33 ? 416 ALA A N   1 
ATOM   1121 C CA  . ALA A 1 139 ? -14.094 -1.869  6.714   1.00 34.34 ? 416 ALA A CA  1 
ATOM   1122 C C   . ALA A 1 139 ? -12.833 -1.382  6.020   1.00 32.81 ? 416 ALA A C   1 
ATOM   1123 O O   . ALA A 1 139 ? -11.721 -1.803  6.378   1.00 28.00 ? 416 ALA A O   1 
ATOM   1124 C CB  . ALA A 1 139 ? -14.773 -2.954  5.919   1.00 33.31 ? 416 ALA A CB  1 
ATOM   1125 N N   . ARG A 1 140 ? -13.000 -0.466  5.065   1.00 29.85 ? 417 ARG A N   1 
ATOM   1126 C CA  . ARG A 1 140 ? -11.886 0.015   4.282   1.00 30.32 ? 417 ARG A CA  1 
ATOM   1127 C C   . ARG A 1 140 ? -10.975 0.779   5.201   1.00 27.02 ? 417 ARG A C   1 
ATOM   1128 O O   . ARG A 1 140 ? -9.770  0.667   5.141   1.00 23.56 ? 417 ARG A O   1 
ATOM   1129 C CB  . ARG A 1 140 ? -12.355 0.960   3.157   1.00 31.11 ? 417 ARG A CB  1 
ATOM   1130 C CG  . ARG A 1 140 ? -13.031 0.231   1.980   1.00 36.75 ? 417 ARG A CG  1 
ATOM   1131 C CD  . ARG A 1 140 ? -13.356 1.205   0.850   1.00 37.82 ? 417 ARG A CD  1 
ATOM   1132 N NE  . ARG A 1 140 ? -12.111 1.754   0.312   1.00 46.94 ? 417 ARG A NE  1 
ATOM   1133 C CZ  . ARG A 1 140 ? -11.965 3.011   -0.118  1.00 52.00 ? 417 ARG A CZ  1 
ATOM   1134 N NH1 . ARG A 1 140 ? -12.984 3.868   -0.075  1.00 60.68 ? 417 ARG A NH1 1 
ATOM   1135 N NH2 . ARG A 1 140 ? -10.803 3.431   -0.600  1.00 49.12 ? 417 ARG A NH2 1 
ATOM   1136 N N   . TYR A 1 141 ? -11.588 1.622   6.009   1.00 29.46 ? 418 TYR A N   1 
ATOM   1137 C CA  . TYR A 1 141 ? -10.866 2.495   6.893   1.00 27.35 ? 418 TYR A CA  1 
ATOM   1138 C C   . TYR A 1 141 ? -10.094 1.693   7.957   1.00 27.94 ? 418 TYR A C   1 
ATOM   1139 O O   . TYR A 1 141 ? -8.943  2.012   8.298   1.00 29.68 ? 418 TYR A O   1 
ATOM   1140 C CB  . TYR A 1 141 ? -11.852 3.477   7.526   1.00 31.62 ? 418 TYR A CB  1 
ATOM   1141 C CG  . TYR A 1 141 ? -11.170 4.345   8.510   1.00 31.33 ? 418 TYR A CG  1 
ATOM   1142 C CD1 . TYR A 1 141 ? -10.553 5.524   8.140   1.00 32.56 ? 418 TYR A CD1 1 
ATOM   1143 C CD2 . TYR A 1 141 ? -11.057 3.915   9.807   1.00 35.52 ? 418 TYR A CD2 1 
ATOM   1144 C CE1 . TYR A 1 141 ? -9.883  6.290   9.095   1.00 34.16 ? 418 TYR A CE1 1 
ATOM   1145 C CE2 . TYR A 1 141 ? -10.420 4.655   10.740  1.00 37.27 ? 418 TYR A CE2 1 
ATOM   1146 C CZ  . TYR A 1 141 ? -9.821  5.820   10.381  1.00 33.09 ? 418 TYR A CZ  1 
ATOM   1147 O OH  . TYR A 1 141 ? -9.189  6.435   11.427  1.00 32.74 ? 418 TYR A OH  1 
ATOM   1148 N N   . ALA A 1 142 ? -10.739 0.687   8.505   1.00 28.53 ? 419 ALA A N   1 
ATOM   1149 C CA  . ALA A 1 142 ? -10.107 -0.162  9.490   1.00 30.41 ? 419 ALA A CA  1 
ATOM   1150 C C   . ALA A 1 142 ? -8.910  -0.880  8.876   1.00 29.57 ? 419 ALA A C   1 
ATOM   1151 O O   . ALA A 1 142 ? -7.885  -0.981  9.522   1.00 29.58 ? 419 ALA A O   1 
ATOM   1152 C CB  . ALA A 1 142 ? -11.086 -1.176  10.053  1.00 28.76 ? 419 ALA A CB  1 
ATOM   1153 N N   . GLU A 1 143 ? -9.019  -1.340  7.629   1.00 29.52 ? 420 GLU A N   1 
ATOM   1154 C CA  . GLU A 1 143 ? -7.904  -2.002  7.002   1.00 30.25 ? 420 GLU A CA  1 
ATOM   1155 C C   . GLU A 1 143 ? -6.743  -1.033  6.763   1.00 28.01 ? 420 GLU A C   1 
ATOM   1156 O O   . GLU A 1 143 ? -5.577  -1.407  6.946   1.00 27.49 ? 420 GLU A O   1 
ATOM   1157 C CB  . GLU A 1 143 ? -8.327  -2.691  5.708   1.00 34.88 ? 420 GLU A CB  1 
ATOM   1158 C CG  . GLU A 1 143 ? -7.209  -3.450  4.992   1.00 41.10 ? 420 GLU A CG  1 
ATOM   1159 C CD  . GLU A 1 143 ? -6.453  -4.462  5.896   1.00 47.15 ? 420 GLU A CD  1 
ATOM   1160 O OE1 . GLU A 1 143 ? -7.086  -5.047  6.818   1.00 50.77 ? 420 GLU A OE1 1 
ATOM   1161 O OE2 . GLU A 1 143 ? -5.217  -4.661  5.694   1.00 49.91 ? 420 GLU A OE2 1 
ATOM   1162 N N   . ALA A 1 144 ? -7.054  0.209   6.410   1.00 23.83 ? 421 ALA A N   1 
ATOM   1163 C CA  . ALA A 1 144 ? -6.041  1.256   6.259   1.00 25.44 ? 421 ALA A CA  1 
ATOM   1164 C C   . ALA A 1 144 ? -5.342  1.529   7.589   1.00 26.13 ? 421 ALA A C   1 
ATOM   1165 O O   . ALA A 1 144 ? -4.136  1.643   7.637   1.00 25.17 ? 421 ALA A O   1 
ATOM   1166 C CB  . ALA A 1 144 ? -6.683  2.551   5.733   1.00 23.98 ? 421 ALA A CB  1 
ATOM   1167 N N   . GLU A 1 145 ? -6.114  1.665   8.668   1.00 26.66 ? 422 GLU A N   1 
ATOM   1168 C CA  . GLU A 1 145 ? -5.544  1.801   9.967   1.00 24.97 ? 422 GLU A CA  1 
ATOM   1169 C C   . GLU A 1 145 ? -4.648  0.629   10.334  1.00 25.41 ? 422 GLU A C   1 
ATOM   1170 O O   . GLU A 1 145 ? -3.583  0.836   10.931  1.00 27.34 ? 422 GLU A O   1 
ATOM   1171 C CB  . GLU A 1 145 ? -6.640  1.843   11.039  1.00 29.78 ? 422 GLU A CB  1 
ATOM   1172 C CG  . GLU A 1 145 ? -7.446  3.082   11.104  1.00 37.91 ? 422 GLU A CG  1 
ATOM   1173 C CD  . GLU A 1 145 ? -8.246  3.190   12.396  1.00 43.61 ? 422 GLU A CD  1 
ATOM   1174 O OE1 . GLU A 1 145 ? -8.959  2.219   12.772  1.00 44.45 ? 422 GLU A OE1 1 
ATOM   1175 O OE2 . GLU A 1 145 ? -8.123  4.271   13.008  1.00 41.57 ? 422 GLU A OE2 1 
ATOM   1176 N N   . ARG A 1 146 ? -5.093  -0.586  10.054  1.00 25.87 ? 423 ARG A N   1 
ATOM   1177 C CA  . ARG A 1 146 ? -4.292  -1.763  10.351  1.00 28.57 ? 423 ARG A CA  1 
ATOM   1178 C C   . ARG A 1 146 ? -2.936  -1.719  9.612   1.00 29.21 ? 423 ARG A C   1 
ATOM   1179 O O   . ARG A 1 146 ? -1.914  -2.087  10.175  1.00 27.92 ? 423 ARG A O   1 
ATOM   1180 C CB  . ARG A 1 146 ? -5.053  -3.040  10.000  1.00 35.32 ? 423 ARG A CB  1 
ATOM   1181 C CG  . ARG A 1 146 ? -4.390  -4.320  10.557  1.00 42.52 ? 423 ARG A CG  1 
ATOM   1182 C CD  . ARG A 1 146 ? -5.182  -5.563  10.207  1.00 44.74 ? 423 ARG A CD  1 
ATOM   1183 N NE  . ARG A 1 146 ? -5.011  -5.859  8.790   1.00 48.34 ? 423 ARG A NE  1 
ATOM   1184 C CZ  . ARG A 1 146 ? -4.139  -6.718  8.282   1.00 49.48 ? 423 ARG A CZ  1 
ATOM   1185 N NH1 . ARG A 1 146 ? -3.355  -7.445  9.067   1.00 52.02 ? 423 ARG A NH1 1 
ATOM   1186 N NH2 . ARG A 1 146 ? -4.072  -6.880  6.970   1.00 47.94 ? 423 ARG A NH2 1 
ATOM   1187 N N   . ARG A 1 147 ? -2.934  -1.286  8.356   1.00 25.06 ? 424 ARG A N   1 
ATOM   1188 C CA  . ARG A 1 147 ? -1.726  -1.170  7.558   1.00 27.04 ? 424 ARG A CA  1 
ATOM   1189 C C   . ARG A 1 147 ? -0.737  -0.195  8.166   1.00 26.18 ? 424 ARG A C   1 
ATOM   1190 O O   . ARG A 1 147 ? 0.456   -0.491  8.246   1.00 25.27 ? 424 ARG A O   1 
ATOM   1191 C CB  . ARG A 1 147 ? -2.060  -0.802  6.104   1.00 28.00 ? 424 ARG A CB  1 
ATOM   1192 C CG  . ARG A 1 147 ? -2.541  -2.034  5.326   1.00 32.66 ? 424 ARG A CG  1 
ATOM   1193 C CD  . ARG A 1 147 ? -3.104  -1.748  3.931   1.00 39.22 ? 424 ARG A CD  1 
ATOM   1194 N NE  . ARG A 1 147 ? -3.575  -3.056  3.435   1.00 44.10 ? 424 ARG A NE  1 
ATOM   1195 C CZ  . ARG A 1 147 ? -3.074  -3.753  2.405   1.00 47.58 ? 424 ARG A CZ  1 
ATOM   1196 N NH1 . ARG A 1 147 ? -2.149  -3.256  1.614   1.00 42.87 ? 424 ARG A NH1 1 
ATOM   1197 N NH2 . ARG A 1 147 ? -3.589  -4.947  2.091   1.00 49.32 ? 424 ARG A NH2 1 
ATOM   1198 N N   . HIS A 1 148 ? -1.246  0.913   8.650   1.00 25.11 ? 425 HIS A N   1 
ATOM   1199 C CA  . HIS A 1 148 ? -0.452  1.877   9.379   1.00 27.37 ? 425 HIS A CA  1 
ATOM   1200 C C   . HIS A 1 148 ? 0.112   1.323   10.703  1.00 26.01 ? 425 HIS A C   1 
ATOM   1201 O O   . HIS A 1 148 ? 1.264   1.554   10.998  1.00 28.68 ? 425 HIS A O   1 
ATOM   1202 C CB  . HIS A 1 148 ? -1.224  3.136   9.628   1.00 28.60 ? 425 HIS A CB  1 
ATOM   1203 C CG  . HIS A 1 148 ? -0.396  4.231   10.190  1.00 29.75 ? 425 HIS A CG  1 
ATOM   1204 N ND1 . HIS A 1 148 ? -0.597  4.756   11.444  1.00 31.63 ? 425 HIS A ND1 1 
ATOM   1205 C CD2 . HIS A 1 148 ? 0.674   4.875   9.686   1.00 29.70 ? 425 HIS A CD2 1 
ATOM   1206 C CE1 . HIS A 1 148 ? 0.274   5.715   11.658  1.00 27.71 ? 425 HIS A CE1 1 
ATOM   1207 N NE2 . HIS A 1 148 ? 1.063   5.801   10.611  1.00 29.57 ? 425 HIS A NE2 1 
ATOM   1208 N N   . LYS A 1 149 ? -0.679  0.585   11.440  1.00 30.58 ? 426 LYS A N   1 
ATOM   1209 C CA  . LYS A 1 149 ? -0.217  -0.054  12.657  1.00 32.22 ? 426 LYS A CA  1 
ATOM   1210 C C   . LYS A 1 149 ? 0.885   -1.036  12.317  1.00 30.77 ? 426 LYS A C   1 
ATOM   1211 O O   . LYS A 1 149 ? 1.888   -1.081  12.957  1.00 34.72 ? 426 LYS A O   1 
ATOM   1212 C CB  . LYS A 1 149 ? -1.373  -0.775  13.282  1.00 38.29 ? 426 LYS A CB  1 
ATOM   1213 C CG  . LYS A 1 149 ? -1.132  -1.316  14.679  1.00 42.08 ? 426 LYS A CG  1 
ATOM   1214 C CD  . LYS A 1 149 ? -2.032  -2.527  14.931  1.00 51.06 ? 426 LYS A CD  1 
ATOM   1215 C CE  . LYS A 1 149 ? -1.704  -3.232  16.258  1.00 53.45 ? 426 LYS A CE  1 
ATOM   1216 N NZ  . LYS A 1 149 ? -1.155  -2.268  17.266  1.00 55.44 ? 426 LYS A NZ  1 
ATOM   1217 N N   . MET A 1 150 ? 0.707   -1.783  11.242  1.00 29.82 ? 427 MET A N   1 
ATOM   1218 C CA  . MET A 1 150 ? 1.726   -2.674  10.785  1.00 28.91 ? 427 MET A CA  1 
ATOM   1219 C C   . MET A 1 150 ? 2.957   -1.923  10.443  1.00 28.92 ? 427 MET A C   1 
ATOM   1220 O O   . MET A 1 150 ? 4.048   -2.359  10.741  1.00 28.55 ? 427 MET A O   1 
ATOM   1221 C CB  . MET A 1 150 ? 1.255   -3.492  9.624   1.00 27.90 ? 427 MET A CB  1 
ATOM   1222 C CG  . MET A 1 150 ? 0.275   -4.555  10.064  1.00 32.03 ? 427 MET A CG  1 
ATOM   1223 S SD  . MET A 1 150 ? -0.139  -5.702  8.759   1.00 37.06 ? 427 MET A SD  1 
ATOM   1224 C CE  . MET A 1 150 ? 1.307   -6.796  8.990   1.00 39.92 ? 427 MET A CE  1 
ATOM   1225 N N   . HIS A 1 151 ? 2.799   -0.772  9.798   1.00 27.29 ? 428 HIS A N   1 
ATOM   1226 C CA  . HIS A 1 151 ? 3.941   0.023   9.441   1.00 23.95 ? 428 HIS A CA  1 
ATOM   1227 C C   . HIS A 1 151 ? 4.622   0.574   10.680  1.00 28.82 ? 428 HIS A C   1 
ATOM   1228 O O   . HIS A 1 151 ? 5.832   0.665   10.714  1.00 27.01 ? 428 HIS A O   1 
ATOM   1229 C CB  . HIS A 1 151 ? 3.537   1.149   8.507   1.00 23.27 ? 428 HIS A CB  1 
ATOM   1230 C CG  . HIS A 1 151 ? 4.664   1.704   7.717   1.00 23.30 ? 428 HIS A CG  1 
ATOM   1231 N ND1 . HIS A 1 151 ? 4.500   2.772   6.865   1.00 21.61 ? 428 HIS A ND1 1 
ATOM   1232 C CD2 . HIS A 1 151 ? 5.961   1.338   7.616   1.00 21.75 ? 428 HIS A CD2 1 
ATOM   1233 C CE1 . HIS A 1 151 ? 5.650   3.032   6.278   1.00 21.01 ? 428 HIS A CE1 1 
ATOM   1234 N NE2 . HIS A 1 151 ? 6.553   2.193   6.734   1.00 21.64 ? 428 HIS A NE2 1 
ATOM   1235 N N   . THR A 1 152 ? 3.842   0.959   11.680  1.00 29.20 ? 429 THR A N   1 
ATOM   1236 C CA  . THR A 1 152 ? 4.423   1.430   12.939  1.00 28.50 ? 429 THR A CA  1 
ATOM   1237 C C   . THR A 1 152 ? 5.291   0.280   13.530  1.00 30.97 ? 429 THR A C   1 
ATOM   1238 O O   . THR A 1 152 ? 6.395   0.531   13.976  1.00 34.59 ? 429 THR A O   1 
ATOM   1239 C CB  . THR A 1 152 ? 3.315   1.861   13.906  1.00 30.39 ? 429 THR A CB  1 
ATOM   1240 O OG1 . THR A 1 152 ? 2.678   3.094   13.441  1.00 27.27 ? 429 THR A OG1 1 
ATOM   1241 C CG2 . THR A 1 152 ? 3.914   2.107   15.326  1.00 34.24 ? 429 THR A CG2 1 
ATOM   1242 N N   . ALA A 1 153 ? 4.816   -0.963  13.465  1.00 28.74 ? 430 ALA A N   1 
ATOM   1243 C CA  . ALA A 1 153 ? 5.619   -2.107  13.914  1.00 32.54 ? 430 ALA A CA  1 
ATOM   1244 C C   . ALA A 1 153 ? 6.926   -2.222  13.157  1.00 36.19 ? 430 ALA A C   1 
ATOM   1245 O O   . ALA A 1 153 ? 7.975   -2.502  13.728  1.00 32.47 ? 430 ALA A O   1 
ATOM   1246 C CB  . ALA A 1 153 ? 4.857   -3.391  13.738  1.00 34.43 ? 430 ALA A CB  1 
ATOM   1247 N N   . GLN A 1 154 ? 6.861   -2.022  11.849  1.00 29.60 ? 431 GLN A N   1 
ATOM   1248 C CA  . GLN A 1 154 ? 8.033   -2.069  11.026  1.00 29.52 ? 431 GLN A CA  1 
ATOM   1249 C C   . GLN A 1 154 ? 9.002   -0.980  11.421  1.00 32.21 ? 431 GLN A C   1 
ATOM   1250 O O   . GLN A 1 154 ? 10.207  -1.178  11.422  1.00 35.05 ? 431 GLN A O   1 
ATOM   1251 C CB  . GLN A 1 154 ? 7.626   -1.894  9.557   1.00 29.45 ? 431 GLN A CB  1 
ATOM   1252 C CG  . GLN A 1 154 ? 8.735   -1.850  8.547   1.00 27.90 ? 431 GLN A CG  1 
ATOM   1253 C CD  . GLN A 1 154 ? 8.199   -2.176  7.148   1.00 26.66 ? 431 GLN A CD  1 
ATOM   1254 O OE1 . GLN A 1 154 ? 7.684   -3.251  6.897   1.00 25.36 ? 431 GLN A OE1 1 
ATOM   1255 N NE2 . GLN A 1 154 ? 8.335   -1.247  6.251   1.00 26.66 ? 431 GLN A NE2 1 
ATOM   1256 N N   . MET A 1 155 ? 8.514   0.193   11.732  1.00 31.33 ? 432 MET A N   1 
ATOM   1257 C CA  . MET A 1 155 ? 9.464   1.248   12.102  1.00 31.85 ? 432 MET A CA  1 
ATOM   1258 C C   . MET A 1 155 ? 10.047  0.990   13.493  1.00 39.46 ? 432 MET A C   1 
ATOM   1259 O O   . MET A 1 155 ? 11.211  1.274   13.734  1.00 39.58 ? 432 MET A O   1 
ATOM   1260 C CB  . MET A 1 155 ? 8.797   2.609   12.086  1.00 29.70 ? 432 MET A CB  1 
ATOM   1261 C CG  . MET A 1 155 ? 8.177   2.941   10.746  1.00 30.36 ? 432 MET A CG  1 
ATOM   1262 S SD  . MET A 1 155 ? 9.402   3.203   9.474   1.00 30.38 ? 432 MET A SD  1 
ATOM   1263 C CE  . MET A 1 155 ? 10.221  4.737   9.952   1.00 30.30 ? 432 MET A CE  1 
ATOM   1264 N N   . GLU A 1 156 ? 9.213   0.493   14.396  1.00 41.73 ? 433 GLU A N   1 
ATOM   1265 C CA  . GLU A 1 156 ? 9.647   0.252   15.768  1.00 54.10 ? 433 GLU A CA  1 
ATOM   1266 C C   . GLU A 1 156 ? 10.705  -0.807  15.731  1.00 54.07 ? 433 GLU A C   1 
ATOM   1267 O O   . GLU A 1 156 ? 11.600  -0.810  16.534  1.00 53.32 ? 433 GLU A O   1 
ATOM   1268 C CB  . GLU A 1 156 ? 8.490   -0.184  16.632  1.00 53.71 ? 433 GLU A CB  1 
ATOM   1269 C CG  . GLU A 1 156 ? 7.578   0.981   16.973  1.00 60.01 ? 433 GLU A CG  1 
ATOM   1270 C CD  . GLU A 1 156 ? 6.367   0.493   17.712  1.00 66.18 ? 433 GLU A CD  1 
ATOM   1271 O OE1 . GLU A 1 156 ? 5.518   1.317   18.113  1.00 68.15 ? 433 GLU A OE1 1 
ATOM   1272 O OE2 . GLU A 1 156 ? 6.289   -0.742  17.897  1.00 77.45 ? 433 GLU A OE2 1 
ATOM   1273 N N   . LYS A 1 157 ? 10.612  -1.684  14.747  1.00 56.76 ? 434 LYS A N   1 
ATOM   1274 C CA  . LYS A 1 157 ? 11.637  -2.678  14.531  1.00 56.33 ? 434 LYS A CA  1 
ATOM   1275 C C   . LYS A 1 157 ? 12.745  -2.120  13.654  1.00 52.54 ? 434 LYS A C   1 
ATOM   1276 O O   . LYS A 1 157 ? 13.792  -1.760  14.162  1.00 50.94 ? 434 LYS A O   1 
ATOM   1277 C CB  . LYS A 1 157 ? 11.007  -3.920  13.896  1.00 49.63 ? 434 LYS A CB  1 
ATOM   1278 C CG  . LYS A 1 157 ? 11.926  -4.713  13.017  1.00 61.13 ? 434 LYS A CG  1 
ATOM   1279 C CD  . LYS A 1 157 ? 12.969  -5.517  13.826  1.00 62.55 ? 434 LYS A CD  1 
ATOM   1280 C CE  . LYS A 1 157 ? 13.728  -6.564  12.987  1.00 58.19 ? 434 LYS A CE  1 
ATOM   1281 N NZ  . LYS A 1 157 ? 15.016  -6.096  12.392  1.00 55.52 ? 434 LYS A NZ  1 
HETATM 1282 O O   . HOH B 2 .   ? 8.207   7.571   -5.556  1.00 30.54 ? 501 HOH A O   1 
HETATM 1283 O O   . HOH B 2 .   ? 14.278  0.490   14.131  1.00 54.36 ? 502 HOH A O   1 
HETATM 1284 O O   . HOH B 2 .   ? -1.661  -15.410 -17.919 1.00 56.03 ? 503 HOH A O   1 
HETATM 1285 O O   . HOH B 2 .   ? -5.395  -11.345 -2.641  1.00 49.67 ? 504 HOH A O   1 
HETATM 1286 O O   . HOH B 2 .   ? -5.331  13.546  -3.212  1.00 36.33 ? 505 HOH A O   1 
HETATM 1287 O O   . HOH B 2 .   ? -3.732  11.452  11.894  1.00 35.89 ? 506 HOH A O   1 
HETATM 1288 O O   . HOH B 2 .   ? 8.159   6.967   -8.089  1.00 31.54 ? 507 HOH A O   1 
HETATM 1289 O O   . HOH B 2 .   ? 15.052  -16.639 -2.302  1.00 34.40 ? 508 HOH A O   1 
HETATM 1290 O O   . HOH B 2 .   ? -11.549 6.060   0.119   1.00 45.67 ? 509 HOH A O   1 
HETATM 1291 O O   . HOH B 2 .   ? 23.019  -9.176  -4.318  1.00 39.57 ? 510 HOH A O   1 
HETATM 1292 O O   . HOH B 2 .   ? -23.816 11.305  1.125   1.00 54.35 ? 511 HOH A O   1 
HETATM 1293 O O   . HOH B 2 .   ? -11.564 10.533  -5.147  1.00 52.52 ? 512 HOH A O   1 
HETATM 1294 O O   . HOH B 2 .   ? -10.010 18.632  4.003   1.00 35.97 ? 513 HOH A O   1 
HETATM 1295 O O   . HOH B 2 .   ? -11.486 2.009   12.975  1.00 44.88 ? 514 HOH A O   1 
HETATM 1296 O O   . HOH B 2 .   ? -25.377 7.397   -3.505  1.00 48.75 ? 515 HOH A O   1 
HETATM 1297 O O   . HOH B 2 .   ? 23.131  2.072   -1.480  1.00 54.00 ? 516 HOH A O   1 
HETATM 1298 O O   . HOH B 2 .   ? -5.025  12.834  5.703   1.00 25.53 ? 517 HOH A O   1 
HETATM 1299 O O   . HOH B 2 .   ? -5.805  -0.735  2.963   1.00 30.05 ? 518 HOH A O   1 
HETATM 1300 O O   . HOH B 2 .   ? 20.165  -13.560 -2.494  1.00 44.57 ? 519 HOH A O   1 
HETATM 1301 O O   . HOH B 2 .   ? 7.307   -0.606  -12.675 1.00 32.73 ? 520 HOH A O   1 
HETATM 1302 O O   . HOH B 2 .   ? 7.837   -10.129 9.190   1.00 35.20 ? 521 HOH A O   1 
HETATM 1303 O O   . HOH B 2 .   ? 0.926   -11.176 -0.300  1.00 37.30 ? 522 HOH A O   1 
HETATM 1304 O O   . HOH B 2 .   ? 11.819  -2.346  -8.800  1.00 28.14 ? 523 HOH A O   1 
HETATM 1305 O O   . HOH B 2 .   ? 10.075  8.674   -0.057  1.00 35.74 ? 524 HOH A O   1 
HETATM 1306 O O   . HOH B 2 .   ? 12.423  -0.992  -6.662  1.00 23.83 ? 525 HOH A O   1 
HETATM 1307 O O   . HOH B 2 .   ? 6.193   4.991   15.197  1.00 40.29 ? 526 HOH A O   1 
HETATM 1308 O O   . HOH B 2 .   ? -0.961  7.630   -3.233  1.00 33.14 ? 527 HOH A O   1 
HETATM 1309 O O   . HOH B 2 .   ? 6.938   -1.983  -23.052 1.00 33.47 ? 528 HOH A O   1 
HETATM 1310 O O   . HOH B 2 .   ? 1.424   16.544  14.535  1.00 45.04 ? 529 HOH A O   1 
HETATM 1311 O O   . HOH B 2 .   ? -3.654  -11.402 -19.533 1.00 36.54 ? 530 HOH A O   1 
HETATM 1312 O O   . HOH B 2 .   ? 16.430  -1.674  16.593  1.00 48.84 ? 531 HOH A O   1 
HETATM 1313 O O   . HOH B 2 .   ? -3.420  1.192   -1.131  1.00 40.23 ? 532 HOH A O   1 
HETATM 1314 O O   . HOH B 2 .   ? -6.139  -10.473 -18.559 1.00 43.62 ? 533 HOH A O   1 
HETATM 1315 O O   . HOH B 2 .   ? 4.132   -14.952 -5.302  1.00 33.64 ? 534 HOH A O   1 
HETATM 1316 O O   . HOH B 2 .   ? -8.668  -0.079  2.931   1.00 31.12 ? 535 HOH A O   1 
HETATM 1317 O O   . HOH B 2 .   ? 11.466  6.271   -6.816  1.00 34.50 ? 536 HOH A O   1 
HETATM 1318 O O   . HOH B 2 .   ? 2.233   -10.223 4.182   1.00 36.09 ? 537 HOH A O   1 
HETATM 1319 O O   . HOH B 2 .   ? -10.342 15.571  -7.654  1.00 49.72 ? 538 HOH A O   1 
HETATM 1320 O O   . HOH B 2 .   ? 17.717  -12.840 5.744   1.00 35.68 ? 539 HOH A O   1 
HETATM 1321 O O   . HOH B 2 .   ? -31.570 9.464   5.472   1.00 29.30 ? 540 HOH A O   1 
HETATM 1322 O O   . HOH B 2 .   ? 14.470  2.366   5.802   1.00 45.13 ? 541 HOH A O   1 
HETATM 1323 O O   . HOH B 2 .   ? -8.991  -4.696  8.920   1.00 39.00 ? 542 HOH A O   1 
HETATM 1324 O O   . HOH B 2 .   ? -0.745  12.134  1.235   1.00 26.16 ? 543 HOH A O   1 
HETATM 1325 O O   . HOH B 2 .   ? 28.124  -5.216  -2.214  1.00 41.59 ? 544 HOH A O   1 
HETATM 1326 O O   . HOH B 2 .   ? 8.055   10.998  7.403   1.00 40.57 ? 545 HOH A O   1 
HETATM 1327 O O   . HOH B 2 .   ? -5.914  4.046   -2.333  1.00 32.88 ? 546 HOH A O   1 
HETATM 1328 O O   . HOH B 2 .   ? -0.759  -13.221 -21.094 1.00 44.64 ? 547 HOH A O   1 
HETATM 1329 O O   . HOH B 2 .   ? 18.883  -0.729  0.106   1.00 32.48 ? 548 HOH A O   1 
HETATM 1330 O O   . HOH B 2 .   ? -1.134  -8.362  1.389   1.00 42.73 ? 549 HOH A O   1 
HETATM 1331 O O   . HOH B 2 .   ? 6.402   10.670  12.781  1.00 35.98 ? 550 HOH A O   1 
HETATM 1332 O O   . HOH B 2 .   ? 15.382  -15.874 2.598   1.00 26.64 ? 551 HOH A O   1 
HETATM 1333 O O   . HOH B 2 .   ? 3.774   7.386   0.503   1.00 27.63 ? 552 HOH A O   1 
HETATM 1334 O O   . HOH B 2 .   ? 14.314  4.705   4.382   1.00 32.80 ? 553 HOH A O   1 
HETATM 1335 O O   . HOH B 2 .   ? -8.910  4.722   -2.605  1.00 43.80 ? 554 HOH A O   1 
HETATM 1336 O O   . HOH B 2 .   ? 9.794   8.497   8.528   1.00 34.07 ? 555 HOH A O   1 
HETATM 1337 O O   . HOH B 2 .   ? 14.218  -2.744  17.471  1.00 42.64 ? 556 HOH A O   1 
HETATM 1338 O O   . HOH B 2 .   ? 19.192  1.366   6.892   1.00 40.06 ? 557 HOH A O   1 
HETATM 1339 O O   . HOH B 2 .   ? -17.705 -2.663  8.442   1.00 45.25 ? 558 HOH A O   1 
HETATM 1340 O O   . HOH B 2 .   ? 0.692   8.108   7.974   1.00 25.60 ? 559 HOH A O   1 
HETATM 1341 O O   . HOH B 2 .   ? -9.212  11.181  -5.511  1.00 51.75 ? 560 HOH A O   1 
HETATM 1342 O O   . HOH B 2 .   ? -5.283  -9.270  -7.833  1.00 44.91 ? 561 HOH A O   1 
HETATM 1343 O O   . HOH B 2 .   ? 3.980   0.757   -19.415 1.00 59.82 ? 562 HOH A O   1 
HETATM 1344 O O   . HOH B 2 .   ? -27.847 0.560   2.678   1.00 43.82 ? 563 HOH A O   1 
HETATM 1345 O O   . HOH B 2 .   ? -25.429 2.967   -3.239  1.00 48.79 ? 564 HOH A O   1 
HETATM 1346 O O   . HOH B 2 .   ? -2.403  0.281   1.161   1.00 36.59 ? 565 HOH A O   1 
HETATM 1347 O O   . HOH B 2 .   ? -9.370  0.715   0.571   1.00 34.28 ? 566 HOH A O   1 
HETATM 1348 O O   . HOH B 2 .   ? 9.268   11.543  2.692   1.00 49.02 ? 567 HOH A O   1 
HETATM 1349 O O   . HOH B 2 .   ? -15.263 -2.389  2.339   1.00 39.48 ? 568 HOH A O   1 
HETATM 1350 O O   . HOH B 2 .   ? 5.922   11.651  4.366   1.00 50.33 ? 569 HOH A O   1 
HETATM 1351 O O   . HOH B 2 .   ? -2.648  9.520   13.841  1.00 41.82 ? 570 HOH A O   1 
HETATM 1352 O O   . HOH B 2 .   ? 4.652   -4.940  10.611  1.00 47.46 ? 571 HOH A O   1 
HETATM 1353 O O   . HOH B 2 .   ? 18.628  -1.873  7.574   1.00 45.83 ? 572 HOH A O   1 
HETATM 1354 O O   . HOH B 2 .   ? -0.515  -14.955 -5.774  1.00 40.25 ? 573 HOH A O   1 
HETATM 1355 O O   . HOH B 2 .   ? 14.351  -10.748 8.435   1.00 48.99 ? 574 HOH A O   1 
HETATM 1356 O O   . HOH B 2 .   ? 12.000  -2.026  7.111   1.00 39.62 ? 575 HOH A O   1 
HETATM 1357 O O   . HOH B 2 .   ? -2.549  3.874   13.018  1.00 45.64 ? 576 HOH A O   1 
HETATM 1358 O O   . HOH B 2 .   ? 2.187   -14.060 -6.883  1.00 52.50 ? 577 HOH A O   1 
HETATM 1359 O O   . HOH B 2 .   ? -1.493  3.554   -10.105 1.00 38.15 ? 578 HOH A O   1 
HETATM 1360 O O   . HOH B 2 .   ? 14.673  -1.226  5.377   1.00 35.80 ? 579 HOH A O   1 
HETATM 1361 O O   . HOH B 2 .   ? -4.730  -6.973  3.477   1.00 49.73 ? 580 HOH A O   1 
HETATM 1362 O O   . HOH B 2 .   ? -26.855 18.926  5.716   1.00 47.30 ? 581 HOH A O   1 
HETATM 1363 O O   . HOH B 2 .   ? -8.961  -4.837  -15.533 1.00 44.60 ? 582 HOH A O   1 
HETATM 1364 O O   . HOH B 2 .   ? 12.077  -7.806  6.890   1.00 45.64 ? 583 HOH A O   1 
HETATM 1365 O O   . HOH B 2 .   ? 1.943   -1.421  15.632  1.00 38.35 ? 584 HOH A O   1 
HETATM 1366 O O   . HOH B 2 .   ? 1.925   1.110   -17.467 1.00 45.31 ? 585 HOH A O   1 
HETATM 1367 O O   . HOH B 2 .   ? 2.868   10.166  6.288   1.00 33.51 ? 586 HOH A O   1 
HETATM 1368 O O   . HOH B 2 .   ? 0.599   3.434   14.537  1.00 37.65 ? 587 HOH A O   1 
HETATM 1369 O O   . HOH B 2 .   ? 19.071  -15.465 -0.798  1.00 47.82 ? 588 HOH A O   1 
HETATM 1370 O O   . HOH B 2 .   ? -31.018 9.627   8.105   1.00 46.09 ? 589 HOH A O   1 
HETATM 1371 O O   . HOH B 2 .   ? 3.031   6.954   7.202   1.00 30.94 ? 590 HOH A O   1 
HETATM 1372 O O   . HOH B 2 .   ? -15.126 5.904   0.504   1.00 58.85 ? 591 HOH A O   1 
HETATM 1373 O O   . HOH B 2 .   ? -35.146 4.605   8.378   1.00 44.92 ? 592 HOH A O   1 
HETATM 1374 O O   . HOH B 2 .   ? 5.322   -3.270  17.262  1.00 53.46 ? 593 HOH A O   1 
HETATM 1375 O O   . HOH B 2 .   ? 1.380   5.758   15.291  1.00 46.99 ? 594 HOH A O   1 
HETATM 1376 O O   . HOH B 2 .   ? 16.432  -16.888 -0.162  1.00 43.55 ? 595 HOH A O   1 
HETATM 1377 O O   . HOH B 2 .   ? -23.526 -0.238  8.692   1.00 38.16 ? 596 HOH A O   1 
HETATM 1378 O O   . HOH B 2 .   ? 15.911  6.264   3.472   1.00 50.52 ? 597 HOH A O   1 
HETATM 1379 O O   . HOH B 2 .   ? 19.951  -15.521 3.813   1.00 41.82 ? 598 HOH A O   1 
HETATM 1380 O O   . HOH B 2 .   ? -29.852 -0.909  5.178   1.00 50.32 ? 599 HOH A O   1 
HETATM 1381 O O   . HOH B 2 .   ? -11.451 -4.150  7.557   1.00 38.59 ? 600 HOH A O   1 
HETATM 1382 O O   . HOH B 2 .   ? 2.505   -9.498  -10.966 1.00 45.95 ? 601 HOH A O   1 
HETATM 1383 O O   . HOH B 2 .   ? 0.310   1.631   16.918  1.00 48.04 ? 602 HOH A O   1 
HETATM 1384 O O   . HOH B 2 .   ? -0.245  3.499   -12.575 1.00 39.66 ? 603 HOH A O   1 
HETATM 1385 O O   . HOH B 2 .   ? -15.223 -2.760  9.673   1.00 41.47 ? 604 HOH A O   1 
HETATM 1386 O O   . HOH B 2 .   ? -16.558 -4.704  2.889   1.00 38.92 ? 605 HOH A O   1 
HETATM 1387 O O   . HOH B 2 .   ? -17.252 -6.032  0.360   1.00 57.73 ? 606 HOH A O   1 
HETATM 1388 O O   . HOH B 2 .   ? 8.023   -16.033 -5.834  1.00 45.67 ? 607 HOH A O   1 
HETATM 1389 O O   . HOH B 2 .   ? -17.311 15.743  0.301   1.00 42.47 ? 608 HOH A O   1 
HETATM 1390 O O   . HOH B 2 .   ? -5.627  11.056  -2.783  1.00 34.84 ? 609 HOH A O   1 
HETATM 1391 O O   . HOH B 2 .   ? 7.552   -5.199  8.133   1.00 42.44 ? 610 HOH A O   1 
HETATM 1392 O O   . HOH B 2 .   ? -23.294 22.572  11.188  1.00 45.84 ? 611 HOH A O   1 
HETATM 1393 O O   . HOH B 2 .   ? 2.911   13.085  3.319   1.00 43.74 ? 612 HOH A O   1 
HETATM 1394 O O   . HOH B 2 .   ? -5.961  1.366   -2.545  1.00 34.21 ? 613 HOH A O   1 
HETATM 1395 O O   . HOH B 2 .   ? -5.267  4.688   -9.405  1.00 46.11 ? 614 HOH A O   1 
HETATM 1396 O O   . HOH B 2 .   ? 11.442  -3.256  10.225  1.00 49.83 ? 615 HOH A O   1 
HETATM 1397 O O   . HOH B 2 .   ? 18.833  -15.952 -3.380  1.00 54.98 ? 616 HOH A O   1 
# 
